data_6JKU
#
_entry.id   6JKU
#
_cell.length_a   89.162
_cell.length_b   139.549
_cell.length_c   166.556
_cell.angle_alpha   90.000
_cell.angle_beta   90.000
_cell.angle_gamma   90.000
#
_symmetry.space_group_name_H-M   'P 21 21 21'
#
loop_
_entity.id
_entity.type
_entity.pdbx_description
1 polymer 'N-acetylglucosamine-6-phosphate deacetylase'
2 non-polymer 'ZINC ION'
3 non-polymer 'PHOSPHATE ION'
4 non-polymer 1,2-ETHANEDIOL
5 non-polymer GLYCEROL
6 non-polymer 'SODIUM ION'
7 water water
#
_entity_poly.entity_id   1
_entity_poly.type   'polypeptide(L)'
_entity_poly.pdbx_seq_one_letter_code
;MHHHHHHITSLYKKAGFMYAFVNAVIYTAKDVLYGKALVVDGDKISAILPVEDVPENLQKIDLQGNNLTAGFIDLQLNGC
GGVMFNEDISVKTLEIMQETNLKSGTTSYLPTFITSPDEGMKDAVKVMREYLTQYKNQALGLHFEGPYLSVEKKGVHREE
YIRAISPEMKTFLCDNADVITKITLAAENPTAQYIPDFVEKGIIVSLGHSNATYDVAQQAIEKGASFATHLHNAMSPISS
GRAMGVVGAVLDSDIYTGIIVDGLHVDYGNIRLDKKVKGDKLCIVTDATAAAGADIDSFVFVGKTVYVRDGKCYDSNGTL
GGAAITMIESVKNAVQEVGIPLDETLRMCNYYPAKAIGVDHKLGSIEVGKIANLTAFTNDFNVLGTAVNGEWKAN
;
_entity_poly.pdbx_strand_id   A,B,C,D
#
# COMPACT_ATOMS: atom_id res chain seq x y z
N LEU A 11 -6.21 46.61 -17.45
CA LEU A 11 -6.93 47.89 -17.55
C LEU A 11 -8.46 47.70 -17.52
N TYR A 12 -9.12 48.58 -16.76
CA TYR A 12 -10.59 48.54 -16.56
C TYR A 12 -11.07 47.16 -16.09
N LYS A 13 -10.25 46.47 -15.28
CA LYS A 13 -10.59 45.14 -14.79
C LYS A 13 -10.99 44.21 -15.93
N LYS A 14 -10.22 44.24 -17.02
CA LYS A 14 -10.49 43.35 -18.15
C LYS A 14 -10.33 41.89 -17.73
N ALA A 15 -9.26 41.59 -16.99
CA ALA A 15 -9.07 40.25 -16.44
C ALA A 15 -10.03 39.98 -15.28
N GLY A 16 -10.63 41.02 -14.72
CA GLY A 16 -11.66 40.88 -13.71
C GLY A 16 -11.17 41.30 -12.34
N PHE A 17 -12.13 41.40 -11.42
CA PHE A 17 -11.81 41.48 -10.00
C PHE A 17 -11.31 40.12 -9.52
N MET A 18 -10.37 40.13 -8.60
CA MET A 18 -10.06 38.90 -7.88
C MET A 18 -11.30 38.43 -7.12
N TYR A 19 -11.50 37.12 -7.05
CA TYR A 19 -12.62 36.59 -6.30
C TYR A 19 -12.22 35.25 -5.67
N ALA A 20 -13.07 34.75 -4.79
CA ALA A 20 -12.75 33.54 -4.07
C ALA A 20 -13.96 32.62 -4.02
N PHE A 21 -13.71 31.33 -4.24
CA PHE A 21 -14.68 30.30 -3.89
C PHE A 21 -14.51 30.00 -2.41
N VAL A 22 -15.63 29.99 -1.67
CA VAL A 22 -15.62 29.68 -0.24
C VAL A 22 -16.68 28.61 0.02
N ASN A 23 -16.51 27.91 1.15
CA ASN A 23 -17.49 26.92 1.60
C ASN A 23 -17.60 25.78 0.58
N ALA A 24 -16.45 25.24 0.18
CA ALA A 24 -16.37 24.13 -0.74
C ALA A 24 -15.36 23.11 -0.23
N VAL A 25 -15.61 21.85 -0.59
CA VAL A 25 -14.61 20.79 -0.47
C VAL A 25 -13.79 20.82 -1.75
N ILE A 26 -12.49 21.01 -1.65
CA ILE A 26 -11.65 21.25 -2.82
C ILE A 26 -10.83 20.00 -3.12
N TYR A 27 -11.12 19.36 -4.25
CA TYR A 27 -10.37 18.19 -4.72
C TYR A 27 -9.26 18.68 -5.63
N THR A 28 -8.04 18.79 -5.10
CA THR A 28 -6.95 19.41 -5.86
C THR A 28 -6.26 18.48 -6.83
N ALA A 29 -6.47 17.17 -6.70
CA ALA A 29 -5.79 16.06 -7.39
C ALA A 29 -4.75 15.43 -6.46
N LYS A 30 -4.19 16.21 -5.54
CA LYS A 30 -3.25 15.66 -4.58
C LYS A 30 -3.79 15.62 -3.16
N ASP A 31 -4.87 16.34 -2.89
CA ASP A 31 -5.43 16.47 -1.55
C ASP A 31 -6.93 16.71 -1.67
N VAL A 32 -7.64 16.43 -0.59
CA VAL A 32 -9.03 16.86 -0.44
C VAL A 32 -9.04 17.88 0.70
N LEU A 33 -9.34 19.12 0.37
CA LEU A 33 -9.16 20.24 1.31
C LEU A 33 -10.49 20.62 1.93
N TYR A 34 -10.52 20.71 3.25
CA TYR A 34 -11.65 21.28 3.98
C TYR A 34 -11.23 22.60 4.64
N GLY A 35 -12.17 23.54 4.72
CA GLY A 35 -11.93 24.81 5.36
C GLY A 35 -11.07 25.77 4.57
N LYS A 36 -10.88 25.53 3.28
CA LYS A 36 -10.04 26.37 2.45
C LYS A 36 -10.89 27.17 1.46
N ALA A 37 -10.31 28.24 0.95
CA ALA A 37 -10.89 29.02 -0.14
C ALA A 37 -9.90 29.07 -1.29
N LEU A 38 -10.45 29.22 -2.50
CA LEU A 38 -9.66 29.24 -3.72
C LEU A 38 -9.81 30.62 -4.34
N VAL A 39 -8.71 31.36 -4.45
CA VAL A 39 -8.71 32.70 -5.01
C VAL A 39 -8.33 32.63 -6.48
N VAL A 40 -9.10 33.30 -7.33
CA VAL A 40 -8.83 33.40 -8.75
C VAL A 40 -8.37 34.83 -9.05
N ASP A 41 -7.33 34.95 -9.87
CA ASP A 41 -6.81 36.25 -10.30
C ASP A 41 -6.65 36.20 -11.81
N GLY A 42 -7.51 36.91 -12.54
CA GLY A 42 -7.48 36.79 -13.99
C GLY A 42 -7.83 35.37 -14.41
N ASP A 43 -6.96 34.74 -15.19
CA ASP A 43 -7.20 33.38 -15.66
C ASP A 43 -6.44 32.33 -14.85
N LYS A 44 -5.91 32.69 -13.69
CA LYS A 44 -5.06 31.80 -12.93
C LYS A 44 -5.58 31.57 -11.53
N ILE A 45 -5.27 30.38 -11.01
CA ILE A 45 -5.50 30.06 -9.61
C ILE A 45 -4.48 30.82 -8.77
N SER A 46 -4.95 31.75 -7.96
CA SER A 46 -4.11 32.72 -7.28
C SER A 46 -3.57 32.22 -5.94
N ALA A 47 -4.44 31.63 -5.14
CA ALA A 47 -4.09 31.27 -3.78
C ALA A 47 -5.07 30.22 -3.29
N ILE A 48 -4.59 29.38 -2.40
CA ILE A 48 -5.41 28.46 -1.61
C ILE A 48 -5.12 28.78 -0.17
N LEU A 49 -6.11 29.26 0.56
CA LEU A 49 -5.85 29.80 1.88
C LEU A 49 -6.99 29.44 2.81
N PRO A 50 -6.75 29.49 4.12
CA PRO A 50 -7.84 29.24 5.08
C PRO A 50 -9.02 30.16 4.81
N VAL A 51 -10.23 29.62 4.95
CA VAL A 51 -11.41 30.35 4.51
C VAL A 51 -11.56 31.66 5.28
N GLU A 52 -11.14 31.68 6.54
CA GLU A 52 -11.25 32.89 7.35
C GLU A 52 -10.16 33.90 7.07
N ASP A 53 -9.20 33.60 6.18
CA ASP A 53 -8.18 34.55 5.79
C ASP A 53 -8.48 35.24 4.46
N VAL A 54 -9.62 34.95 3.83
CA VAL A 54 -9.96 35.61 2.57
C VAL A 54 -10.17 37.10 2.83
N PRO A 55 -9.53 37.99 2.08
CA PRO A 55 -9.81 39.43 2.22
C PRO A 55 -11.31 39.71 2.17
N GLU A 56 -11.78 40.50 3.13
CA GLU A 56 -13.20 40.85 3.21
C GLU A 56 -13.70 41.57 1.97
N ASN A 57 -12.79 42.15 1.16
CA ASN A 57 -13.16 42.94 -0.01
C ASN A 57 -13.21 42.14 -1.30
N LEU A 58 -12.88 40.85 -1.27
CA LEU A 58 -13.03 40.00 -2.44
C LEU A 58 -14.49 39.58 -2.61
N GLN A 59 -14.93 39.56 -3.86
CA GLN A 59 -16.19 38.92 -4.19
C GLN A 59 -16.07 37.42 -3.90
N LYS A 60 -17.15 36.82 -3.39
CA LYS A 60 -17.13 35.43 -2.96
C LYS A 60 -18.24 34.64 -3.65
N ILE A 61 -17.90 33.43 -4.10
CA ILE A 61 -18.88 32.46 -4.57
C ILE A 61 -19.01 31.41 -3.46
N ASP A 62 -20.17 31.36 -2.83
CA ASP A 62 -20.42 30.44 -1.72
C ASP A 62 -20.96 29.15 -2.32
N LEU A 63 -20.18 28.08 -2.27
CA LEU A 63 -20.58 26.82 -2.90
C LEU A 63 -21.40 25.93 -1.97
N GLN A 64 -21.78 26.43 -0.79
CA GLN A 64 -22.79 25.79 0.04
C GLN A 64 -22.38 24.39 0.50
N GLY A 65 -21.08 24.13 0.66
CA GLY A 65 -20.63 22.84 1.12
C GLY A 65 -20.43 21.80 0.04
N ASN A 66 -20.57 22.19 -1.22
CA ASN A 66 -20.43 21.26 -2.33
C ASN A 66 -18.96 21.16 -2.74
N ASN A 67 -18.70 20.51 -3.86
CA ASN A 67 -17.36 20.12 -4.28
C ASN A 67 -16.82 21.01 -5.38
N LEU A 68 -15.50 21.22 -5.36
CA LEU A 68 -14.80 22.03 -6.36
C LEU A 68 -13.56 21.28 -6.82
N THR A 69 -13.39 21.15 -8.13
CA THR A 69 -12.27 20.40 -8.68
C THR A 69 -11.86 21.03 -10.02
N ALA A 70 -10.71 20.61 -10.55
CA ALA A 70 -10.28 21.11 -11.84
C ALA A 70 -11.25 20.64 -12.93
N GLY A 71 -11.51 21.50 -13.91
CA GLY A 71 -12.48 21.16 -14.94
C GLY A 71 -12.10 19.89 -15.67
N PHE A 72 -13.13 19.14 -16.11
CA PHE A 72 -12.88 17.87 -16.77
C PHE A 72 -12.34 18.11 -18.18
N ILE A 73 -11.53 17.16 -18.65
CA ILE A 73 -10.89 17.20 -19.96
C ILE A 73 -11.32 15.94 -20.69
N ASP A 74 -12.08 16.09 -21.78
CA ASP A 74 -12.66 14.97 -22.49
C ASP A 74 -11.84 14.70 -23.75
N LEU A 75 -11.09 13.60 -23.75
CA LEU A 75 -10.16 13.33 -24.83
C LEU A 75 -10.81 12.67 -26.05
N GLN A 76 -12.09 12.32 -25.99
CA GLN A 76 -12.74 11.76 -27.17
C GLN A 76 -14.20 12.19 -27.21
N LEU A 77 -14.53 13.06 -28.17
CA LEU A 77 -15.82 13.75 -28.20
C LEU A 77 -16.16 14.05 -29.66
N ASN A 78 -17.09 13.30 -30.23
CA ASN A 78 -17.47 13.47 -31.63
C ASN A 78 -18.51 14.56 -31.83
N GLY A 79 -19.38 14.76 -30.84
CA GLY A 79 -20.36 15.83 -30.87
C GLY A 79 -21.05 15.88 -29.54
N CYS A 80 -21.97 16.83 -29.42
CA CYS A 80 -22.86 16.97 -28.27
C CYS A 80 -23.77 18.15 -28.59
N GLY A 81 -24.78 18.35 -27.73
CA GLY A 81 -25.72 19.44 -27.93
C GLY A 81 -26.33 19.46 -29.31
N GLY A 82 -26.57 18.30 -29.91
CA GLY A 82 -27.27 18.20 -31.17
C GLY A 82 -26.43 18.36 -32.42
N VAL A 83 -25.14 18.64 -32.30
CA VAL A 83 -24.26 18.78 -33.46
C VAL A 83 -23.22 17.66 -33.44
N MET A 84 -22.68 17.37 -34.63
CA MET A 84 -21.57 16.45 -34.83
C MET A 84 -20.48 17.16 -35.61
N PHE A 85 -19.24 17.09 -35.12
CA PHE A 85 -18.15 17.80 -35.79
C PHE A 85 -17.94 17.29 -37.21
N ASN A 86 -18.06 15.98 -37.42
CA ASN A 86 -17.89 15.42 -38.76
C ASN A 86 -18.91 15.99 -39.74
N GLU A 87 -20.15 16.24 -39.29
CA GLU A 87 -21.22 16.67 -40.17
C GLU A 87 -21.27 18.17 -40.38
N ASP A 88 -20.49 18.94 -39.62
CA ASP A 88 -20.56 20.41 -39.68
C ASP A 88 -19.19 20.91 -39.17
N ILE A 89 -18.24 20.98 -40.09
CA ILE A 89 -16.84 21.25 -39.76
C ILE A 89 -16.68 22.77 -39.73
N SER A 90 -16.88 23.35 -38.55
CA SER A 90 -16.87 24.81 -38.43
C SER A 90 -16.50 25.21 -37.01
N VAL A 91 -16.02 26.46 -36.90
CA VAL A 91 -15.76 27.04 -35.59
C VAL A 91 -17.03 27.09 -34.76
N LYS A 92 -18.18 27.32 -35.40
CA LYS A 92 -19.45 27.39 -34.66
C LYS A 92 -19.76 26.06 -33.97
N THR A 93 -19.53 24.94 -34.65
CA THR A 93 -19.74 23.65 -34.03
C THR A 93 -18.87 23.50 -32.78
N LEU A 94 -17.59 23.88 -32.88
CA LEU A 94 -16.70 23.77 -31.73
C LEU A 94 -17.19 24.63 -30.58
N GLU A 95 -17.66 25.85 -30.88
CA GLU A 95 -18.19 26.74 -29.85
C GLU A 95 -19.42 26.12 -29.18
N ILE A 96 -20.30 25.50 -29.98
CA ILE A 96 -21.49 24.86 -29.44
C ILE A 96 -21.11 23.70 -28.53
N MET A 97 -20.16 22.88 -28.97
CA MET A 97 -19.73 21.74 -28.15
C MET A 97 -19.11 22.21 -26.85
N GLN A 98 -18.27 23.24 -26.91
CA GLN A 98 -17.70 23.81 -25.69
C GLN A 98 -18.79 24.28 -24.73
N GLU A 99 -19.76 25.06 -25.23
CA GLU A 99 -20.80 25.58 -24.33
C GLU A 99 -21.64 24.45 -23.75
N THR A 100 -21.92 23.42 -24.56
CA THR A 100 -22.68 22.27 -24.09
C THR A 100 -21.92 21.51 -23.02
N ASN A 101 -20.61 21.36 -23.21
CA ASN A 101 -19.76 20.62 -22.26
C ASN A 101 -19.80 21.25 -20.87
N LEU A 102 -19.87 22.58 -20.80
CA LEU A 102 -19.86 23.25 -19.50
C LEU A 102 -20.99 22.77 -18.61
N LYS A 103 -22.15 22.47 -19.20
CA LYS A 103 -23.29 22.00 -18.45
C LYS A 103 -22.99 20.67 -17.73
N SER A 104 -21.97 19.94 -18.16
CA SER A 104 -21.62 18.68 -17.51
C SER A 104 -20.22 18.71 -16.91
N GLY A 105 -19.64 19.90 -16.75
CA GLY A 105 -18.40 20.09 -16.01
C GLY A 105 -17.14 19.97 -16.82
N THR A 106 -17.22 19.90 -18.13
CA THR A 106 -16.07 19.65 -18.99
C THR A 106 -15.61 20.97 -19.58
N THR A 107 -14.42 21.42 -19.17
CA THR A 107 -13.89 22.71 -19.59
C THR A 107 -12.93 22.63 -20.77
N SER A 108 -12.36 21.45 -21.08
CA SER A 108 -11.56 21.29 -22.27
C SER A 108 -11.90 19.96 -22.92
N TYR A 109 -11.65 19.87 -24.23
CA TYR A 109 -11.92 18.63 -24.96
C TYR A 109 -11.10 18.61 -26.25
N LEU A 110 -11.04 17.43 -26.86
CA LEU A 110 -10.48 17.24 -28.20
C LEU A 110 -11.61 16.98 -29.18
N PRO A 111 -11.91 17.90 -30.10
CA PRO A 111 -12.86 17.60 -31.17
C PRO A 111 -12.40 16.38 -31.91
N THR A 112 -13.25 15.36 -31.93
CA THR A 112 -12.87 14.10 -32.53
C THR A 112 -13.51 13.99 -33.91
N PHE A 113 -12.68 13.75 -34.91
CA PHE A 113 -13.05 13.75 -36.32
C PHE A 113 -12.69 12.36 -36.86
N ILE A 114 -13.70 11.59 -37.25
CA ILE A 114 -13.50 10.19 -37.54
C ILE A 114 -13.31 9.96 -39.03
N THR A 115 -12.85 8.75 -39.37
CA THR A 115 -12.70 8.16 -40.69
C THR A 115 -13.60 8.76 -41.77
N SER A 116 -12.99 9.51 -42.69
CA SER A 116 -13.69 10.18 -43.79
C SER A 116 -12.65 10.64 -44.81
N PRO A 117 -13.04 11.24 -45.94
CA PRO A 117 -12.05 11.57 -46.97
C PRO A 117 -11.03 12.62 -46.54
N ASP A 118 -9.92 12.65 -47.29
CA ASP A 118 -8.85 13.61 -47.02
C ASP A 118 -9.38 15.04 -46.96
N GLU A 119 -10.33 15.39 -47.84
CA GLU A 119 -10.77 16.78 -47.94
C GLU A 119 -11.31 17.31 -46.61
N GLY A 120 -12.19 16.53 -45.97
CA GLY A 120 -12.73 16.95 -44.69
C GLY A 120 -11.68 17.04 -43.59
N MET A 121 -10.68 16.16 -43.63
CA MET A 121 -9.60 16.24 -42.66
C MET A 121 -8.85 17.56 -42.77
N LYS A 122 -8.59 18.01 -44.00
CA LYS A 122 -7.91 19.30 -44.15
C LYS A 122 -8.83 20.45 -43.77
N ASP A 123 -10.12 20.35 -44.05
CA ASP A 123 -11.08 21.32 -43.52
C ASP A 123 -11.03 21.37 -41.99
N ALA A 124 -11.01 20.19 -41.35
CA ALA A 124 -10.95 20.14 -39.89
C ALA A 124 -9.71 20.87 -39.36
N VAL A 125 -8.57 20.67 -40.00
CA VAL A 125 -7.34 21.34 -39.60
C VAL A 125 -7.49 22.85 -39.70
N LYS A 126 -8.12 23.34 -40.77
CA LYS A 126 -8.32 24.79 -40.93
C LYS A 126 -9.24 25.33 -39.84
N VAL A 127 -10.34 24.63 -39.58
CA VAL A 127 -11.30 25.06 -38.56
C VAL A 127 -10.65 25.07 -37.19
N MET A 128 -9.84 24.04 -36.88
CA MET A 128 -9.17 23.99 -35.58
CA MET A 128 -9.18 23.99 -35.58
C MET A 128 -8.23 25.18 -35.40
N ARG A 129 -7.41 25.45 -36.42
CA ARG A 129 -6.48 26.57 -36.31
C ARG A 129 -7.23 27.89 -36.19
N GLU A 130 -8.34 28.04 -36.93
CA GLU A 130 -9.12 29.26 -36.79
CA GLU A 130 -9.15 29.26 -36.80
C GLU A 130 -9.67 29.40 -35.38
N TYR A 131 -10.28 28.32 -34.85
CA TYR A 131 -10.79 28.34 -33.48
C TYR A 131 -9.69 28.70 -32.49
N LEU A 132 -8.47 28.20 -32.70
CA LEU A 132 -7.41 28.44 -31.75
C LEU A 132 -6.83 29.86 -31.80
N THR A 133 -7.14 30.64 -32.84
CA THR A 133 -6.82 32.06 -32.78
C THR A 133 -7.73 32.81 -31.83
N GLN A 134 -8.92 32.27 -31.54
CA GLN A 134 -9.90 32.96 -30.71
C GLN A 134 -10.04 32.42 -29.29
N TYR A 135 -9.73 31.14 -29.05
CA TYR A 135 -10.07 30.50 -27.79
C TYR A 135 -8.87 29.69 -27.29
N LYS A 136 -8.52 29.86 -26.02
CA LYS A 136 -7.46 29.06 -25.42
C LYS A 136 -8.03 28.20 -24.29
N ASN A 137 -7.40 27.04 -24.09
CA ASN A 137 -7.68 26.13 -22.97
C ASN A 137 -9.10 25.57 -23.02
N GLN A 138 -9.68 25.49 -24.22
CA GLN A 138 -11.04 24.99 -24.35
C GLN A 138 -11.04 23.78 -25.26
N ALA A 139 -11.49 23.89 -26.51
CA ALA A 139 -11.15 22.83 -27.46
C ALA A 139 -9.66 22.94 -27.77
N LEU A 140 -8.90 21.90 -27.43
CA LEU A 140 -7.45 22.05 -27.38
C LEU A 140 -6.75 21.71 -28.70
N GLY A 141 -7.31 20.80 -29.47
CA GLY A 141 -6.66 20.29 -30.66
C GLY A 141 -7.44 19.13 -31.20
N LEU A 142 -7.14 18.77 -32.44
CA LEU A 142 -7.91 17.73 -33.08
C LEU A 142 -7.54 16.34 -32.54
N HIS A 143 -8.52 15.47 -32.49
CA HIS A 143 -8.29 14.04 -32.34
C HIS A 143 -8.83 13.40 -33.60
N PHE A 144 -7.93 13.00 -34.50
CA PHE A 144 -8.29 12.24 -35.69
C PHE A 144 -8.43 10.77 -35.28
N GLU A 145 -9.66 10.28 -35.16
CA GLU A 145 -9.92 8.86 -34.89
C GLU A 145 -10.13 8.15 -36.22
N GLY A 146 -9.07 7.55 -36.74
CA GLY A 146 -9.05 7.05 -38.09
C GLY A 146 -8.41 8.09 -38.98
N PRO A 147 -8.33 7.82 -40.29
CA PRO A 147 -8.91 6.66 -40.97
C PRO A 147 -7.97 5.45 -41.06
N TYR A 148 -6.80 5.52 -40.41
CA TYR A 148 -5.76 4.51 -40.59
C TYR A 148 -5.95 3.37 -39.59
N LEU A 149 -7.07 2.68 -39.77
CA LEU A 149 -7.56 1.68 -38.84
C LEU A 149 -7.48 0.29 -39.44
N SER A 150 -8.33 -0.62 -38.96
CA SER A 150 -8.47 -1.95 -39.52
C SER A 150 -9.94 -2.18 -39.82
N VAL A 151 -10.25 -2.72 -41.00
CA VAL A 151 -11.66 -2.95 -41.31
C VAL A 151 -12.24 -4.06 -40.46
N GLU A 152 -11.41 -4.97 -39.92
CA GLU A 152 -11.91 -6.02 -39.04
C GLU A 152 -12.45 -5.48 -37.71
N LYS A 153 -12.08 -4.28 -37.33
CA LYS A 153 -12.56 -3.64 -36.12
C LYS A 153 -13.10 -2.25 -36.43
N LYS A 154 -13.87 -2.15 -37.52
CA LYS A 154 -14.29 -0.83 -38.00
C LYS A 154 -15.35 -0.20 -37.12
N GLY A 155 -16.13 -1.01 -36.41
CA GLY A 155 -17.24 -0.44 -35.65
C GLY A 155 -18.21 0.25 -36.59
N VAL A 156 -18.52 1.52 -36.29
CA VAL A 156 -19.42 2.30 -37.13
C VAL A 156 -18.66 3.06 -38.22
N HIS A 157 -17.34 2.89 -38.31
CA HIS A 157 -16.55 3.57 -39.33
C HIS A 157 -16.75 2.90 -40.69
N ARG A 158 -16.71 3.72 -41.75
CA ARG A 158 -17.00 3.25 -43.09
C ARG A 158 -15.81 2.50 -43.66
N GLU A 159 -16.03 1.23 -44.02
CA GLU A 159 -14.97 0.39 -44.56
C GLU A 159 -14.27 1.05 -45.74
N GLU A 160 -15.04 1.68 -46.63
CA GLU A 160 -14.48 2.25 -47.85
C GLU A 160 -13.52 3.39 -47.58
N TYR A 161 -13.55 4.00 -46.38
CA TYR A 161 -12.62 5.08 -46.07
C TYR A 161 -11.44 4.63 -45.23
N ILE A 162 -11.47 3.44 -44.63
CA ILE A 162 -10.34 2.95 -43.86
C ILE A 162 -9.21 2.61 -44.81
N ARG A 163 -8.01 3.12 -44.53
CA ARG A 163 -6.95 3.11 -45.53
C ARG A 163 -5.60 3.24 -44.81
N ALA A 164 -4.53 3.18 -45.60
CA ALA A 164 -3.17 3.44 -45.15
C ALA A 164 -2.72 4.80 -45.66
N ILE A 165 -1.83 5.43 -44.94
CA ILE A 165 -1.51 6.83 -45.21
C ILE A 165 -0.56 6.95 -46.39
N SER A 166 -0.81 7.96 -47.23
CA SER A 166 0.11 8.29 -48.31
C SER A 166 1.26 9.14 -47.79
N PRO A 167 2.36 9.24 -48.53
CA PRO A 167 3.45 10.13 -48.08
C PRO A 167 3.04 11.60 -48.02
N GLU A 168 2.13 12.03 -48.91
CA GLU A 168 1.69 13.41 -48.89
C GLU A 168 0.79 13.70 -47.69
N MET A 169 -0.12 12.79 -47.36
CA MET A 169 -0.97 12.99 -46.19
C MET A 169 -0.15 12.90 -44.90
N LYS A 170 0.90 12.07 -44.88
CA LYS A 170 1.78 12.02 -43.73
C LYS A 170 2.49 13.35 -43.53
N THR A 171 2.98 13.93 -44.62
CA THR A 171 3.58 15.26 -44.53
C THR A 171 2.55 16.29 -44.07
N PHE A 172 1.33 16.23 -44.61
CA PHE A 172 0.31 17.20 -44.23
C PHE A 172 0.06 17.17 -42.72
N LEU A 173 -0.19 15.97 -42.16
CA LEU A 173 -0.46 15.88 -40.72
C LEU A 173 0.74 16.29 -39.89
N CYS A 174 1.95 15.91 -40.31
CA CYS A 174 3.13 16.35 -39.56
C CYS A 174 3.32 17.85 -39.64
N ASP A 175 3.04 18.43 -40.82
CA ASP A 175 3.14 19.88 -41.01
C ASP A 175 2.16 20.63 -40.12
N ASN A 176 1.05 20.00 -39.75
CA ASN A 176 0.01 20.66 -38.99
C ASN A 176 -0.12 20.11 -37.57
N ALA A 177 0.99 19.61 -37.01
CA ALA A 177 0.96 19.03 -35.68
C ALA A 177 0.57 20.04 -34.61
N ASP A 178 0.73 21.35 -34.86
CA ASP A 178 0.44 22.32 -33.82
C ASP A 178 -1.06 22.43 -33.54
N VAL A 179 -1.91 21.86 -34.37
CA VAL A 179 -3.35 21.84 -34.13
C VAL A 179 -3.90 20.42 -34.03
N ILE A 180 -3.04 19.41 -34.04
CA ILE A 180 -3.45 18.00 -33.92
C ILE A 180 -2.93 17.48 -32.59
N THR A 181 -3.84 17.17 -31.67
CA THR A 181 -3.38 16.63 -30.39
C THR A 181 -3.12 15.14 -30.47
N LYS A 182 -3.97 14.40 -31.17
CA LYS A 182 -3.95 12.94 -31.10
C LYS A 182 -4.44 12.34 -32.42
N ILE A 183 -3.79 11.25 -32.83
CA ILE A 183 -4.24 10.39 -33.93
C ILE A 183 -4.45 9.00 -33.38
N THR A 184 -5.66 8.45 -33.54
CA THR A 184 -5.88 7.02 -33.26
C THR A 184 -5.68 6.21 -34.53
N LEU A 185 -4.83 5.18 -34.46
CA LEU A 185 -4.55 4.34 -35.61
C LEU A 185 -4.42 2.89 -35.17
N ALA A 186 -4.46 1.97 -36.14
CA ALA A 186 -4.34 0.54 -35.85
C ALA A 186 -2.86 0.14 -35.87
N ALA A 187 -2.48 -0.72 -34.91
CA ALA A 187 -1.07 -1.08 -34.79
C ALA A 187 -0.59 -1.89 -36.01
N GLU A 188 -1.48 -2.61 -36.69
CA GLU A 188 -1.10 -3.41 -37.86
C GLU A 188 -1.30 -2.65 -39.18
N ASN A 189 -1.88 -1.45 -39.14
CA ASN A 189 -1.96 -0.64 -40.34
C ASN A 189 -0.56 -0.20 -40.78
N PRO A 190 -0.26 -0.21 -42.08
CA PRO A 190 1.07 0.28 -42.54
C PRO A 190 1.43 1.67 -42.02
N THR A 191 0.44 2.50 -41.71
CA THR A 191 0.69 3.83 -41.16
C THR A 191 1.48 3.79 -39.86
N ALA A 192 1.45 2.67 -39.14
CA ALA A 192 2.20 2.58 -37.89
C ALA A 192 3.70 2.76 -38.12
N GLN A 193 4.19 2.62 -39.35
CA GLN A 193 5.61 2.89 -39.62
C GLN A 193 5.97 4.34 -39.29
N TYR A 194 5.00 5.25 -39.36
CA TYR A 194 5.26 6.66 -39.13
C TYR A 194 5.03 7.07 -37.69
N ILE A 195 4.78 6.13 -36.79
CA ILE A 195 4.55 6.48 -35.39
C ILE A 195 5.69 7.32 -34.82
N PRO A 196 6.97 6.97 -35.01
CA PRO A 196 8.02 7.85 -34.47
C PRO A 196 7.99 9.25 -35.08
N ASP A 197 7.62 9.39 -36.34
CA ASP A 197 7.53 10.70 -36.96
C ASP A 197 6.45 11.55 -36.31
N PHE A 198 5.27 10.97 -36.11
CA PHE A 198 4.19 11.70 -35.47
C PHE A 198 4.58 12.15 -34.07
N VAL A 199 5.15 11.23 -33.29
CA VAL A 199 5.51 11.54 -31.91
C VAL A 199 6.55 12.64 -31.87
N GLU A 200 7.53 12.60 -32.78
CA GLU A 200 8.55 13.63 -32.84
C GLU A 200 7.96 15.01 -33.07
N LYS A 201 6.88 15.09 -33.85
CA LYS A 201 6.21 16.36 -34.12
C LYS A 201 5.28 16.80 -33.01
N GLY A 202 5.16 16.01 -31.95
CA GLY A 202 4.30 16.38 -30.84
C GLY A 202 2.88 15.86 -30.91
N ILE A 203 2.60 14.87 -31.75
CA ILE A 203 1.28 14.28 -31.87
C ILE A 203 1.23 13.04 -30.98
N ILE A 204 0.22 12.96 -30.12
CA ILE A 204 -0.01 11.74 -29.35
C ILE A 204 -0.55 10.66 -30.28
N VAL A 205 0.09 9.49 -30.28
CA VAL A 205 -0.37 8.37 -31.07
C VAL A 205 -1.11 7.40 -30.17
N SER A 206 -2.34 7.05 -30.55
CA SER A 206 -3.15 6.16 -29.73
C SER A 206 -3.58 4.96 -30.56
N LEU A 207 -3.63 3.79 -29.92
CA LEU A 207 -4.06 2.56 -30.57
C LEU A 207 -5.56 2.40 -30.46
N GLY A 208 -6.21 2.10 -31.58
CA GLY A 208 -7.63 1.82 -31.55
C GLY A 208 -8.09 1.24 -32.87
N HIS A 209 -9.29 0.65 -32.85
CA HIS A 209 -9.88 0.03 -34.04
C HIS A 209 -8.88 -0.90 -34.72
N SER A 210 -8.31 -1.80 -33.91
CA SER A 210 -7.14 -2.58 -34.27
C SER A 210 -7.37 -4.03 -33.89
N ASN A 211 -7.09 -4.93 -34.83
CA ASN A 211 -7.19 -6.37 -34.58
C ASN A 211 -5.81 -7.01 -34.42
N ALA A 212 -4.79 -6.22 -34.11
CA ALA A 212 -3.42 -6.71 -34.03
C ALA A 212 -3.26 -7.75 -32.92
N THR A 213 -2.25 -8.60 -33.08
CA THR A 213 -1.87 -9.45 -31.96
C THR A 213 -1.21 -8.63 -30.86
N TYR A 214 -1.02 -9.29 -29.72
CA TYR A 214 -0.32 -8.69 -28.61
C TYR A 214 1.04 -8.16 -29.03
N ASP A 215 1.82 -8.98 -29.75
CA ASP A 215 3.17 -8.58 -30.14
C ASP A 215 3.14 -7.36 -31.06
N VAL A 216 2.23 -7.34 -32.04
CA VAL A 216 2.20 -6.21 -32.96
C VAL A 216 1.76 -4.94 -32.25
N ALA A 217 0.85 -5.06 -31.27
CA ALA A 217 0.47 -3.89 -30.51
C ALA A 217 1.63 -3.39 -29.66
N GLN A 218 2.39 -4.30 -29.04
CA GLN A 218 3.53 -3.87 -28.25
C GLN A 218 4.62 -3.22 -29.10
N GLN A 219 4.78 -3.66 -30.35
CA GLN A 219 5.73 -3.01 -31.26
C GLN A 219 5.33 -1.55 -31.50
N ALA A 220 4.02 -1.29 -31.66
CA ALA A 220 3.58 0.09 -31.87
C ALA A 220 3.77 0.91 -30.61
N ILE A 221 3.56 0.31 -29.43
CA ILE A 221 3.87 0.98 -28.17
C ILE A 221 5.35 1.29 -28.09
N GLU A 222 6.20 0.34 -28.51
CA GLU A 222 7.65 0.56 -28.47
C GLU A 222 8.05 1.71 -29.38
N LYS A 223 7.40 1.84 -30.54
CA LYS A 223 7.68 2.94 -31.44
C LYS A 223 7.22 4.28 -30.88
N GLY A 224 6.37 4.28 -29.85
CA GLY A 224 5.97 5.54 -29.25
C GLY A 224 4.49 5.76 -29.06
N ALA A 225 3.62 4.81 -29.42
CA ALA A 225 2.21 4.96 -29.08
C ALA A 225 2.08 5.00 -27.56
N SER A 226 1.28 5.94 -27.06
CA SER A 226 1.24 6.21 -25.62
C SER A 226 -0.19 6.32 -25.11
N PHE A 227 -1.17 5.92 -25.90
CA PHE A 227 -2.56 5.99 -25.49
C PHE A 227 -3.31 4.87 -26.19
N ALA A 228 -4.46 4.49 -25.63
CA ALA A 228 -5.31 3.48 -26.24
C ALA A 228 -6.73 4.01 -26.20
N THR A 229 -7.42 3.92 -27.34
CA THR A 229 -8.72 4.57 -27.53
C THR A 229 -9.85 3.62 -27.17
N HIS A 230 -10.76 4.11 -26.31
CA HIS A 230 -11.86 3.38 -25.67
C HIS A 230 -11.59 1.88 -25.56
N LEU A 231 -10.82 1.53 -24.53
CA LEU A 231 -10.44 0.16 -24.20
C LEU A 231 -11.61 -0.81 -24.30
N HIS A 232 -11.36 -1.98 -24.93
CA HIS A 232 -12.27 -3.10 -25.19
C HIS A 232 -13.08 -2.90 -26.47
N ASN A 233 -13.44 -1.67 -26.81
CA ASN A 233 -14.29 -1.40 -27.97
C ASN A 233 -13.45 -1.31 -29.23
N ALA A 234 -13.80 -2.13 -30.22
CA ALA A 234 -13.07 -2.21 -31.50
C ALA A 234 -11.61 -2.56 -31.27
N MET A 235 -11.37 -3.60 -30.49
CA MET A 235 -10.03 -4.09 -30.16
C MET A 235 -10.03 -5.60 -30.14
N SER A 236 -8.97 -6.22 -30.65
CA SER A 236 -8.78 -7.63 -30.40
C SER A 236 -8.68 -7.84 -28.90
N PRO A 237 -9.44 -8.77 -28.33
CA PRO A 237 -9.47 -8.92 -26.87
C PRO A 237 -8.45 -9.93 -26.37
N ILE A 238 -8.43 -10.17 -25.04
CA ILE A 238 -7.73 -11.34 -24.52
C ILE A 238 -8.63 -12.54 -24.78
N SER A 239 -8.40 -13.23 -25.90
CA SER A 239 -9.32 -14.28 -26.31
C SER A 239 -8.96 -15.66 -25.78
N SER A 240 -7.75 -15.85 -25.25
CA SER A 240 -7.34 -17.12 -24.65
C SER A 240 -6.16 -16.84 -23.73
N GLY A 241 -5.71 -17.89 -23.05
CA GLY A 241 -4.48 -17.78 -22.27
C GLY A 241 -3.27 -17.40 -23.11
N ARG A 242 -3.32 -17.70 -24.40
CA ARG A 242 -2.17 -17.50 -25.29
C ARG A 242 -2.40 -16.42 -26.34
N ALA A 243 -3.56 -15.77 -26.37
CA ALA A 243 -3.86 -14.73 -27.36
C ALA A 243 -4.37 -13.52 -26.60
N MET A 244 -3.50 -12.55 -26.36
CA MET A 244 -3.84 -11.41 -25.52
C MET A 244 -4.31 -10.19 -26.30
N GLY A 245 -4.05 -10.12 -27.62
CA GLY A 245 -4.60 -9.03 -28.44
C GLY A 245 -4.15 -7.62 -28.02
N VAL A 246 -4.83 -6.63 -28.60
CA VAL A 246 -4.58 -5.23 -28.26
C VAL A 246 -4.95 -4.95 -26.81
N VAL A 247 -6.06 -5.53 -26.35
CA VAL A 247 -6.48 -5.29 -24.97
C VAL A 247 -5.38 -5.72 -24.00
N GLY A 248 -4.89 -6.97 -24.15
CA GLY A 248 -3.82 -7.45 -23.27
C GLY A 248 -2.55 -6.62 -23.39
N ALA A 249 -2.21 -6.20 -24.61
CA ALA A 249 -1.03 -5.35 -24.78
C ALA A 249 -1.18 -4.04 -24.03
N VAL A 250 -2.37 -3.44 -24.06
CA VAL A 250 -2.57 -2.17 -23.39
C VAL A 250 -2.54 -2.36 -21.89
N LEU A 251 -3.20 -3.41 -21.40
CA LEU A 251 -3.22 -3.67 -19.95
C LEU A 251 -1.82 -4.00 -19.44
N ASP A 252 -1.09 -4.83 -20.17
CA ASP A 252 0.30 -5.22 -19.84
C ASP A 252 1.32 -4.19 -20.33
N SER A 253 1.05 -2.90 -20.14
CA SER A 253 1.98 -1.83 -20.48
C SER A 253 1.73 -0.69 -19.52
N ASP A 254 2.55 0.35 -19.60
CA ASP A 254 2.36 1.52 -18.75
C ASP A 254 1.66 2.68 -19.45
N ILE A 255 1.04 2.47 -20.62
CA ILE A 255 0.48 3.60 -21.36
C ILE A 255 -0.86 4.02 -20.77
N TYR A 256 -1.21 5.30 -20.95
CA TYR A 256 -2.54 5.79 -20.60
C TYR A 256 -3.59 5.15 -21.50
N THR A 257 -4.80 4.99 -20.97
CA THR A 257 -5.86 4.42 -21.80
C THR A 257 -7.20 5.03 -21.43
N GLY A 258 -8.05 5.22 -22.43
CA GLY A 258 -9.36 5.80 -22.23
C GLY A 258 -10.39 4.70 -22.18
N ILE A 259 -11.44 4.92 -21.38
CA ILE A 259 -12.51 3.95 -21.22
C ILE A 259 -13.82 4.72 -21.07
N ILE A 260 -14.89 4.14 -21.62
CA ILE A 260 -16.23 4.73 -21.56
C ILE A 260 -16.97 4.09 -20.39
N VAL A 261 -17.60 4.92 -19.56
CA VAL A 261 -18.24 4.48 -18.33
C VAL A 261 -19.74 4.78 -18.39
N ASP A 262 -20.38 4.37 -19.48
CA ASP A 262 -21.84 4.48 -19.60
C ASP A 262 -22.56 3.20 -19.22
N GLY A 263 -21.84 2.15 -18.83
CA GLY A 263 -22.47 0.89 -18.54
C GLY A 263 -22.96 0.13 -19.75
N LEU A 264 -22.81 0.68 -20.95
CA LEU A 264 -23.27 0.09 -22.20
C LEU A 264 -22.12 -0.33 -23.12
N HIS A 265 -21.10 0.51 -23.23
CA HIS A 265 -19.91 0.14 -24.00
C HIS A 265 -19.09 -0.93 -23.28
N VAL A 266 -19.00 -0.86 -21.96
CA VAL A 266 -18.14 -1.76 -21.18
C VAL A 266 -18.88 -2.12 -19.90
N ASP A 267 -19.01 -3.43 -19.62
CA ASP A 267 -19.55 -3.88 -18.33
C ASP A 267 -18.78 -3.23 -17.18
N TYR A 268 -19.51 -2.81 -16.14
CA TYR A 268 -18.83 -2.19 -15.00
C TYR A 268 -17.82 -3.16 -14.37
N GLY A 269 -18.08 -4.45 -14.45
CA GLY A 269 -17.09 -5.42 -13.97
C GLY A 269 -15.77 -5.32 -14.72
N ASN A 270 -15.82 -5.10 -16.02
CA ASN A 270 -14.59 -4.94 -16.79
C ASN A 270 -13.84 -3.69 -16.35
N ILE A 271 -14.56 -2.61 -16.08
CA ILE A 271 -13.90 -1.38 -15.63
C ILE A 271 -13.26 -1.61 -14.27
N ARG A 272 -13.91 -2.39 -13.40
CA ARG A 272 -13.30 -2.71 -12.11
C ARG A 272 -11.96 -3.41 -12.31
N LEU A 273 -11.93 -4.42 -13.20
CA LEU A 273 -10.68 -5.12 -13.49
C LEU A 273 -9.66 -4.17 -14.08
N ASP A 274 -10.06 -3.39 -15.08
CA ASP A 274 -9.13 -2.50 -15.76
C ASP A 274 -8.54 -1.46 -14.82
N LYS A 275 -9.33 -0.99 -13.83
CA LYS A 275 -8.82 0.00 -12.88
C LYS A 275 -7.81 -0.62 -11.93
N LYS A 276 -8.04 -1.88 -11.52
CA LYS A 276 -7.06 -2.55 -10.67
C LYS A 276 -5.73 -2.74 -11.39
N VAL A 277 -5.79 -3.04 -12.70
CA VAL A 277 -4.55 -3.19 -13.45
C VAL A 277 -3.89 -1.84 -13.70
N LYS A 278 -4.68 -0.87 -14.18
CA LYS A 278 -4.11 0.32 -14.79
C LYS A 278 -3.88 1.44 -13.79
N GLY A 279 -4.65 1.45 -12.70
CA GLY A 279 -4.39 2.43 -11.65
C GLY A 279 -4.48 3.86 -12.18
N ASP A 280 -3.40 4.62 -12.02
CA ASP A 280 -3.44 6.02 -12.40
C ASP A 280 -3.17 6.25 -13.89
N LYS A 281 -3.29 5.21 -14.71
CA LYS A 281 -3.19 5.34 -16.16
C LYS A 281 -4.54 5.20 -16.87
N LEU A 282 -5.63 4.99 -16.13
CA LEU A 282 -6.95 4.82 -16.73
C LEU A 282 -7.66 6.17 -16.73
N CYS A 283 -8.04 6.64 -17.93
CA CYS A 283 -8.73 7.91 -18.13
C CYS A 283 -10.17 7.66 -18.56
N ILE A 284 -11.07 8.52 -18.12
CA ILE A 284 -12.46 8.43 -18.55
C ILE A 284 -12.64 9.35 -19.75
N VAL A 285 -13.27 8.84 -20.80
CA VAL A 285 -13.71 9.65 -21.94
C VAL A 285 -15.19 9.40 -22.12
N THR A 286 -15.87 10.36 -22.76
CA THR A 286 -17.28 10.13 -23.09
C THR A 286 -17.44 9.43 -24.43
N ASP A 287 -16.60 9.75 -25.41
CA ASP A 287 -16.87 9.33 -26.79
C ASP A 287 -18.27 9.78 -27.21
N ALA A 288 -18.68 10.96 -26.75
CA ALA A 288 -20.09 11.32 -26.86
C ALA A 288 -20.42 11.78 -28.27
N THR A 289 -21.73 11.80 -28.55
CA THR A 289 -22.31 12.15 -29.83
C THR A 289 -23.25 13.35 -29.65
N ALA A 290 -23.93 13.72 -30.74
CA ALA A 290 -24.95 14.75 -30.67
C ALA A 290 -26.03 14.43 -29.64
N ALA A 291 -26.24 13.16 -29.32
CA ALA A 291 -27.25 12.77 -28.35
C ALA A 291 -26.98 13.32 -26.95
N ALA A 292 -25.72 13.64 -26.63
CA ALA A 292 -25.37 14.06 -25.28
C ALA A 292 -25.68 15.54 -25.07
N GLY A 293 -26.42 15.84 -24.00
CA GLY A 293 -26.86 17.20 -23.75
C GLY A 293 -27.98 17.69 -24.64
N ALA A 294 -28.66 16.77 -25.33
CA ALA A 294 -29.77 17.12 -26.23
C ALA A 294 -30.77 15.98 -26.22
N ASP A 295 -31.94 16.22 -26.81
CA ASP A 295 -32.96 15.20 -26.95
C ASP A 295 -33.26 15.02 -28.44
N ILE A 296 -32.72 13.96 -29.03
CA ILE A 296 -32.85 13.67 -30.45
C ILE A 296 -33.12 12.18 -30.61
N ASP A 297 -33.65 11.81 -31.78
CA ASP A 297 -33.97 10.42 -32.05
C ASP A 297 -32.97 9.74 -32.97
N SER A 298 -32.15 10.50 -33.67
CA SER A 298 -31.16 9.97 -34.61
C SER A 298 -30.23 11.11 -34.97
N PHE A 299 -29.12 10.75 -35.61
CA PHE A 299 -28.19 11.72 -36.18
C PHE A 299 -27.40 10.98 -37.25
N VAL A 300 -26.63 11.73 -38.04
CA VAL A 300 -25.86 11.18 -39.14
C VAL A 300 -24.39 11.19 -38.74
N PHE A 301 -23.67 10.12 -39.05
CA PHE A 301 -22.27 9.95 -38.67
C PHE A 301 -21.55 9.47 -39.93
N VAL A 302 -21.01 10.42 -40.70
CA VAL A 302 -20.38 10.12 -41.98
C VAL A 302 -21.33 9.25 -42.81
N GLY A 303 -22.54 9.76 -43.03
CA GLY A 303 -23.49 9.11 -43.93
C GLY A 303 -24.30 7.98 -43.33
N LYS A 304 -23.86 7.40 -42.22
CA LYS A 304 -24.61 6.33 -41.56
C LYS A 304 -25.54 6.95 -40.53
N THR A 305 -26.79 6.53 -40.53
CA THR A 305 -27.74 7.01 -39.53
C THR A 305 -27.55 6.24 -38.23
N VAL A 306 -27.37 6.98 -37.14
CA VAL A 306 -27.23 6.39 -35.81
C VAL A 306 -28.49 6.76 -35.02
N TYR A 307 -29.18 5.75 -34.52
CA TYR A 307 -30.42 5.97 -33.76
C TYR A 307 -30.12 6.08 -32.27
N VAL A 308 -30.95 6.85 -31.57
CA VAL A 308 -30.78 7.12 -30.15
C VAL A 308 -32.03 6.63 -29.42
N ARG A 309 -31.88 5.58 -28.62
CA ARG A 309 -33.00 5.01 -27.87
C ARG A 309 -32.45 4.45 -26.57
N ASP A 310 -32.99 4.93 -25.44
CA ASP A 310 -32.59 4.46 -24.11
C ASP A 310 -31.10 4.73 -23.85
N GLY A 311 -30.64 5.91 -24.24
CA GLY A 311 -29.26 6.30 -24.01
C GLY A 311 -28.23 5.49 -24.77
N LYS A 312 -28.72 4.70 -25.72
CA LYS A 312 -27.86 3.92 -26.61
C LYS A 312 -27.85 4.56 -27.99
N CYS A 313 -26.66 4.68 -28.57
CA CYS A 313 -26.47 5.17 -29.94
C CYS A 313 -25.96 4.01 -30.79
N TYR A 314 -26.78 3.57 -31.74
CA TYR A 314 -26.49 2.37 -32.53
C TYR A 314 -27.01 2.55 -33.96
N ASP A 315 -26.35 1.88 -34.90
CA ASP A 315 -26.79 1.93 -36.29
C ASP A 315 -27.83 0.84 -36.53
N SER A 316 -28.25 0.68 -37.79
CA SER A 316 -29.33 -0.25 -38.11
C SER A 316 -28.97 -1.70 -37.83
N ASN A 317 -27.69 -2.04 -37.83
CA ASN A 317 -27.24 -3.39 -37.47
C ASN A 317 -26.93 -3.53 -35.98
N GLY A 318 -27.21 -2.51 -35.18
CA GLY A 318 -27.00 -2.60 -33.74
C GLY A 318 -25.59 -2.33 -33.27
N THR A 319 -24.70 -1.86 -34.14
CA THR A 319 -23.35 -1.48 -33.72
C THR A 319 -23.38 -0.11 -33.06
N LEU A 320 -22.79 0.00 -31.88
CA LEU A 320 -22.75 1.29 -31.19
C LEU A 320 -21.90 2.31 -31.95
N GLY A 321 -22.45 3.50 -32.12
CA GLY A 321 -21.73 4.58 -32.77
C GLY A 321 -21.59 5.78 -31.87
N GLY A 322 -20.63 5.73 -30.93
CA GLY A 322 -20.49 6.75 -29.92
C GLY A 322 -21.43 6.53 -28.74
N ALA A 323 -21.40 7.48 -27.82
CA ALA A 323 -22.16 7.38 -26.58
C ALA A 323 -22.99 8.66 -26.37
N ALA A 324 -23.96 8.57 -25.45
CA ALA A 324 -24.79 9.72 -25.09
C ALA A 324 -24.47 10.27 -23.70
N ILE A 325 -23.37 9.85 -23.11
CA ILE A 325 -23.04 10.16 -21.73
C ILE A 325 -22.24 11.46 -21.65
N THR A 326 -22.19 12.07 -20.46
CA THR A 326 -21.32 13.21 -20.19
C THR A 326 -20.30 12.86 -19.11
N MET A 327 -19.36 13.78 -18.86
CA MET A 327 -18.31 13.49 -17.88
C MET A 327 -18.89 13.37 -16.48
N ILE A 328 -19.78 14.28 -16.08
CA ILE A 328 -20.27 14.21 -14.70
C ILE A 328 -21.15 12.96 -14.52
N GLU A 329 -21.88 12.55 -15.55
CA GLU A 329 -22.60 11.27 -15.47
C GLU A 329 -21.61 10.12 -15.38
N SER A 330 -20.47 10.24 -16.04
CA SER A 330 -19.46 9.18 -16.00
C SER A 330 -18.83 9.11 -14.61
N VAL A 331 -18.60 10.27 -13.99
CA VAL A 331 -18.12 10.33 -12.61
C VAL A 331 -19.08 9.57 -11.69
N LYS A 332 -20.38 9.84 -11.82
CA LYS A 332 -21.37 9.18 -10.98
C LYS A 332 -21.35 7.66 -11.19
N ASN A 333 -21.25 7.21 -12.44
CA ASN A 333 -21.23 5.76 -12.68
C ASN A 333 -19.96 5.13 -12.11
N ALA A 334 -18.82 5.81 -12.25
CA ALA A 334 -17.57 5.25 -11.74
C ALA A 334 -17.61 5.14 -10.23
N VAL A 335 -18.19 6.13 -9.56
CA VAL A 335 -18.27 6.09 -8.10
C VAL A 335 -19.30 5.06 -7.66
N GLN A 336 -20.51 5.12 -8.21
CA GLN A 336 -21.60 4.32 -7.66
C GLN A 336 -21.66 2.89 -8.19
N GLU A 337 -21.27 2.67 -9.44
CA GLU A 337 -21.37 1.33 -10.05
C GLU A 337 -20.03 0.61 -10.12
N VAL A 338 -18.94 1.33 -10.35
CA VAL A 338 -17.62 0.70 -10.40
C VAL A 338 -16.96 0.69 -9.02
N GLY A 339 -17.33 1.61 -8.14
CA GLY A 339 -16.76 1.61 -6.81
C GLY A 339 -15.42 2.30 -6.70
N ILE A 340 -15.10 3.20 -7.62
CA ILE A 340 -13.87 3.98 -7.51
C ILE A 340 -14.16 5.13 -6.55
N PRO A 341 -13.24 5.44 -5.62
CA PRO A 341 -13.45 6.56 -4.71
C PRO A 341 -13.57 7.86 -5.47
N LEU A 342 -14.31 8.82 -4.89
CA LEU A 342 -14.59 10.06 -5.61
C LEU A 342 -13.31 10.80 -6.02
N ASP A 343 -12.35 10.95 -5.10
CA ASP A 343 -11.15 11.71 -5.45
C ASP A 343 -10.36 11.05 -6.60
N GLU A 344 -10.31 9.71 -6.62
CA GLU A 344 -9.63 9.03 -7.72
C GLU A 344 -10.43 9.13 -9.03
N THR A 345 -11.76 8.99 -8.95
CA THR A 345 -12.60 9.18 -10.14
C THR A 345 -12.39 10.56 -10.75
N LEU A 346 -12.28 11.60 -9.93
CA LEU A 346 -12.07 12.95 -10.46
C LEU A 346 -10.73 13.05 -11.18
N ARG A 347 -9.67 12.45 -10.62
CA ARG A 347 -8.37 12.44 -11.30
C ARG A 347 -8.45 11.79 -12.67
N MET A 348 -9.33 10.78 -12.83
CA MET A 348 -9.49 10.12 -14.12
C MET A 348 -10.19 11.00 -15.15
N CYS A 349 -10.79 12.11 -14.72
CA CYS A 349 -11.52 13.04 -15.58
C CYS A 349 -10.80 14.37 -15.78
N ASN A 350 -9.79 14.69 -14.96
CA ASN A 350 -9.05 15.92 -15.16
C ASN A 350 -7.54 15.69 -15.15
N TYR A 351 -6.96 15.23 -14.04
CA TYR A 351 -5.50 15.17 -13.91
C TYR A 351 -4.88 14.16 -14.88
N TYR A 352 -5.41 12.92 -14.90
CA TYR A 352 -4.81 11.91 -15.75
C TYR A 352 -4.97 12.23 -17.24
N PRO A 353 -6.15 12.62 -17.75
CA PRO A 353 -6.18 13.03 -19.17
C PRO A 353 -5.23 14.18 -19.46
N ALA A 354 -5.08 15.12 -18.53
CA ALA A 354 -4.13 16.20 -18.74
C ALA A 354 -2.72 15.66 -18.93
N LYS A 355 -2.32 14.72 -18.06
CA LYS A 355 -0.99 14.12 -18.21
C LYS A 355 -0.88 13.33 -19.51
N ALA A 356 -1.96 12.65 -19.91
CA ALA A 356 -1.90 11.78 -21.07
C ALA A 356 -1.58 12.54 -22.36
N ILE A 357 -2.05 13.79 -22.47
CA ILE A 357 -1.76 14.59 -23.65
C ILE A 357 -0.76 15.71 -23.34
N GLY A 358 -0.19 15.73 -22.14
CA GLY A 358 0.88 16.67 -21.86
C GLY A 358 0.46 18.11 -21.65
N VAL A 359 -0.76 18.36 -21.17
CA VAL A 359 -1.19 19.72 -20.85
C VAL A 359 -1.20 19.96 -19.34
N ASP A 360 -0.62 19.05 -18.57
CA ASP A 360 -0.77 19.11 -17.12
C ASP A 360 0.06 20.20 -16.46
N HIS A 361 0.97 20.88 -17.17
CA HIS A 361 1.63 21.97 -16.49
C HIS A 361 0.71 23.16 -16.29
N LYS A 362 -0.33 23.32 -17.11
CA LYS A 362 -1.25 24.43 -16.96
C LYS A 362 -2.69 24.02 -16.64
N LEU A 363 -3.09 22.78 -16.94
CA LEU A 363 -4.46 22.33 -16.72
C LEU A 363 -4.47 21.03 -15.90
N GLY A 364 -5.67 20.65 -15.46
CA GLY A 364 -5.90 19.32 -14.96
C GLY A 364 -5.90 19.13 -13.46
N SER A 365 -5.48 20.14 -12.69
CA SER A 365 -5.40 20.03 -11.24
C SER A 365 -5.45 21.44 -10.66
N ILE A 366 -5.77 21.53 -9.37
CA ILE A 366 -5.86 22.81 -8.66
C ILE A 366 -4.54 23.03 -7.94
N GLU A 367 -3.72 23.91 -8.52
CA GLU A 367 -2.43 24.30 -7.96
C GLU A 367 -2.22 25.76 -8.29
N VAL A 368 -1.60 26.51 -7.35
CA VAL A 368 -1.34 27.93 -7.59
C VAL A 368 -0.51 28.08 -8.86
N GLY A 369 -0.93 29.00 -9.72
CA GLY A 369 -0.23 29.28 -10.95
C GLY A 369 -0.80 28.57 -12.17
N LYS A 370 -1.62 27.54 -11.98
CA LYS A 370 -2.24 26.90 -13.12
C LYS A 370 -3.50 27.67 -13.54
N ILE A 371 -4.01 27.31 -14.72
CA ILE A 371 -5.21 27.95 -15.27
C ILE A 371 -6.43 27.62 -14.42
N ALA A 372 -7.24 28.64 -14.15
CA ALA A 372 -8.46 28.46 -13.35
C ALA A 372 -9.59 27.94 -14.25
N ASN A 373 -9.41 26.70 -14.72
CA ASN A 373 -10.50 25.92 -15.31
C ASN A 373 -11.05 25.02 -14.21
N LEU A 374 -12.31 25.22 -13.84
CA LEU A 374 -12.81 24.64 -12.59
C LEU A 374 -14.25 24.20 -12.75
N THR A 375 -14.63 23.21 -11.94
CA THR A 375 -15.98 22.66 -11.97
C THR A 375 -16.47 22.50 -10.54
N ALA A 376 -17.67 23.01 -10.26
CA ALA A 376 -18.32 22.82 -8.96
C ALA A 376 -19.46 21.82 -9.15
N PHE A 377 -19.61 20.90 -8.19
CA PHE A 377 -20.62 19.86 -8.37
C PHE A 377 -21.09 19.36 -7.00
N THR A 378 -22.28 18.77 -6.99
CA THR A 378 -22.89 18.27 -5.76
C THR A 378 -22.63 16.77 -5.60
N ASN A 379 -23.02 16.26 -4.43
CA ASN A 379 -22.81 14.84 -4.17
C ASN A 379 -23.85 13.95 -4.83
N ASP A 380 -24.89 14.51 -5.46
CA ASP A 380 -25.70 13.71 -6.37
C ASP A 380 -25.30 13.97 -7.82
N PHE A 381 -24.14 14.58 -8.02
CA PHE A 381 -23.45 14.65 -9.31
C PHE A 381 -24.20 15.55 -10.30
N ASN A 382 -24.61 16.71 -9.81
CA ASN A 382 -25.09 17.81 -10.65
C ASN A 382 -24.04 18.91 -10.66
N VAL A 383 -23.76 19.44 -11.84
CA VAL A 383 -22.76 20.50 -11.98
C VAL A 383 -23.41 21.85 -11.66
N LEU A 384 -22.79 22.59 -10.74
CA LEU A 384 -23.31 23.87 -10.29
C LEU A 384 -22.82 25.03 -11.13
N GLY A 385 -21.62 24.90 -11.70
CA GLY A 385 -21.06 25.93 -12.53
C GLY A 385 -19.64 25.58 -12.89
N THR A 386 -19.08 26.40 -13.77
CA THR A 386 -17.69 26.24 -14.19
C THR A 386 -17.01 27.58 -14.25
N ALA A 387 -15.69 27.54 -14.13
CA ALA A 387 -14.83 28.65 -14.50
C ALA A 387 -13.97 28.19 -15.67
N VAL A 388 -13.88 29.03 -16.69
CA VAL A 388 -12.98 28.80 -17.83
C VAL A 388 -12.09 30.03 -17.94
N ASN A 389 -10.78 29.83 -17.83
CA ASN A 389 -9.83 30.93 -17.75
C ASN A 389 -10.25 31.95 -16.69
N GLY A 390 -10.71 31.43 -15.54
CA GLY A 390 -11.11 32.30 -14.46
C GLY A 390 -12.51 32.90 -14.58
N GLU A 391 -13.21 32.67 -15.68
CA GLU A 391 -14.54 33.25 -15.88
C GLU A 391 -15.60 32.27 -15.33
N TRP A 392 -16.22 32.64 -14.22
CA TRP A 392 -17.22 31.80 -13.59
C TRP A 392 -18.58 31.96 -14.27
N LYS A 393 -19.26 30.84 -14.54
CA LYS A 393 -20.61 30.86 -15.09
C LYS A 393 -21.41 29.78 -14.37
N ALA A 394 -22.40 30.20 -13.59
CA ALA A 394 -23.28 29.23 -12.95
C ALA A 394 -24.12 28.51 -14.00
N ASN A 395 -24.44 27.24 -13.73
CA ASN A 395 -25.19 26.41 -14.67
C ASN A 395 -26.66 26.80 -14.71
N LEU B 11 3.90 -50.30 15.02
CA LEU B 11 4.64 -49.55 14.01
C LEU B 11 6.14 -49.78 14.20
N TYR B 12 6.75 -50.42 13.19
CA TYR B 12 8.18 -50.64 13.16
C TYR B 12 8.90 -49.65 12.27
N LYS B 13 8.24 -48.56 11.89
CA LYS B 13 8.92 -47.44 11.29
C LYS B 13 9.65 -46.64 12.38
N LYS B 14 10.45 -45.67 11.94
CA LYS B 14 11.27 -44.91 12.88
C LYS B 14 10.38 -44.13 13.84
N ALA B 15 10.76 -44.11 15.11
CA ALA B 15 10.02 -43.34 16.10
C ALA B 15 10.24 -41.84 15.88
N GLY B 16 9.19 -41.06 16.12
CA GLY B 16 9.28 -39.63 15.87
C GLY B 16 10.19 -38.96 16.89
N PHE B 17 11.18 -38.21 16.41
CA PHE B 17 12.09 -37.55 17.33
C PHE B 17 12.18 -36.04 17.07
N MET B 18 13.10 -35.39 17.77
CA MET B 18 13.29 -33.94 17.67
CA MET B 18 13.29 -33.95 17.66
C MET B 18 14.62 -33.66 16.98
N TYR B 19 14.60 -32.73 16.02
CA TYR B 19 15.81 -32.29 15.35
C TYR B 19 15.58 -30.86 14.89
N ALA B 20 16.59 -30.25 14.30
CA ALA B 20 16.44 -28.87 13.89
C ALA B 20 17.08 -28.63 12.54
N PHE B 21 16.49 -27.68 11.78
CA PHE B 21 17.11 -27.11 10.60
C PHE B 21 17.82 -25.83 11.00
N VAL B 22 19.07 -25.66 10.57
CA VAL B 22 19.84 -24.45 10.86
C VAL B 22 20.43 -23.93 9.57
N ASN B 23 20.81 -22.65 9.59
CA ASN B 23 21.50 -22.00 8.47
C ASN B 23 20.63 -22.03 7.22
N ALA B 24 19.41 -21.54 7.38
CA ALA B 24 18.44 -21.45 6.31
C ALA B 24 17.77 -20.07 6.36
N VAL B 25 17.39 -19.56 5.20
CA VAL B 25 16.46 -18.45 5.13
C VAL B 25 15.06 -19.07 5.16
N ILE B 26 14.26 -18.71 6.15
CA ILE B 26 12.98 -19.37 6.37
C ILE B 26 11.85 -18.47 5.88
N TYR B 27 11.11 -18.97 4.89
CA TYR B 27 9.93 -18.29 4.34
C TYR B 27 8.71 -18.87 5.02
N THR B 28 8.16 -18.16 6.00
CA THR B 28 7.09 -18.72 6.81
C THR B 28 5.70 -18.49 6.24
N ALA B 29 5.56 -17.63 5.22
CA ALA B 29 4.30 -17.18 4.59
C ALA B 29 3.91 -15.81 5.13
N LYS B 30 4.35 -15.50 6.35
CA LYS B 30 4.12 -14.17 6.90
C LYS B 30 5.41 -13.38 7.08
N ASP B 31 6.55 -14.05 7.16
CA ASP B 31 7.85 -13.42 7.38
C ASP B 31 8.90 -14.16 6.59
N VAL B 32 10.00 -13.45 6.30
CA VAL B 32 11.21 -14.06 5.78
C VAL B 32 12.27 -13.94 6.86
N LEU B 33 12.64 -15.06 7.47
CA LEU B 33 13.45 -15.05 8.69
C LEU B 33 14.92 -15.34 8.38
N TYR B 34 15.81 -14.53 8.95
CA TYR B 34 17.25 -14.74 8.88
C TYR B 34 17.79 -15.05 10.27
N GLY B 35 18.78 -15.92 10.34
CA GLY B 35 19.38 -16.25 11.62
C GLY B 35 18.49 -17.06 12.54
N LYS B 36 17.51 -17.78 12.01
CA LYS B 36 16.64 -18.60 12.84
C LYS B 36 16.88 -20.07 12.55
N ALA B 37 16.46 -20.90 13.50
CA ALA B 37 16.43 -22.34 13.35
C ALA B 37 14.99 -22.82 13.49
N LEU B 38 14.68 -23.94 12.86
CA LEU B 38 13.35 -24.55 12.94
C LEU B 38 13.49 -25.90 13.63
N VAL B 39 12.79 -26.08 14.75
CA VAL B 39 12.82 -27.34 15.50
C VAL B 39 11.57 -28.15 15.15
N VAL B 40 11.79 -29.41 14.78
CA VAL B 40 10.74 -30.36 14.47
C VAL B 40 10.61 -31.30 15.66
N ASP B 41 9.37 -31.57 16.08
CA ASP B 41 9.10 -32.53 17.15
C ASP B 41 8.05 -33.53 16.65
N GLY B 42 8.48 -34.75 16.32
CA GLY B 42 7.55 -35.70 15.76
C GLY B 42 7.11 -35.24 14.38
N ASP B 43 5.81 -35.08 14.17
CA ASP B 43 5.33 -34.56 12.89
C ASP B 43 4.97 -33.08 12.95
N LYS B 44 5.37 -32.38 14.01
CA LYS B 44 4.97 -30.98 14.20
C LYS B 44 6.16 -30.05 14.10
N ILE B 45 5.90 -28.82 13.66
CA ILE B 45 6.85 -27.74 13.82
C ILE B 45 6.82 -27.33 15.29
N SER B 46 7.95 -27.47 15.97
CA SER B 46 8.01 -27.33 17.42
C SER B 46 8.41 -25.93 17.87
N ALA B 47 9.36 -25.29 17.19
CA ALA B 47 9.85 -24.00 17.62
C ALA B 47 10.52 -23.31 16.45
N ILE B 48 10.45 -21.98 16.46
CA ILE B 48 11.26 -21.14 15.60
C ILE B 48 12.07 -20.23 16.51
N LEU B 49 13.38 -20.44 16.56
CA LEU B 49 14.24 -19.84 17.55
C LEU B 49 15.46 -19.23 16.86
N PRO B 50 16.10 -18.24 17.49
CA PRO B 50 17.45 -17.85 17.05
C PRO B 50 18.34 -19.07 16.98
N VAL B 51 19.19 -19.11 15.94
CA VAL B 51 19.94 -20.34 15.67
C VAL B 51 20.90 -20.65 16.81
N GLU B 52 21.36 -19.63 17.52
CA GLU B 52 22.27 -19.86 18.65
C GLU B 52 21.56 -20.50 19.84
N ASP B 53 20.24 -20.44 19.89
CA ASP B 53 19.48 -21.00 21.00
C ASP B 53 18.97 -22.40 20.72
N VAL B 54 19.43 -23.04 19.65
CA VAL B 54 18.93 -24.40 19.37
C VAL B 54 19.48 -25.35 20.44
N PRO B 55 18.63 -26.13 21.10
CA PRO B 55 19.14 -27.08 22.10
C PRO B 55 20.31 -27.88 21.58
N GLU B 56 21.41 -27.87 22.34
CA GLU B 56 22.68 -28.40 21.87
C GLU B 56 22.65 -29.92 21.66
N ASN B 57 21.75 -30.64 22.34
CA ASN B 57 21.68 -32.09 22.15
C ASN B 57 21.12 -32.48 20.78
N LEU B 58 20.42 -31.58 20.07
CA LEU B 58 19.70 -31.97 18.87
C LEU B 58 20.64 -32.16 17.68
N GLN B 59 20.38 -33.21 16.89
CA GLN B 59 20.98 -33.31 15.57
C GLN B 59 20.44 -32.19 14.69
N LYS B 60 21.26 -31.74 13.74
CA LYS B 60 20.95 -30.52 12.99
C LYS B 60 21.19 -30.75 11.50
N ILE B 61 20.20 -30.40 10.68
CA ILE B 61 20.38 -30.34 9.23
C ILE B 61 20.84 -28.92 8.88
N ASP B 62 22.04 -28.82 8.34
CA ASP B 62 22.63 -27.54 7.95
C ASP B 62 22.25 -27.30 6.48
N LEU B 63 21.37 -26.32 6.24
CA LEU B 63 20.92 -26.06 4.87
C LEU B 63 21.87 -25.16 4.09
N GLN B 64 23.01 -24.81 4.69
CA GLN B 64 24.08 -24.10 4.00
CA GLN B 64 24.08 -24.09 4.01
C GLN B 64 23.60 -22.78 3.39
N GLY B 65 22.70 -22.08 4.08
CA GLY B 65 22.28 -20.76 3.63
C GLY B 65 21.18 -20.76 2.59
N ASN B 66 20.61 -21.92 2.25
CA ASN B 66 19.55 -21.99 1.25
C ASN B 66 18.21 -21.73 1.93
N ASN B 67 17.12 -21.95 1.20
CA ASN B 67 15.79 -21.52 1.60
C ASN B 67 14.96 -22.67 2.16
N LEU B 68 14.05 -22.35 3.08
CA LEU B 68 13.17 -23.34 3.69
C LEU B 68 11.77 -22.76 3.79
N THR B 69 10.79 -23.51 3.31
CA THR B 69 9.42 -23.02 3.25
C THR B 69 8.48 -24.19 3.49
N ALA B 70 7.21 -23.89 3.71
CA ALA B 70 6.25 -25.00 3.83
C ALA B 70 6.18 -25.77 2.53
N GLY B 71 5.94 -27.08 2.64
CA GLY B 71 5.85 -27.92 1.46
C GLY B 71 4.74 -27.45 0.52
N PHE B 72 5.02 -27.57 -0.78
CA PHE B 72 4.06 -27.13 -1.79
C PHE B 72 2.86 -28.09 -1.85
N ILE B 73 1.69 -27.53 -2.13
CA ILE B 73 0.45 -28.26 -2.26
C ILE B 73 -0.05 -28.07 -3.69
N ASP B 74 -0.19 -29.17 -4.44
CA ASP B 74 -0.55 -29.13 -5.85
C ASP B 74 -1.99 -29.58 -6.03
N LEU B 75 -2.90 -28.64 -6.36
CA LEU B 75 -4.32 -28.95 -6.38
C LEU B 75 -4.81 -29.54 -7.69
N GLN B 76 -3.96 -29.71 -8.70
CA GLN B 76 -4.38 -30.35 -9.94
C GLN B 76 -3.21 -31.14 -10.47
N LEU B 77 -3.31 -32.46 -10.40
CA LEU B 77 -2.20 -33.33 -10.76
C LEU B 77 -2.79 -34.64 -11.27
N ASN B 78 -2.64 -34.90 -12.57
CA ASN B 78 -3.21 -36.09 -13.20
C ASN B 78 -2.28 -37.28 -13.10
N GLY B 79 -0.99 -37.03 -12.99
CA GLY B 79 0.01 -38.07 -12.94
C GLY B 79 1.37 -37.40 -12.92
N CYS B 80 2.38 -38.22 -12.72
CA CYS B 80 3.77 -37.81 -12.73
C CYS B 80 4.60 -39.07 -12.52
N GLY B 81 5.91 -38.95 -12.70
CA GLY B 81 6.81 -40.07 -12.53
C GLY B 81 6.46 -41.27 -13.38
N GLY B 82 5.84 -41.04 -14.54
CA GLY B 82 5.58 -42.11 -15.48
C GLY B 82 4.22 -42.76 -15.38
N VAL B 83 3.38 -42.36 -14.42
CA VAL B 83 2.07 -42.98 -14.21
C VAL B 83 0.97 -41.93 -14.33
N MET B 84 -0.23 -42.40 -14.65
CA MET B 84 -1.43 -41.55 -14.70
C MET B 84 -2.51 -42.18 -13.84
N PHE B 85 -3.11 -41.39 -12.95
CA PHE B 85 -4.08 -41.95 -12.02
C PHE B 85 -5.30 -42.51 -12.75
N ASN B 86 -5.71 -41.87 -13.84
CA ASN B 86 -6.81 -42.42 -14.65
C ASN B 86 -6.48 -43.81 -15.20
N GLU B 87 -5.21 -44.07 -15.50
CA GLU B 87 -4.82 -45.30 -16.18
C GLU B 87 -4.56 -46.45 -15.23
N ASP B 88 -4.13 -46.16 -14.01
CA ASP B 88 -3.77 -47.17 -13.03
C ASP B 88 -4.35 -46.67 -11.71
N ILE B 89 -5.64 -46.95 -11.50
CA ILE B 89 -6.39 -46.50 -10.34
C ILE B 89 -6.00 -47.39 -9.17
N SER B 90 -4.93 -47.03 -8.48
CA SER B 90 -4.37 -47.91 -7.46
C SER B 90 -3.74 -47.07 -6.36
N VAL B 91 -3.72 -47.64 -5.15
CA VAL B 91 -2.94 -47.05 -4.07
C VAL B 91 -1.49 -46.91 -4.49
N LYS B 92 -0.97 -47.90 -5.22
CA LYS B 92 0.42 -47.85 -5.67
C LYS B 92 0.68 -46.64 -6.55
N THR B 93 -0.28 -46.30 -7.43
CA THR B 93 -0.10 -45.11 -8.25
C THR B 93 -0.01 -43.86 -7.39
N LEU B 94 -0.89 -43.74 -6.38
CA LEU B 94 -0.85 -42.57 -5.49
C LEU B 94 0.48 -42.50 -4.72
N GLU B 95 1.07 -43.66 -4.39
CA GLU B 95 2.34 -43.67 -3.67
C GLU B 95 3.48 -43.20 -4.58
N ILE B 96 3.45 -43.61 -5.85
CA ILE B 96 4.49 -43.22 -6.79
C ILE B 96 4.40 -41.72 -7.08
N MET B 97 3.19 -41.18 -7.22
CA MET B 97 3.05 -39.76 -7.49
C MET B 97 3.57 -38.93 -6.31
N GLN B 98 3.25 -39.36 -5.09
CA GLN B 98 3.73 -38.65 -3.91
C GLN B 98 5.25 -38.64 -3.84
N GLU B 99 5.86 -39.82 -4.02
CA GLU B 99 7.32 -39.93 -4.00
C GLU B 99 7.96 -39.08 -5.10
N THR B 100 7.39 -39.11 -6.30
CA THR B 100 7.90 -38.27 -7.39
C THR B 100 7.75 -36.79 -7.04
N ASN B 101 6.61 -36.42 -6.46
CA ASN B 101 6.35 -35.02 -6.09
C ASN B 101 7.43 -34.48 -5.18
N LEU B 102 7.96 -35.31 -4.28
CA LEU B 102 8.95 -34.84 -3.32
C LEU B 102 10.19 -34.27 -4.02
N LYS B 103 10.55 -34.83 -5.18
CA LYS B 103 11.73 -34.37 -5.89
C LYS B 103 11.59 -32.96 -6.40
N SER B 104 10.36 -32.44 -6.48
CA SER B 104 10.17 -31.07 -6.92
C SER B 104 9.51 -30.22 -5.83
N GLY B 105 9.57 -30.69 -4.58
CA GLY B 105 9.19 -29.88 -3.44
C GLY B 105 7.73 -29.95 -3.04
N THR B 106 6.94 -30.83 -3.64
CA THR B 106 5.51 -30.89 -3.40
C THR B 106 5.21 -32.03 -2.43
N THR B 107 4.68 -31.68 -1.25
CA THR B 107 4.45 -32.64 -0.19
C THR B 107 2.99 -33.07 -0.04
N SER B 108 2.04 -32.31 -0.63
CA SER B 108 0.65 -32.74 -0.68
C SER B 108 0.09 -32.44 -2.06
N TYR B 109 -0.95 -33.20 -2.45
CA TYR B 109 -1.54 -33.02 -3.77
C TYR B 109 -2.94 -33.63 -3.80
N LEU B 110 -3.73 -33.22 -4.79
CA LEU B 110 -5.02 -33.82 -5.04
C LEU B 110 -4.90 -34.70 -6.28
N PRO B 111 -4.96 -36.02 -6.16
CA PRO B 111 -4.99 -36.85 -7.37
C PRO B 111 -6.18 -36.48 -8.23
N THR B 112 -5.92 -36.14 -9.48
CA THR B 112 -6.95 -35.63 -10.37
C THR B 112 -7.39 -36.73 -11.34
N PHE B 113 -8.69 -36.97 -11.36
CA PHE B 113 -9.31 -38.04 -12.12
C PHE B 113 -10.26 -37.38 -13.12
N ILE B 114 -9.98 -37.51 -14.41
CA ILE B 114 -10.70 -36.74 -15.43
C ILE B 114 -11.82 -37.58 -16.02
N THR B 115 -12.78 -36.87 -16.64
CA THR B 115 -13.93 -37.37 -17.39
C THR B 115 -13.82 -38.83 -17.86
N SER B 116 -14.68 -39.67 -17.29
CA SER B 116 -14.56 -41.12 -17.43
C SER B 116 -15.91 -41.71 -17.00
N PRO B 117 -16.12 -43.01 -17.27
CA PRO B 117 -17.38 -43.64 -16.83
C PRO B 117 -17.46 -43.75 -15.32
N ASP B 118 -18.70 -43.91 -14.84
CA ASP B 118 -18.96 -43.98 -13.40
C ASP B 118 -18.14 -45.06 -12.71
N GLU B 119 -17.94 -46.20 -13.36
CA GLU B 119 -17.24 -47.30 -12.69
C GLU B 119 -15.84 -46.90 -12.26
N GLY B 120 -15.10 -46.22 -13.13
CA GLY B 120 -13.78 -45.74 -12.75
C GLY B 120 -13.85 -44.73 -11.62
N MET B 121 -14.88 -43.87 -11.63
CA MET B 121 -15.03 -42.92 -10.54
C MET B 121 -15.23 -43.63 -9.21
N LYS B 122 -16.01 -44.71 -9.20
CA LYS B 122 -16.19 -45.48 -7.98
C LYS B 122 -14.91 -46.19 -7.57
N ASP B 123 -14.14 -46.70 -8.54
CA ASP B 123 -12.83 -47.27 -8.22
C ASP B 123 -11.93 -46.24 -7.55
N ALA B 124 -11.95 -45.00 -8.04
CA ALA B 124 -11.08 -43.96 -7.46
C ALA B 124 -11.49 -43.63 -6.03
N VAL B 125 -12.78 -43.55 -5.75
CA VAL B 125 -13.23 -43.34 -4.38
C VAL B 125 -12.74 -44.47 -3.49
N LYS B 126 -12.84 -45.70 -3.96
CA LYS B 126 -12.36 -46.85 -3.20
C LYS B 126 -10.87 -46.73 -2.93
N VAL B 127 -10.08 -46.43 -3.96
CA VAL B 127 -8.64 -46.34 -3.82
C VAL B 127 -8.26 -45.18 -2.90
N MET B 128 -8.93 -44.03 -3.05
CA MET B 128 -8.60 -42.89 -2.20
C MET B 128 -8.84 -43.21 -0.73
N ARG B 129 -9.96 -43.87 -0.42
CA ARG B 129 -10.28 -44.18 0.97
C ARG B 129 -9.26 -45.13 1.58
N GLU B 130 -8.90 -46.21 0.86
CA GLU B 130 -7.87 -47.10 1.37
C GLU B 130 -6.53 -46.38 1.53
N TYR B 131 -6.16 -45.53 0.57
CA TYR B 131 -4.90 -44.80 0.69
C TYR B 131 -4.90 -43.94 1.95
N LEU B 132 -6.01 -43.29 2.27
CA LEU B 132 -6.05 -42.42 3.43
C LEU B 132 -6.05 -43.20 4.75
N THR B 133 -6.36 -44.51 4.75
CA THR B 133 -6.15 -45.30 5.96
C THR B 133 -4.67 -45.49 6.27
N GLN B 134 -3.78 -45.26 5.31
CA GLN B 134 -2.36 -45.52 5.50
C GLN B 134 -1.50 -44.27 5.57
N TYR B 135 -1.92 -43.18 4.92
CA TYR B 135 -1.08 -42.00 4.73
C TYR B 135 -1.88 -40.76 5.10
N LYS B 136 -1.27 -39.86 5.86
CA LYS B 136 -1.88 -38.58 6.13
C LYS B 136 -1.02 -37.44 5.58
N ASN B 137 -1.68 -36.35 5.21
CA ASN B 137 -1.05 -35.10 4.80
C ASN B 137 -0.24 -35.25 3.52
N GLN B 138 -0.56 -36.24 2.70
CA GLN B 138 0.15 -36.45 1.44
C GLN B 138 -0.84 -36.31 0.28
N ALA B 139 -1.26 -37.40 -0.39
CA ALA B 139 -2.42 -37.28 -1.26
C ALA B 139 -3.65 -37.02 -0.39
N LEU B 140 -4.25 -35.85 -0.52
CA LEU B 140 -5.22 -35.43 0.48
C LEU B 140 -6.64 -35.91 0.20
N GLY B 141 -6.96 -36.16 -1.06
CA GLY B 141 -8.33 -36.42 -1.46
C GLY B 141 -8.47 -36.20 -2.94
N LEU B 142 -9.59 -36.64 -3.48
CA LEU B 142 -9.77 -36.67 -4.93
C LEU B 142 -10.10 -35.29 -5.49
N HIS B 143 -9.59 -35.03 -6.71
CA HIS B 143 -10.09 -33.97 -7.59
C HIS B 143 -10.73 -34.64 -8.80
N PHE B 144 -12.06 -34.61 -8.86
CA PHE B 144 -12.80 -35.09 -10.03
C PHE B 144 -12.90 -33.93 -11.01
N GLU B 145 -12.07 -33.93 -12.05
CA GLU B 145 -12.15 -32.90 -13.07
C GLU B 145 -13.03 -33.41 -14.21
N GLY B 146 -14.30 -33.03 -14.20
CA GLY B 146 -15.28 -33.66 -15.05
C GLY B 146 -15.93 -34.79 -14.29
N PRO B 147 -16.90 -35.49 -14.92
CA PRO B 147 -17.31 -35.36 -16.31
C PRO B 147 -18.44 -34.35 -16.57
N TYR B 148 -18.82 -33.55 -15.58
CA TYR B 148 -19.99 -32.67 -15.72
C TYR B 148 -19.59 -31.30 -16.29
N LEU B 149 -19.04 -31.34 -17.51
CA LEU B 149 -18.41 -30.20 -18.16
C LEU B 149 -19.29 -29.69 -19.31
N SER B 150 -18.68 -29.09 -20.32
CA SER B 150 -19.38 -28.67 -21.52
C SER B 150 -18.60 -29.16 -22.73
N VAL B 151 -19.34 -29.56 -23.76
CA VAL B 151 -18.70 -30.08 -24.98
C VAL B 151 -17.85 -28.99 -25.63
N GLU B 152 -18.33 -27.73 -25.59
CA GLU B 152 -17.66 -26.65 -26.31
C GLU B 152 -16.27 -26.37 -25.75
N LYS B 153 -16.03 -26.66 -24.48
CA LYS B 153 -14.73 -26.44 -23.85
C LYS B 153 -14.20 -27.73 -23.27
N LYS B 154 -14.33 -28.82 -24.04
CA LYS B 154 -13.97 -30.15 -23.55
C LYS B 154 -12.46 -30.31 -23.45
N GLY B 155 -11.70 -29.66 -24.34
CA GLY B 155 -10.27 -29.87 -24.37
C GLY B 155 -9.94 -31.30 -24.77
N VAL B 156 -9.15 -31.98 -23.93
CA VAL B 156 -8.79 -33.36 -24.20
C VAL B 156 -9.82 -34.34 -23.68
N HIS B 157 -10.82 -33.86 -22.94
CA HIS B 157 -11.85 -34.72 -22.36
C HIS B 157 -12.79 -35.24 -23.44
N ARG B 158 -13.18 -36.51 -23.32
CA ARG B 158 -13.98 -37.17 -24.36
C ARG B 158 -15.41 -36.65 -24.36
N GLU B 159 -15.85 -36.14 -25.50
CA GLU B 159 -17.23 -35.67 -25.65
C GLU B 159 -18.23 -36.76 -25.27
N GLU B 160 -17.91 -38.02 -25.58
CA GLU B 160 -18.87 -39.08 -25.33
C GLU B 160 -19.07 -39.35 -23.84
N TYR B 161 -18.18 -38.87 -22.98
CA TYR B 161 -18.33 -39.07 -21.54
C TYR B 161 -18.85 -37.83 -20.81
N ILE B 162 -18.83 -36.65 -21.43
CA ILE B 162 -19.36 -35.46 -20.78
C ILE B 162 -20.87 -35.58 -20.67
N ARG B 163 -21.41 -35.24 -19.50
CA ARG B 163 -22.78 -35.61 -19.18
C ARG B 163 -23.28 -34.76 -18.02
N ALA B 164 -24.57 -34.91 -17.71
CA ALA B 164 -25.18 -34.32 -16.54
C ALA B 164 -25.43 -35.41 -15.49
N ILE B 165 -25.30 -35.06 -14.23
CA ILE B 165 -25.26 -36.06 -13.18
C ILE B 165 -26.66 -36.59 -12.89
N SER B 166 -26.75 -37.90 -12.62
CA SER B 166 -28.01 -38.48 -12.19
C SER B 166 -28.19 -38.29 -10.68
N PRO B 167 -29.41 -38.41 -10.19
CA PRO B 167 -29.60 -38.29 -8.72
C PRO B 167 -28.87 -39.38 -7.96
N GLU B 168 -28.65 -40.54 -8.58
CA GLU B 168 -27.94 -41.62 -7.89
C GLU B 168 -26.45 -41.33 -7.79
N MET B 169 -25.83 -40.86 -8.87
CA MET B 169 -24.42 -40.50 -8.80
C MET B 169 -24.20 -39.29 -7.91
N LYS B 170 -25.15 -38.35 -7.89
CA LYS B 170 -25.06 -37.22 -6.97
C LYS B 170 -25.09 -37.70 -5.52
N THR B 171 -25.95 -38.66 -5.21
CA THR B 171 -25.98 -39.23 -3.87
C THR B 171 -24.66 -39.95 -3.56
N PHE B 172 -24.11 -40.66 -4.53
CA PHE B 172 -22.86 -41.39 -4.31
C PHE B 172 -21.73 -40.43 -3.95
N LEU B 173 -21.56 -39.36 -4.73
CA LEU B 173 -20.50 -38.39 -4.45
C LEU B 173 -20.69 -37.72 -3.11
N CYS B 174 -21.91 -37.26 -2.82
CA CYS B 174 -22.17 -36.61 -1.53
C CYS B 174 -21.96 -37.59 -0.38
N ASP B 175 -22.31 -38.86 -0.56
CA ASP B 175 -22.06 -39.88 0.47
C ASP B 175 -20.59 -40.13 0.69
N ASN B 176 -19.74 -39.84 -0.30
CA ASN B 176 -18.30 -40.11 -0.18
C ASN B 176 -17.49 -38.82 -0.13
N ALA B 177 -18.09 -37.73 0.33
CA ALA B 177 -17.42 -36.44 0.40
C ALA B 177 -16.19 -36.46 1.30
N ASP B 178 -16.07 -37.45 2.18
CA ASP B 178 -14.90 -37.49 3.06
C ASP B 178 -13.61 -37.83 2.32
N VAL B 179 -13.69 -38.40 1.11
CA VAL B 179 -12.49 -38.63 0.30
C VAL B 179 -12.45 -37.79 -0.97
N ILE B 180 -13.42 -36.90 -1.19
CA ILE B 180 -13.46 -36.05 -2.37
C ILE B 180 -13.21 -34.61 -1.93
N THR B 181 -12.08 -34.05 -2.36
CA THR B 181 -11.75 -32.68 -1.98
C THR B 181 -12.45 -31.68 -2.90
N LYS B 182 -12.47 -31.96 -4.20
CA LYS B 182 -12.88 -30.97 -5.19
C LYS B 182 -13.52 -31.64 -6.40
N ILE B 183 -14.58 -31.03 -6.92
CA ILE B 183 -15.15 -31.38 -8.23
C ILE B 183 -15.10 -30.14 -9.11
N THR B 184 -14.51 -30.28 -10.29
CA THR B 184 -14.59 -29.26 -11.34
C THR B 184 -15.78 -29.56 -12.24
N LEU B 185 -16.68 -28.59 -12.40
CA LEU B 185 -17.79 -28.73 -13.33
C LEU B 185 -17.98 -27.43 -14.08
N ALA B 186 -18.78 -27.48 -15.14
CA ALA B 186 -19.11 -26.30 -15.94
C ALA B 186 -20.35 -25.62 -15.36
N ALA B 187 -20.33 -24.29 -15.33
CA ALA B 187 -21.43 -23.55 -14.72
C ALA B 187 -22.73 -23.70 -15.49
N GLU B 188 -22.67 -24.02 -16.78
CA GLU B 188 -23.87 -24.18 -17.58
C GLU B 188 -24.33 -25.64 -17.67
N ASN B 189 -23.59 -26.56 -17.06
CA ASN B 189 -24.03 -27.94 -17.00
C ASN B 189 -25.21 -28.04 -16.04
N PRO B 190 -26.24 -28.83 -16.37
CA PRO B 190 -27.37 -28.98 -15.43
C PRO B 190 -26.92 -29.45 -14.04
N THR B 191 -25.77 -30.12 -13.94
CA THR B 191 -25.22 -30.54 -12.66
C THR B 191 -25.02 -29.36 -11.70
N ALA B 192 -24.86 -28.15 -12.22
CA ALA B 192 -24.62 -26.99 -11.36
C ALA B 192 -25.76 -26.77 -10.37
N GLN B 193 -26.95 -27.30 -10.62
CA GLN B 193 -28.06 -27.18 -9.66
C GLN B 193 -27.69 -27.80 -8.31
N TYR B 194 -26.79 -28.77 -8.30
CA TYR B 194 -26.41 -29.47 -7.08
C TYR B 194 -25.26 -28.80 -6.34
N ILE B 195 -24.77 -27.65 -6.80
CA ILE B 195 -23.62 -27.02 -6.15
C ILE B 195 -23.86 -26.82 -4.65
N PRO B 196 -25.00 -26.29 -4.19
CA PRO B 196 -25.19 -26.15 -2.74
C PRO B 196 -25.14 -27.48 -2.00
N ASP B 197 -25.62 -28.56 -2.62
CA ASP B 197 -25.54 -29.88 -1.98
C ASP B 197 -24.09 -30.31 -1.82
N PHE B 198 -23.29 -30.16 -2.87
CA PHE B 198 -21.88 -30.55 -2.80
C PHE B 198 -21.14 -29.74 -1.73
N VAL B 199 -21.41 -28.43 -1.67
CA VAL B 199 -20.70 -27.56 -0.73
C VAL B 199 -21.10 -27.89 0.71
N GLU B 200 -22.39 -28.13 0.96
CA GLU B 200 -22.83 -28.48 2.31
C GLU B 200 -22.20 -29.78 2.78
N LYS B 201 -21.81 -30.65 1.86
CA LYS B 201 -21.17 -31.90 2.24
C LYS B 201 -19.65 -31.76 2.39
N GLY B 202 -19.10 -30.58 2.14
CA GLY B 202 -17.68 -30.37 2.33
C GLY B 202 -16.83 -30.60 1.10
N ILE B 203 -17.43 -30.63 -0.10
CA ILE B 203 -16.69 -30.73 -1.35
C ILE B 203 -16.50 -29.32 -1.91
N ILE B 204 -15.27 -28.98 -2.29
CA ILE B 204 -15.02 -27.73 -3.01
C ILE B 204 -15.56 -27.85 -4.43
N VAL B 205 -16.36 -26.89 -4.86
CA VAL B 205 -16.84 -26.86 -6.23
C VAL B 205 -16.02 -25.84 -7.02
N SER B 206 -15.39 -26.30 -8.10
CA SER B 206 -14.56 -25.47 -8.96
C SER B 206 -15.21 -25.33 -10.33
N LEU B 207 -15.07 -24.16 -10.93
CA LEU B 207 -15.54 -23.94 -12.30
C LEU B 207 -14.42 -24.25 -13.29
N GLY B 208 -14.77 -24.95 -14.36
CA GLY B 208 -13.78 -25.27 -15.38
C GLY B 208 -14.43 -25.94 -16.56
N HIS B 209 -13.69 -25.94 -17.68
CA HIS B 209 -14.18 -26.54 -18.92
C HIS B 209 -15.60 -26.08 -19.22
N SER B 210 -15.78 -24.77 -19.19
CA SER B 210 -17.08 -24.14 -19.15
C SER B 210 -17.09 -23.00 -20.17
N ASN B 211 -18.11 -22.99 -21.03
CA ASN B 211 -18.31 -21.90 -21.98
C ASN B 211 -19.38 -20.92 -21.50
N ALA B 212 -19.65 -20.89 -20.20
CA ALA B 212 -20.78 -20.12 -19.68
C ALA B 212 -20.60 -18.63 -19.88
N THR B 213 -21.72 -17.92 -19.93
CA THR B 213 -21.68 -16.47 -19.84
C THR B 213 -21.28 -16.05 -18.43
N TYR B 214 -20.91 -14.77 -18.31
CA TYR B 214 -20.53 -14.19 -17.03
C TYR B 214 -21.64 -14.37 -15.99
N ASP B 215 -22.89 -14.07 -16.38
CA ASP B 215 -24.01 -14.17 -15.45
C ASP B 215 -24.20 -15.59 -14.94
N VAL B 216 -24.14 -16.58 -15.83
CA VAL B 216 -24.33 -17.96 -15.39
C VAL B 216 -23.17 -18.40 -14.51
N ALA B 217 -21.95 -17.95 -14.83
CA ALA B 217 -20.81 -18.29 -13.98
C ALA B 217 -20.96 -17.66 -12.60
N GLN B 218 -21.38 -16.38 -12.55
CA GLN B 218 -21.54 -15.74 -11.23
C GLN B 218 -22.65 -16.40 -10.42
N GLN B 219 -23.68 -16.93 -11.08
CA GLN B 219 -24.72 -17.67 -10.38
C GLN B 219 -24.14 -18.90 -9.70
N ALA B 220 -23.25 -19.61 -10.38
CA ALA B 220 -22.61 -20.77 -9.77
C ALA B 220 -21.73 -20.36 -8.59
N ILE B 221 -21.04 -19.23 -8.72
CA ILE B 221 -20.26 -18.72 -7.60
C ILE B 221 -21.18 -18.35 -6.45
N GLU B 222 -22.33 -17.76 -6.76
CA GLU B 222 -23.28 -17.40 -5.72
C GLU B 222 -23.83 -18.64 -5.01
N LYS B 223 -23.97 -19.74 -5.73
CA LYS B 223 -24.47 -20.96 -5.11
C LYS B 223 -23.39 -21.73 -4.37
N GLY B 224 -22.13 -21.29 -4.39
CA GLY B 224 -21.13 -21.90 -3.54
C GLY B 224 -19.82 -22.30 -4.19
N ALA B 225 -19.72 -22.20 -5.52
CA ALA B 225 -18.45 -22.50 -6.18
C ALA B 225 -17.37 -21.55 -5.66
N SER B 226 -16.22 -22.10 -5.26
CA SER B 226 -15.20 -21.30 -4.58
C SER B 226 -13.82 -21.43 -5.19
N PHE B 227 -13.70 -22.02 -6.37
CA PHE B 227 -12.43 -22.23 -7.05
C PHE B 227 -12.69 -22.22 -8.55
N ALA B 228 -11.65 -21.97 -9.32
CA ALA B 228 -11.71 -22.07 -10.78
C ALA B 228 -10.49 -22.84 -11.26
N THR B 229 -10.70 -23.72 -12.24
CA THR B 229 -9.68 -24.68 -12.62
C THR B 229 -8.92 -24.16 -13.84
N HIS B 230 -7.59 -24.20 -13.74
CA HIS B 230 -6.61 -23.61 -14.67
C HIS B 230 -7.16 -22.43 -15.47
N LEU B 231 -7.15 -21.26 -14.84
CA LEU B 231 -7.66 -20.03 -15.42
C LEU B 231 -7.16 -19.81 -16.84
N HIS B 232 -8.11 -19.41 -17.72
CA HIS B 232 -7.96 -19.16 -19.15
C HIS B 232 -8.13 -20.42 -19.97
N ASN B 233 -7.65 -21.56 -19.46
CA ASN B 233 -7.67 -22.78 -20.24
C ASN B 233 -9.06 -23.43 -20.18
N ALA B 234 -9.61 -23.72 -21.35
CA ALA B 234 -10.93 -24.35 -21.46
C ALA B 234 -12.00 -23.53 -20.73
N MET B 235 -11.98 -22.21 -20.97
CA MET B 235 -12.93 -21.27 -20.38
C MET B 235 -13.39 -20.25 -21.42
N SER B 236 -14.62 -19.79 -21.31
CA SER B 236 -15.04 -18.65 -22.13
C SER B 236 -14.28 -17.41 -21.66
N PRO B 237 -13.67 -16.65 -22.58
CA PRO B 237 -12.82 -15.52 -22.16
C PRO B 237 -13.61 -14.24 -22.01
N ILE B 238 -12.93 -13.17 -21.62
CA ILE B 238 -13.44 -11.82 -21.80
C ILE B 238 -13.25 -11.49 -23.27
N SER B 239 -14.28 -11.72 -24.09
CA SER B 239 -14.18 -11.56 -25.54
C SER B 239 -14.52 -10.14 -26.01
N SER B 240 -15.05 -9.29 -25.15
CA SER B 240 -15.36 -7.91 -25.53
C SER B 240 -15.67 -7.13 -24.26
N GLY B 241 -15.98 -5.85 -24.44
CA GLY B 241 -16.35 -5.04 -23.30
C GLY B 241 -17.58 -5.53 -22.59
N ARG B 242 -18.48 -6.20 -23.32
CA ARG B 242 -19.79 -6.60 -22.79
C ARG B 242 -19.93 -8.11 -22.56
N ALA B 243 -18.93 -8.92 -22.91
CA ALA B 243 -19.04 -10.38 -22.81
C ALA B 243 -17.83 -10.88 -22.02
N MET B 244 -17.98 -10.98 -20.70
CA MET B 244 -16.83 -11.28 -19.85
C MET B 244 -16.61 -12.77 -19.60
N GLY B 245 -17.59 -13.62 -19.88
CA GLY B 245 -17.42 -15.06 -19.82
C GLY B 245 -17.02 -15.56 -18.42
N VAL B 246 -16.55 -16.80 -18.39
CA VAL B 246 -16.12 -17.43 -17.14
C VAL B 246 -14.88 -16.74 -16.60
N VAL B 247 -13.91 -16.44 -17.47
CA VAL B 247 -12.69 -15.76 -17.05
C VAL B 247 -13.04 -14.47 -16.31
N GLY B 248 -13.91 -13.65 -16.89
CA GLY B 248 -14.28 -12.41 -16.24
C GLY B 248 -15.02 -12.62 -14.93
N ALA B 249 -15.90 -13.61 -14.88
CA ALA B 249 -16.60 -13.93 -13.64
C ALA B 249 -15.62 -14.33 -12.54
N VAL B 250 -14.61 -15.13 -12.89
CA VAL B 250 -13.62 -15.53 -11.89
C VAL B 250 -12.80 -14.33 -11.43
N LEU B 251 -12.33 -13.52 -12.39
CA LEU B 251 -11.47 -12.39 -12.03
C LEU B 251 -12.21 -11.36 -11.20
N ASP B 252 -13.47 -11.09 -11.55
CA ASP B 252 -14.34 -10.11 -10.89
C ASP B 252 -15.13 -10.75 -9.76
N SER B 253 -14.43 -11.53 -8.94
CA SER B 253 -15.01 -12.21 -7.78
C SER B 253 -13.90 -12.39 -6.76
N ASP B 254 -14.24 -12.92 -5.58
CA ASP B 254 -13.23 -13.15 -4.56
C ASP B 254 -12.83 -14.62 -4.44
N ILE B 255 -13.15 -15.46 -5.43
CA ILE B 255 -12.83 -16.88 -5.29
C ILE B 255 -11.35 -17.11 -5.56
N TYR B 256 -10.82 -18.20 -4.98
CA TYR B 256 -9.52 -18.71 -5.34
C TYR B 256 -9.53 -19.26 -6.76
N THR B 257 -8.39 -19.18 -7.44
CA THR B 257 -8.30 -19.78 -8.76
C THR B 257 -6.88 -20.30 -8.97
N GLY B 258 -6.77 -21.41 -9.69
CA GLY B 258 -5.49 -21.97 -10.03
C GLY B 258 -5.06 -21.53 -11.42
N ILE B 259 -3.75 -21.53 -11.65
CA ILE B 259 -3.20 -21.09 -12.92
C ILE B 259 -1.93 -21.89 -13.19
N ILE B 260 -1.69 -22.22 -14.44
CA ILE B 260 -0.52 -22.99 -14.85
C ILE B 260 0.57 -22.02 -15.28
N VAL B 261 1.81 -22.24 -14.81
CA VAL B 261 2.89 -21.29 -15.04
C VAL B 261 4.02 -22.00 -15.77
N ASP B 262 3.69 -22.64 -16.88
CA ASP B 262 4.70 -23.24 -17.75
C ASP B 262 5.03 -22.35 -18.94
N GLY B 263 4.42 -21.17 -19.02
CA GLY B 263 4.62 -20.31 -20.17
C GLY B 263 4.03 -20.81 -21.47
N LEU B 264 3.45 -22.00 -21.48
CA LEU B 264 2.82 -22.57 -22.68
C LEU B 264 1.30 -22.57 -22.59
N HIS B 265 0.74 -22.85 -21.41
CA HIS B 265 -0.71 -22.80 -21.24
C HIS B 265 -1.22 -21.37 -21.19
N VAL B 266 -0.49 -20.49 -20.51
CA VAL B 266 -0.90 -19.10 -20.29
C VAL B 266 0.31 -18.21 -20.54
N ASP B 267 0.16 -17.19 -21.38
CA ASP B 267 1.24 -16.23 -21.57
C ASP B 267 1.60 -15.60 -20.22
N TYR B 268 2.89 -15.37 -20.02
CA TYR B 268 3.34 -14.79 -18.76
C TYR B 268 2.70 -13.43 -18.50
N GLY B 269 2.48 -12.64 -19.56
CA GLY B 269 1.78 -11.37 -19.38
C GLY B 269 0.38 -11.53 -18.81
N ASN B 270 -0.35 -12.56 -19.27
CA ASN B 270 -1.67 -12.84 -18.68
C ASN B 270 -1.55 -13.13 -17.19
N ILE B 271 -0.54 -13.91 -16.80
CA ILE B 271 -0.33 -14.20 -15.38
C ILE B 271 -0.05 -12.91 -14.61
N ARG B 272 0.75 -12.00 -15.19
CA ARG B 272 1.00 -10.71 -14.56
C ARG B 272 -0.32 -10.00 -14.26
N LEU B 273 -1.19 -9.90 -15.27
CA LEU B 273 -2.48 -9.25 -15.12
C LEU B 273 -3.33 -9.95 -14.08
N ASP B 274 -3.41 -11.28 -14.16
CA ASP B 274 -4.26 -12.02 -13.24
C ASP B 274 -3.78 -11.89 -11.80
N LYS B 275 -2.47 -11.82 -11.59
CA LYS B 275 -1.92 -11.62 -10.25
C LYS B 275 -2.25 -10.23 -9.73
N LYS B 276 -2.13 -9.21 -10.59
CA LYS B 276 -2.48 -7.87 -10.15
C LYS B 276 -3.94 -7.81 -9.74
N VAL B 277 -4.80 -8.59 -10.40
CA VAL B 277 -6.22 -8.57 -10.09
C VAL B 277 -6.53 -9.42 -8.87
N LYS B 278 -5.97 -10.63 -8.81
CA LYS B 278 -6.41 -11.62 -7.84
C LYS B 278 -5.63 -11.56 -6.54
N GLY B 279 -4.40 -11.05 -6.54
CA GLY B 279 -3.65 -10.90 -5.30
C GLY B 279 -3.46 -12.24 -4.61
N ASP B 280 -3.93 -12.35 -3.37
CA ASP B 280 -3.68 -13.55 -2.59
C ASP B 280 -4.69 -14.66 -2.85
N LYS B 281 -5.48 -14.54 -3.93
CA LYS B 281 -6.40 -15.60 -4.33
C LYS B 281 -5.89 -16.40 -5.53
N LEU B 282 -4.71 -16.08 -6.06
CA LEU B 282 -4.19 -16.79 -7.23
C LEU B 282 -3.25 -17.90 -6.77
N CYS B 283 -3.56 -19.16 -7.11
CA CYS B 283 -2.79 -20.33 -6.74
C CYS B 283 -2.09 -20.91 -7.96
N ILE B 284 -0.89 -21.42 -7.77
CA ILE B 284 -0.18 -22.12 -8.84
C ILE B 284 -0.54 -23.60 -8.74
N VAL B 285 -0.94 -24.20 -9.87
CA VAL B 285 -1.09 -25.65 -9.99
C VAL B 285 -0.16 -26.11 -11.11
N THR B 286 0.15 -27.41 -11.11
CA THR B 286 0.91 -27.92 -12.25
C THR B 286 0.02 -28.45 -13.36
N ASP B 287 -1.11 -29.07 -13.03
CA ASP B 287 -1.90 -29.81 -14.01
C ASP B 287 -1.02 -30.85 -14.72
N ALA B 288 -0.09 -31.43 -13.98
CA ALA B 288 0.97 -32.19 -14.63
C ALA B 288 0.53 -33.61 -14.93
N THR B 289 1.39 -34.32 -15.66
CA THR B 289 1.08 -35.62 -16.22
C THR B 289 2.28 -36.52 -16.00
N ALA B 290 2.18 -37.76 -16.52
CA ALA B 290 3.24 -38.75 -16.35
C ALA B 290 4.61 -38.25 -16.79
N ALA B 291 4.66 -37.26 -17.69
CA ALA B 291 5.93 -36.71 -18.14
C ALA B 291 6.67 -35.98 -17.03
N ALA B 292 5.95 -35.43 -16.05
CA ALA B 292 6.62 -34.68 -14.99
C ALA B 292 7.42 -35.60 -14.09
N GLY B 293 8.70 -35.31 -13.93
CA GLY B 293 9.54 -36.16 -13.11
C GLY B 293 9.97 -37.44 -13.78
N ALA B 294 9.79 -37.54 -15.09
CA ALA B 294 10.21 -38.72 -15.85
C ALA B 294 10.84 -38.25 -17.16
N ASP B 295 11.42 -39.20 -17.89
CA ASP B 295 12.01 -38.95 -19.21
C ASP B 295 11.30 -39.88 -20.19
N ILE B 296 10.10 -39.50 -20.60
CA ILE B 296 9.29 -40.26 -21.53
C ILE B 296 8.90 -39.34 -22.68
N ASP B 297 8.65 -39.94 -23.85
CA ASP B 297 8.23 -39.18 -25.01
C ASP B 297 6.72 -39.20 -25.23
N SER B 298 6.00 -40.06 -24.49
CA SER B 298 4.57 -40.19 -24.65
C SER B 298 4.00 -40.97 -23.47
N PHE B 299 2.69 -40.87 -23.29
CA PHE B 299 1.96 -41.68 -22.32
C PHE B 299 0.53 -41.82 -22.83
N VAL B 300 -0.26 -42.66 -22.16
CA VAL B 300 -1.66 -42.86 -22.50
C VAL B 300 -2.54 -42.14 -21.48
N PHE B 301 -3.60 -41.48 -21.97
CA PHE B 301 -4.52 -40.67 -21.15
C PHE B 301 -5.94 -40.96 -21.66
N VAL B 302 -6.63 -41.89 -20.99
CA VAL B 302 -7.99 -42.31 -21.33
C VAL B 302 -8.08 -42.65 -22.82
N GLY B 303 -7.25 -43.59 -23.27
CA GLY B 303 -7.32 -44.12 -24.63
C GLY B 303 -6.50 -43.37 -25.65
N LYS B 304 -6.13 -42.12 -25.37
CA LYS B 304 -5.40 -41.28 -26.31
C LYS B 304 -3.91 -41.25 -25.96
N THR B 305 -3.07 -41.38 -26.98
CA THR B 305 -1.66 -41.13 -26.80
C THR B 305 -1.43 -39.64 -26.68
N VAL B 306 -0.67 -39.23 -25.67
CA VAL B 306 -0.26 -37.83 -25.51
C VAL B 306 1.25 -37.77 -25.63
N TYR B 307 1.74 -36.88 -26.47
CA TYR B 307 3.15 -36.76 -26.75
C TYR B 307 3.77 -35.64 -25.94
N VAL B 308 5.04 -35.83 -25.57
CA VAL B 308 5.80 -34.86 -24.79
C VAL B 308 6.86 -34.31 -25.72
N ARG B 309 6.73 -33.03 -26.07
CA ARG B 309 7.63 -32.41 -27.04
C ARG B 309 7.82 -30.95 -26.67
N ASP B 310 9.05 -30.56 -26.35
CA ASP B 310 9.38 -29.16 -26.07
C ASP B 310 8.54 -28.60 -24.92
N GLY B 311 8.46 -29.38 -23.83
CA GLY B 311 7.68 -29.00 -22.68
C GLY B 311 6.17 -29.07 -22.86
N LYS B 312 5.68 -29.40 -24.05
CA LYS B 312 4.27 -29.49 -24.35
C LYS B 312 3.80 -30.93 -24.27
N CYS B 313 2.56 -31.12 -23.82
CA CYS B 313 1.87 -32.41 -23.87
C CYS B 313 0.66 -32.25 -24.78
N TYR B 314 0.63 -33.01 -25.88
CA TYR B 314 -0.48 -32.87 -26.82
C TYR B 314 -0.74 -34.20 -27.51
N ASP B 315 -2.02 -34.43 -27.87
CA ASP B 315 -2.35 -35.67 -28.54
C ASP B 315 -2.08 -35.53 -30.04
N SER B 316 -2.42 -36.58 -30.80
CA SER B 316 -2.00 -36.66 -32.20
C SER B 316 -2.54 -35.50 -33.03
N ASN B 317 -3.70 -34.96 -32.68
CA ASN B 317 -4.27 -33.80 -33.36
C ASN B 317 -3.85 -32.45 -32.75
N GLY B 318 -2.89 -32.45 -31.82
CA GLY B 318 -2.34 -31.22 -31.31
C GLY B 318 -3.10 -30.57 -30.16
N THR B 319 -4.08 -31.25 -29.58
CA THR B 319 -4.76 -30.71 -28.40
C THR B 319 -3.89 -30.85 -27.16
N LEU B 320 -3.77 -29.78 -26.37
CA LEU B 320 -2.98 -29.85 -25.13
C LEU B 320 -3.67 -30.77 -24.13
N GLY B 321 -2.90 -31.67 -23.52
CA GLY B 321 -3.43 -32.64 -22.57
C GLY B 321 -2.66 -32.70 -21.27
N GLY B 322 -2.75 -31.63 -20.48
CA GLY B 322 -1.97 -31.50 -19.27
C GLY B 322 -0.68 -30.78 -19.52
N ALA B 323 0.14 -30.69 -18.46
CA ALA B 323 1.38 -29.92 -18.49
C ALA B 323 2.53 -30.81 -18.07
N ALA B 324 3.73 -30.47 -18.53
CA ALA B 324 4.97 -31.09 -18.09
C ALA B 324 5.73 -30.03 -17.31
N ILE B 325 5.33 -29.85 -16.06
CA ILE B 325 5.92 -28.84 -15.19
C ILE B 325 5.77 -29.36 -13.77
N THR B 326 6.67 -28.91 -12.89
CA THR B 326 6.59 -29.23 -11.49
C THR B 326 6.40 -27.94 -10.70
N MET B 327 6.14 -28.08 -9.40
CA MET B 327 5.91 -26.89 -8.59
C MET B 327 7.17 -26.02 -8.54
N ILE B 328 8.35 -26.62 -8.30
CA ILE B 328 9.54 -25.78 -8.20
C ILE B 328 9.86 -25.10 -9.54
N GLU B 329 9.60 -25.80 -10.66
CA GLU B 329 9.83 -25.13 -11.95
C GLU B 329 8.86 -23.96 -12.12
N SER B 330 7.64 -24.10 -11.62
CA SER B 330 6.66 -23.04 -11.71
C SER B 330 7.06 -21.84 -10.84
N VAL B 331 7.66 -22.10 -9.68
CA VAL B 331 8.19 -21.04 -8.82
C VAL B 331 9.24 -20.25 -9.59
N LYS B 332 10.17 -20.94 -10.23
CA LYS B 332 11.19 -20.27 -11.04
C LYS B 332 10.54 -19.42 -12.13
N ASN B 333 9.54 -19.96 -12.83
CA ASN B 333 8.93 -19.18 -13.90
C ASN B 333 8.18 -17.98 -13.34
N ALA B 334 7.50 -18.14 -12.20
CA ALA B 334 6.76 -17.02 -11.62
C ALA B 334 7.72 -15.92 -11.19
N VAL B 335 8.89 -16.27 -10.65
CA VAL B 335 9.84 -15.28 -10.18
C VAL B 335 10.54 -14.61 -11.36
N GLN B 336 11.07 -15.41 -12.29
CA GLN B 336 11.96 -14.88 -13.31
C GLN B 336 11.24 -14.38 -14.55
N GLU B 337 10.07 -14.94 -14.86
CA GLU B 337 9.36 -14.59 -16.08
C GLU B 337 8.13 -13.74 -15.82
N VAL B 338 7.38 -14.03 -14.76
CA VAL B 338 6.22 -13.21 -14.47
C VAL B 338 6.61 -11.97 -13.68
N GLY B 339 7.60 -12.08 -12.80
CA GLY B 339 8.03 -10.97 -11.99
C GLY B 339 7.45 -10.90 -10.60
N ILE B 340 6.91 -12.00 -10.09
CA ILE B 340 6.35 -12.03 -8.74
C ILE B 340 7.49 -12.24 -7.74
N PRO B 341 7.52 -11.49 -6.63
CA PRO B 341 8.59 -11.69 -5.64
C PRO B 341 8.60 -13.11 -5.11
N LEU B 342 9.79 -13.56 -4.69
CA LEU B 342 9.93 -14.95 -4.28
C LEU B 342 8.96 -15.29 -3.15
N ASP B 343 8.89 -14.45 -2.11
CA ASP B 343 8.08 -14.83 -0.95
C ASP B 343 6.59 -14.92 -1.32
N GLU B 344 6.12 -14.04 -2.22
CA GLU B 344 4.74 -14.14 -2.69
C GLU B 344 4.54 -15.35 -3.58
N THR B 345 5.49 -15.64 -4.48
CA THR B 345 5.40 -16.84 -5.30
C THR B 345 5.26 -18.09 -4.44
N LEU B 346 6.07 -18.21 -3.38
CA LEU B 346 5.95 -19.39 -2.51
C LEU B 346 4.55 -19.50 -1.91
N ARG B 347 3.97 -18.38 -1.45
CA ARG B 347 2.62 -18.43 -0.89
C ARG B 347 1.61 -18.97 -1.90
N MET B 348 1.82 -18.69 -3.18
CA MET B 348 0.92 -19.21 -4.21
C MET B 348 1.03 -20.71 -4.37
N CYS B 349 2.07 -21.32 -3.78
CA CYS B 349 2.35 -22.74 -3.91
C CYS B 349 2.14 -23.52 -2.62
N ASN B 350 2.03 -22.85 -1.47
CA ASN B 350 1.75 -23.57 -0.23
C ASN B 350 0.56 -22.94 0.50
N TYR B 351 0.73 -21.69 0.95
CA TYR B 351 -0.25 -21.09 1.84
C TYR B 351 -1.61 -20.88 1.16
N TYR B 352 -1.61 -20.31 -0.06
CA TYR B 352 -2.89 -20.02 -0.71
C TYR B 352 -3.63 -21.29 -1.12
N PRO B 353 -3.00 -22.28 -1.76
CA PRO B 353 -3.74 -23.52 -2.02
C PRO B 353 -4.23 -24.20 -0.76
N ALA B 354 -3.48 -24.10 0.35
CA ALA B 354 -3.97 -24.62 1.62
C ALA B 354 -5.27 -23.94 2.02
N LYS B 355 -5.30 -22.60 1.92
CA LYS B 355 -6.51 -21.87 2.25
C LYS B 355 -7.64 -22.22 1.28
N ALA B 356 -7.31 -22.40 0.00
CA ALA B 356 -8.34 -22.66 -0.99
C ALA B 356 -9.14 -23.92 -0.67
N ILE B 357 -8.51 -24.95 -0.11
CA ILE B 357 -9.22 -26.19 0.19
C ILE B 357 -9.41 -26.40 1.68
N GLY B 358 -9.09 -25.40 2.49
CA GLY B 358 -9.41 -25.45 3.90
C GLY B 358 -8.58 -26.42 4.73
N VAL B 359 -7.32 -26.63 4.37
CA VAL B 359 -6.41 -27.37 5.24
C VAL B 359 -5.36 -26.47 5.88
N ASP B 360 -5.55 -25.15 5.83
CA ASP B 360 -4.52 -24.25 6.32
C ASP B 360 -4.34 -24.29 7.83
N HIS B 361 -5.27 -24.88 8.59
CA HIS B 361 -5.06 -25.01 10.03
C HIS B 361 -3.89 -25.93 10.35
N LYS B 362 -3.60 -26.91 9.48
CA LYS B 362 -2.53 -27.89 9.70
C LYS B 362 -1.40 -27.80 8.71
N LEU B 363 -1.65 -27.30 7.49
CA LEU B 363 -0.66 -27.33 6.40
C LEU B 363 -0.50 -25.95 5.80
N GLY B 364 0.59 -25.79 5.04
CA GLY B 364 0.73 -24.68 4.11
C GLY B 364 1.54 -23.49 4.60
N SER B 365 1.96 -23.48 5.86
CA SER B 365 2.76 -22.38 6.38
C SER B 365 3.60 -22.91 7.53
N ILE B 366 4.66 -22.17 7.86
CA ILE B 366 5.58 -22.56 8.92
C ILE B 366 5.15 -21.76 10.16
N GLU B 367 4.41 -22.43 11.03
CA GLU B 367 3.98 -21.88 12.31
C GLU B 367 4.06 -23.00 13.33
N VAL B 368 4.32 -22.63 14.59
CA VAL B 368 4.39 -23.63 15.66
C VAL B 368 3.05 -24.35 15.77
N GLY B 369 3.11 -25.68 15.88
CA GLY B 369 1.93 -26.49 16.00
C GLY B 369 1.39 -27.04 14.69
N LYS B 370 1.78 -26.46 13.56
CA LYS B 370 1.35 -27.01 12.28
C LYS B 370 2.24 -28.20 11.90
N ILE B 371 1.79 -28.95 10.89
CA ILE B 371 2.49 -30.15 10.47
C ILE B 371 3.80 -29.78 9.79
N ALA B 372 4.86 -30.54 10.08
CA ALA B 372 6.19 -30.30 9.51
C ALA B 372 6.28 -30.93 8.11
N ASN B 373 5.49 -30.38 7.19
CA ASN B 373 5.62 -30.62 5.76
C ASN B 373 6.42 -29.46 5.19
N LEU B 374 7.65 -29.73 4.74
CA LEU B 374 8.65 -28.69 4.49
C LEU B 374 9.42 -28.98 3.21
N THR B 375 9.88 -27.91 2.57
CA THR B 375 10.68 -28.01 1.36
C THR B 375 11.88 -27.09 1.46
N ALA B 376 13.07 -27.61 1.15
CA ALA B 376 14.31 -26.82 1.12
C ALA B 376 14.73 -26.68 -0.33
N PHE B 377 15.12 -25.46 -0.72
CA PHE B 377 15.45 -25.24 -2.13
C PHE B 377 16.51 -24.16 -2.25
N THR B 378 17.20 -24.17 -3.37
CA THR B 378 18.26 -23.21 -3.66
C THR B 378 17.72 -22.04 -4.45
N ASN B 379 18.57 -21.02 -4.61
CA ASN B 379 18.20 -19.84 -5.39
C ASN B 379 18.28 -20.06 -6.90
N ASP B 380 18.80 -21.19 -7.38
CA ASP B 380 18.52 -21.56 -8.76
C ASP B 380 17.38 -22.56 -8.85
N PHE B 381 16.58 -22.66 -7.78
CA PHE B 381 15.31 -23.39 -7.79
C PHE B 381 15.52 -24.89 -8.05
N ASN B 382 16.48 -25.46 -7.34
CA ASN B 382 16.63 -26.90 -7.20
C ASN B 382 16.20 -27.28 -5.79
N VAL B 383 15.43 -28.36 -5.68
CA VAL B 383 14.95 -28.81 -4.38
C VAL B 383 16.02 -29.68 -3.73
N LEU B 384 16.40 -29.31 -2.51
CA LEU B 384 17.41 -30.07 -1.77
C LEU B 384 16.81 -31.21 -0.97
N GLY B 385 15.55 -31.10 -0.56
CA GLY B 385 14.93 -32.15 0.22
C GLY B 385 13.59 -31.70 0.75
N THR B 386 12.89 -32.64 1.38
CA THR B 386 11.59 -32.35 1.96
C THR B 386 11.50 -33.03 3.32
N ALA B 387 10.61 -32.50 4.16
CA ALA B 387 10.09 -33.23 5.30
C ALA B 387 8.60 -33.44 5.07
N VAL B 388 8.13 -34.66 5.37
CA VAL B 388 6.73 -35.01 5.34
C VAL B 388 6.40 -35.60 6.70
N ASN B 389 5.43 -35.02 7.38
CA ASN B 389 5.12 -35.41 8.75
C ASN B 389 6.38 -35.45 9.62
N GLY B 390 7.27 -34.47 9.41
CA GLY B 390 8.51 -34.36 10.15
C GLY B 390 9.66 -35.23 9.67
N GLU B 391 9.43 -36.12 8.69
CA GLU B 391 10.47 -37.05 8.26
C GLU B 391 11.22 -36.46 7.06
N TRP B 392 12.50 -36.16 7.27
CA TRP B 392 13.34 -35.50 6.27
C TRP B 392 13.90 -36.50 5.27
N LYS B 393 13.93 -36.11 4.00
CA LYS B 393 14.52 -36.94 2.95
C LYS B 393 15.19 -36.02 1.95
N ALA B 394 16.50 -36.17 1.79
CA ALA B 394 17.25 -35.33 0.88
C ALA B 394 17.10 -35.84 -0.55
N ASN B 395 17.15 -34.92 -1.50
CA ASN B 395 17.02 -35.25 -2.91
C ASN B 395 18.25 -35.98 -3.42
N GLY C 16 -41.98 -1.46 15.80
CA GLY C 16 -40.80 -0.67 15.52
C GLY C 16 -40.99 0.36 14.41
N PHE C 17 -40.85 1.63 14.76
CA PHE C 17 -41.00 2.72 13.80
C PHE C 17 -39.93 2.64 12.71
N MET C 18 -40.36 2.71 11.45
CA MET C 18 -39.48 2.66 10.30
C MET C 18 -39.46 3.99 9.57
N TYR C 19 -38.27 4.40 9.13
CA TYR C 19 -38.09 5.61 8.32
C TYR C 19 -36.73 5.52 7.65
N ALA C 20 -36.41 6.52 6.84
CA ALA C 20 -35.18 6.46 6.05
C ALA C 20 -34.48 7.81 6.07
N PHE C 21 -33.14 7.76 6.06
CA PHE C 21 -32.31 8.91 5.72
C PHE C 21 -32.01 8.88 4.23
N VAL C 22 -32.19 10.02 3.55
CA VAL C 22 -31.91 10.12 2.12
C VAL C 22 -31.05 11.35 1.87
N ASN C 23 -30.44 11.39 0.68
CA ASN C 23 -29.62 12.53 0.23
C ASN C 23 -28.43 12.79 1.17
N ALA C 24 -27.69 11.73 1.48
CA ALA C 24 -26.50 11.84 2.32
C ALA C 24 -25.38 11.02 1.71
N VAL C 25 -24.14 11.46 1.95
CA VAL C 25 -22.98 10.61 1.72
C VAL C 25 -22.79 9.78 2.97
N ILE C 26 -22.86 8.46 2.84
CA ILE C 26 -22.89 7.57 3.99
C ILE C 26 -21.51 6.97 4.22
N TYR C 27 -20.90 7.29 5.37
CA TYR C 27 -19.60 6.75 5.76
C TYR C 27 -19.82 5.55 6.67
N THR C 28 -19.68 4.33 6.13
CA THR C 28 -20.05 3.13 6.86
C THR C 28 -18.95 2.59 7.76
N ALA C 29 -17.72 3.11 7.62
CA ALA C 29 -16.47 2.59 8.20
C ALA C 29 -15.76 1.65 7.24
N LYS C 30 -16.50 0.99 6.35
CA LYS C 30 -15.87 0.18 5.32
C LYS C 30 -16.00 0.76 3.92
N ASP C 31 -16.93 1.68 3.70
CA ASP C 31 -17.18 2.24 2.37
C ASP C 31 -17.67 3.67 2.55
N VAL C 32 -17.59 4.45 1.47
CA VAL C 32 -18.19 5.79 1.41
C VAL C 32 -19.23 5.72 0.30
N LEU C 33 -20.51 5.77 0.67
CA LEU C 33 -21.60 5.44 -0.25
C LEU C 33 -22.28 6.69 -0.78
N TYR C 34 -22.44 6.76 -2.10
CA TYR C 34 -23.21 7.79 -2.78
C TYR C 34 -24.46 7.18 -3.41
N GLY C 35 -25.56 7.92 -3.39
CA GLY C 35 -26.78 7.47 -4.01
C GLY C 35 -27.55 6.45 -3.23
N LYS C 36 -27.25 6.27 -1.95
CA LYS C 36 -27.89 5.27 -1.12
C LYS C 36 -28.77 5.94 -0.07
N ALA C 37 -29.66 5.15 0.50
CA ALA C 37 -30.48 5.54 1.63
C ALA C 37 -30.26 4.57 2.77
N LEU C 38 -30.54 5.02 3.99
CA LEU C 38 -30.40 4.20 5.19
C LEU C 38 -31.76 4.09 5.83
N VAL C 39 -32.24 2.86 5.98
CA VAL C 39 -33.54 2.58 6.57
C VAL C 39 -33.33 2.14 8.02
N VAL C 40 -33.99 2.84 8.95
CA VAL C 40 -33.99 2.51 10.37
C VAL C 40 -35.28 1.75 10.68
N ASP C 41 -35.18 0.69 11.48
CA ASP C 41 -36.32 -0.08 11.95
C ASP C 41 -36.19 -0.24 13.46
N GLY C 42 -37.01 0.50 14.21
CA GLY C 42 -36.86 0.48 15.65
C GLY C 42 -35.52 1.07 16.07
N ASP C 43 -34.70 0.28 16.77
CA ASP C 43 -33.40 0.76 17.21
C ASP C 43 -32.26 0.24 16.33
N LYS C 44 -32.57 -0.37 15.19
CA LYS C 44 -31.56 -1.04 14.39
C LYS C 44 -31.48 -0.46 12.99
N ILE C 45 -30.28 -0.58 12.41
CA ILE C 45 -30.07 -0.31 11.00
C ILE C 45 -30.64 -1.47 10.20
N SER C 46 -31.65 -1.20 9.39
CA SER C 46 -32.44 -2.23 8.75
C SER C 46 -32.03 -2.52 7.31
N ALA C 47 -31.60 -1.49 6.55
CA ALA C 47 -31.27 -1.70 5.15
C ALA C 47 -30.46 -0.53 4.62
N ILE C 48 -29.63 -0.82 3.62
CA ILE C 48 -28.89 0.18 2.86
C ILE C 48 -29.26 -0.03 1.41
N LEU C 49 -30.03 0.90 0.84
CA LEU C 49 -30.70 0.74 -0.44
C LEU C 49 -30.35 1.89 -1.37
N PRO C 50 -30.40 1.66 -2.69
CA PRO C 50 -30.43 2.78 -3.63
C PRO C 50 -31.55 3.73 -3.24
N VAL C 51 -31.25 5.03 -3.25
CA VAL C 51 -32.20 6.02 -2.72
C VAL C 51 -33.53 5.93 -3.44
N GLU C 52 -33.51 5.57 -4.73
CA GLU C 52 -34.74 5.46 -5.50
C GLU C 52 -35.52 4.19 -5.23
N ASP C 53 -35.04 3.31 -4.34
CA ASP C 53 -35.74 2.10 -3.96
C ASP C 53 -36.33 2.17 -2.55
N VAL C 54 -36.34 3.34 -1.93
CA VAL C 54 -36.98 3.46 -0.61
C VAL C 54 -38.48 3.28 -0.76
N PRO C 55 -39.11 2.37 -0.02
CA PRO C 55 -40.56 2.23 -0.12
C PRO C 55 -41.26 3.57 0.08
N GLU C 56 -42.34 3.78 -0.68
CA GLU C 56 -42.99 5.10 -0.66
C GLU C 56 -43.81 5.35 0.60
N ASN C 57 -44.02 4.34 1.44
CA ASN C 57 -44.74 4.55 2.69
C ASN C 57 -43.82 4.98 3.84
N LEU C 58 -42.52 5.08 3.61
CA LEU C 58 -41.58 5.52 4.65
C LEU C 58 -41.41 7.02 4.61
N GLN C 59 -41.45 7.64 5.79
CA GLN C 59 -41.03 9.02 5.89
C GLN C 59 -39.52 9.10 5.72
N LYS C 60 -39.06 10.20 5.13
CA LYS C 60 -37.66 10.39 4.82
C LYS C 60 -37.12 11.60 5.56
N ILE C 61 -35.91 11.47 6.08
CA ILE C 61 -35.14 12.60 6.60
C ILE C 61 -34.14 12.97 5.51
N ASP C 62 -34.32 14.15 4.92
CA ASP C 62 -33.51 14.61 3.81
C ASP C 62 -32.29 15.36 4.38
N LEU C 63 -31.11 14.78 4.24
CA LEU C 63 -29.91 15.36 4.83
C LEU C 63 -29.22 16.36 3.91
N GLN C 64 -29.85 16.70 2.78
CA GLN C 64 -29.44 17.82 1.94
CA GLN C 64 -29.44 17.82 1.93
C GLN C 64 -28.00 17.67 1.42
N GLY C 65 -27.61 16.45 1.11
CA GLY C 65 -26.28 16.24 0.57
C GLY C 65 -25.15 16.19 1.58
N ASN C 66 -25.48 16.25 2.87
CA ASN C 66 -24.44 16.23 3.90
C ASN C 66 -24.03 14.81 4.26
N ASN C 67 -23.34 14.62 5.39
CA ASN C 67 -22.67 13.36 5.68
C ASN C 67 -23.37 12.59 6.80
N LEU C 68 -23.37 11.26 6.68
CA LEU C 68 -23.97 10.39 7.67
C LEU C 68 -22.96 9.30 8.07
N THR C 69 -22.81 9.07 9.36
CA THR C 69 -21.84 8.10 9.87
C THR C 69 -22.35 7.57 11.22
N ALA C 70 -21.73 6.50 11.71
CA ALA C 70 -22.11 5.99 13.02
C ALA C 70 -21.78 7.02 14.09
N GLY C 71 -22.62 7.10 15.12
CA GLY C 71 -22.38 8.06 16.19
C GLY C 71 -21.01 7.87 16.82
N PHE C 72 -20.42 8.99 17.25
CA PHE C 72 -19.10 8.94 17.83
C PHE C 72 -19.15 8.36 19.24
N ILE C 73 -18.04 7.77 19.67
CA ILE C 73 -17.90 7.12 20.97
C ILE C 73 -16.69 7.71 21.67
N ASP C 74 -16.91 8.40 22.80
CA ASP C 74 -15.87 9.15 23.51
C ASP C 74 -15.41 8.35 24.73
N LEU C 75 -14.19 7.84 24.68
CA LEU C 75 -13.72 6.90 25.70
C LEU C 75 -13.13 7.59 26.92
N GLN C 76 -13.01 8.92 26.92
CA GLN C 76 -12.54 9.64 28.09
C GLN C 76 -13.30 10.97 28.15
N LEU C 77 -14.19 11.11 29.12
CA LEU C 77 -15.04 12.30 29.19
C LEU C 77 -15.31 12.58 30.65
N ASN C 78 -14.66 13.63 31.19
CA ASN C 78 -14.83 13.96 32.60
C ASN C 78 -16.11 14.72 32.90
N GLY C 79 -16.57 15.51 31.94
CA GLY C 79 -17.70 16.41 32.12
C GLY C 79 -17.89 17.15 30.81
N CYS C 80 -18.99 17.91 30.76
CA CYS C 80 -19.31 18.77 29.62
C CYS C 80 -20.61 19.48 29.96
N GLY C 81 -20.98 20.45 29.11
CA GLY C 81 -22.19 21.22 29.35
C GLY C 81 -22.24 21.86 30.73
N GLY C 82 -21.08 22.23 31.26
CA GLY C 82 -20.98 22.87 32.56
C GLY C 82 -21.05 21.97 33.78
N VAL C 83 -21.02 20.63 33.62
CA VAL C 83 -21.01 19.75 34.79
C VAL C 83 -19.74 18.89 34.76
N MET C 84 -19.39 18.35 35.92
CA MET C 84 -18.27 17.43 36.10
C MET C 84 -18.76 16.21 36.88
N PHE C 85 -18.50 15.01 36.36
CA PHE C 85 -18.98 13.80 37.02
C PHE C 85 -18.38 13.64 38.42
N ASN C 86 -17.09 13.96 38.57
CA ASN C 86 -16.46 13.90 39.89
C ASN C 86 -17.15 14.82 40.89
N GLU C 87 -17.65 15.97 40.42
CA GLU C 87 -18.20 17.00 41.31
C GLU C 87 -19.66 16.78 41.67
N ASP C 88 -20.44 16.11 40.82
CA ASP C 88 -21.84 15.77 41.11
C ASP C 88 -22.05 14.33 40.63
N ILE C 89 -21.93 13.39 41.55
CA ILE C 89 -21.98 11.97 41.23
C ILE C 89 -23.44 11.55 41.19
N SER C 90 -24.09 11.67 40.04
CA SER C 90 -25.52 11.40 39.98
C SER C 90 -25.93 10.96 38.59
N VAL C 91 -27.08 10.29 38.52
CA VAL C 91 -27.66 9.94 37.23
C VAL C 91 -27.95 11.20 36.41
N LYS C 92 -28.41 12.27 37.09
CA LYS C 92 -28.70 13.51 36.38
C LYS C 92 -27.48 14.03 35.66
N THR C 93 -26.31 13.96 36.29
CA THR C 93 -25.08 14.42 35.62
C THR C 93 -24.84 13.64 34.33
N LEU C 94 -24.99 12.31 34.38
CA LEU C 94 -24.76 11.50 33.19
C LEU C 94 -25.78 11.81 32.09
N GLU C 95 -27.00 12.16 32.48
CA GLU C 95 -28.02 12.53 31.50
C GLU C 95 -27.69 13.84 30.83
N ILE C 96 -27.17 14.81 31.59
CA ILE C 96 -26.78 16.09 31.00
C ILE C 96 -25.62 15.91 30.05
N MET C 97 -24.60 15.14 30.47
CA MET C 97 -23.45 14.88 29.61
C MET C 97 -23.88 14.22 28.30
N GLN C 98 -24.78 13.23 28.39
CA GLN C 98 -25.26 12.57 27.17
C GLN C 98 -25.96 13.56 26.24
N GLU C 99 -26.88 14.35 26.81
CA GLU C 99 -27.62 15.34 26.03
C GLU C 99 -26.67 16.36 25.41
N THR C 100 -25.67 16.80 26.17
CA THR C 100 -24.68 17.74 25.62
C THR C 100 -23.90 17.09 24.49
N ASN C 101 -23.48 15.83 24.67
CA ASN C 101 -22.69 15.12 23.66
C ASN C 101 -23.39 15.06 22.31
N LEU C 102 -24.72 14.86 22.31
CA LEU C 102 -25.44 14.79 21.04
C LEU C 102 -25.21 16.04 20.17
N LYS C 103 -25.02 17.21 20.80
CA LYS C 103 -24.85 18.44 20.03
C LYS C 103 -23.57 18.45 19.21
N SER C 104 -22.59 17.62 19.58
CA SER C 104 -21.36 17.49 18.83
C SER C 104 -21.17 16.09 18.26
N GLY C 105 -22.26 15.33 18.15
CA GLY C 105 -22.26 14.08 17.39
C GLY C 105 -21.87 12.82 18.16
N THR C 106 -21.75 12.91 19.47
CA THR C 106 -21.26 11.79 20.29
C THR C 106 -22.45 11.09 20.93
N THR C 107 -22.71 9.85 20.49
CA THR C 107 -23.87 9.13 20.96
C THR C 107 -23.58 8.17 22.11
N SER C 108 -22.30 7.81 22.32
CA SER C 108 -21.91 6.98 23.46
C SER C 108 -20.66 7.57 24.10
N TYR C 109 -20.48 7.31 25.40
CA TYR C 109 -19.29 7.75 26.10
C TYR C 109 -19.08 6.92 27.35
N LEU C 110 -17.85 6.99 27.88
CA LEU C 110 -17.51 6.43 29.18
C LEU C 110 -17.42 7.57 30.17
N PRO C 111 -18.33 7.69 31.13
CA PRO C 111 -18.15 8.70 32.19
C PRO C 111 -16.84 8.42 32.91
N THR C 112 -15.96 9.42 32.92
CA THR C 112 -14.61 9.26 33.46
C THR C 112 -14.56 9.87 34.85
N PHE C 113 -14.13 9.07 35.82
CA PHE C 113 -14.08 9.44 37.23
C PHE C 113 -12.61 9.38 37.66
N ILE C 114 -12.01 10.53 37.98
CA ILE C 114 -10.56 10.56 38.21
C ILE C 114 -10.22 10.38 39.69
N THR C 115 -8.93 10.16 39.94
CA THR C 115 -8.28 10.03 41.25
C THR C 115 -8.96 10.76 42.40
N SER C 116 -9.49 10.01 43.36
CA SER C 116 -10.17 10.54 44.55
C SER C 116 -10.42 9.42 45.55
N PRO C 117 -10.98 9.67 46.74
CA PRO C 117 -11.10 8.60 47.74
C PRO C 117 -12.06 7.48 47.34
N ASP C 118 -11.90 6.35 48.05
CA ASP C 118 -12.70 5.15 47.79
C ASP C 118 -14.20 5.41 47.82
N GLU C 119 -14.65 6.29 48.71
CA GLU C 119 -16.09 6.46 48.89
C GLU C 119 -16.75 6.98 47.61
N GLY C 120 -16.10 7.94 46.95
CA GLY C 120 -16.65 8.43 45.70
C GLY C 120 -16.64 7.38 44.59
N MET C 121 -15.62 6.52 44.58
CA MET C 121 -15.59 5.44 43.60
C MET C 121 -16.76 4.50 43.80
N LYS C 122 -17.10 4.19 45.05
CA LYS C 122 -18.26 3.35 45.31
C LYS C 122 -19.56 4.06 44.94
N ASP C 123 -19.64 5.37 45.19
CA ASP C 123 -20.80 6.13 44.74
C ASP C 123 -20.92 6.10 43.22
N ALA C 124 -19.79 6.26 42.53
CA ALA C 124 -19.81 6.30 41.07
C ALA C 124 -20.29 4.99 40.48
N VAL C 125 -19.90 3.87 41.11
CA VAL C 125 -20.39 2.56 40.68
C VAL C 125 -21.89 2.46 40.91
N LYS C 126 -22.37 2.91 42.08
CA LYS C 126 -23.81 2.86 42.32
C LYS C 126 -24.57 3.68 41.28
N VAL C 127 -24.06 4.86 40.96
CA VAL C 127 -24.74 5.73 40.01
C VAL C 127 -24.70 5.14 38.60
N MET C 128 -23.57 4.54 38.22
CA MET C 128 -23.48 3.90 36.91
C MET C 128 -24.51 2.78 36.79
N ARG C 129 -24.64 1.96 37.85
CA ARG C 129 -25.61 0.89 37.82
C ARG C 129 -27.04 1.44 37.71
N GLU C 130 -27.35 2.48 38.48
CA GLU C 130 -28.70 3.04 38.41
C GLU C 130 -28.99 3.58 37.01
N TYR C 131 -28.02 4.29 36.42
CA TYR C 131 -28.19 4.80 35.07
C TYR C 131 -28.50 3.67 34.10
N LEU C 132 -27.82 2.53 34.25
CA LEU C 132 -27.96 1.42 33.32
C LEU C 132 -29.23 0.61 33.54
N THR C 133 -29.95 0.81 34.63
CA THR C 133 -31.29 0.25 34.70
C THR C 133 -32.24 0.86 33.67
N GLN C 134 -31.90 2.03 33.13
CA GLN C 134 -32.78 2.84 32.30
C GLN C 134 -32.27 3.07 30.88
N TYR C 135 -30.97 3.23 30.68
CA TYR C 135 -30.44 3.70 29.40
C TYR C 135 -29.48 2.69 28.78
N LYS C 136 -29.62 2.48 27.47
CA LYS C 136 -28.78 1.58 26.71
C LYS C 136 -28.05 2.34 25.60
N ASN C 137 -26.79 1.95 25.37
CA ASN C 137 -25.98 2.43 24.27
C ASN C 137 -25.66 3.92 24.36
N GLN C 138 -25.66 4.50 25.57
CA GLN C 138 -25.40 5.91 25.76
C GLN C 138 -24.17 6.02 26.64
N ALA C 139 -24.30 6.39 27.92
CA ALA C 139 -23.18 6.19 28.83
C ALA C 139 -23.02 4.69 29.06
N LEU C 140 -21.89 4.12 28.65
CA LEU C 140 -21.79 2.66 28.55
C LEU C 140 -21.31 2.00 29.83
N GLY C 141 -20.46 2.68 30.61
CA GLY C 141 -19.81 2.08 31.75
C GLY C 141 -18.71 3.00 32.22
N LEU C 142 -18.19 2.78 33.43
CA LEU C 142 -17.24 3.70 34.01
C LEU C 142 -15.85 3.56 33.39
N HIS C 143 -15.16 4.68 33.29
CA HIS C 143 -13.72 4.74 33.10
C HIS C 143 -13.14 5.34 34.38
N PHE C 144 -12.55 4.48 35.21
CA PHE C 144 -11.80 4.95 36.38
C PHE C 144 -10.41 5.37 35.92
N GLU C 145 -10.13 6.67 35.90
CA GLU C 145 -8.80 7.16 35.55
C GLU C 145 -8.08 7.48 36.85
N GLY C 146 -7.23 6.56 37.29
CA GLY C 146 -6.70 6.63 38.63
C GLY C 146 -7.60 5.87 39.57
N PRO C 147 -7.25 5.82 40.86
CA PRO C 147 -6.13 6.53 41.48
C PRO C 147 -4.78 5.78 41.49
N TYR C 148 -4.69 4.64 40.81
CA TYR C 148 -3.49 3.80 40.92
C TYR C 148 -2.46 4.25 39.87
N LEU C 149 -1.96 5.46 40.08
CA LEU C 149 -1.13 6.15 39.13
C LEU C 149 0.26 6.32 39.70
N SER C 150 0.99 7.29 39.18
CA SER C 150 2.29 7.66 39.72
C SER C 150 2.27 9.15 40.05
N VAL C 151 3.01 9.51 41.10
CA VAL C 151 3.04 10.90 41.52
C VAL C 151 3.84 11.75 40.53
N GLU C 152 4.85 11.17 39.89
CA GLU C 152 5.66 11.95 38.95
C GLU C 152 4.89 12.31 37.68
N LYS C 153 3.85 11.55 37.32
CA LYS C 153 3.03 11.93 36.16
C LYS C 153 1.59 12.14 36.58
N LYS C 154 1.37 12.88 37.67
CA LYS C 154 0.02 13.08 38.20
C LYS C 154 -0.82 14.05 37.38
N GLY C 155 -0.19 14.96 36.63
CA GLY C 155 -0.95 16.01 35.98
C GLY C 155 -1.69 16.83 37.03
N VAL C 156 -3.01 17.00 36.84
CA VAL C 156 -3.82 17.72 37.81
C VAL C 156 -4.42 16.80 38.87
N HIS C 157 -4.14 15.50 38.83
CA HIS C 157 -4.67 14.59 39.83
C HIS C 157 -4.04 14.84 41.19
N ARG C 158 -4.83 14.64 42.25
CA ARG C 158 -4.40 14.98 43.60
C ARG C 158 -3.37 13.98 44.12
N GLU C 159 -2.17 14.46 44.44
CA GLU C 159 -1.10 13.59 44.89
C GLU C 159 -1.47 12.81 46.14
N GLU C 160 -2.22 13.42 47.06
CA GLU C 160 -2.58 12.74 48.30
C GLU C 160 -3.51 11.55 48.09
N TYR C 161 -4.14 11.42 46.91
CA TYR C 161 -5.03 10.30 46.63
C TYR C 161 -4.40 9.22 45.75
N ILE C 162 -3.25 9.49 45.13
CA ILE C 162 -2.58 8.50 44.30
C ILE C 162 -2.03 7.41 45.23
N ARG C 163 -2.41 6.17 44.99
CA ARG C 163 -2.11 5.11 45.94
C ARG C 163 -1.99 3.79 45.20
N ALA C 164 -1.70 2.74 45.96
CA ALA C 164 -1.71 1.38 45.46
C ALA C 164 -2.92 0.66 46.05
N ILE C 165 -3.54 -0.23 45.25
CA ILE C 165 -4.83 -0.79 45.61
C ILE C 165 -4.69 -1.80 46.75
N SER C 166 -5.64 -1.77 47.67
CA SER C 166 -5.79 -2.79 48.70
C SER C 166 -6.42 -4.06 48.11
N PRO C 167 -6.21 -5.22 48.75
CA PRO C 167 -6.94 -6.41 48.28
C PRO C 167 -8.45 -6.23 48.36
N GLU C 168 -8.94 -5.43 49.32
CA GLU C 168 -10.37 -5.20 49.44
C GLU C 168 -10.91 -4.39 48.26
N MET C 169 -10.21 -3.32 47.87
CA MET C 169 -10.65 -2.54 46.72
C MET C 169 -10.45 -3.30 45.42
N LYS C 170 -9.44 -4.16 45.35
CA LYS C 170 -9.29 -5.02 44.17
C LYS C 170 -10.50 -5.92 44.00
N THR C 171 -10.97 -6.52 45.10
CA THR C 171 -12.17 -7.33 45.06
C THR C 171 -13.39 -6.50 44.67
N PHE C 172 -13.51 -5.31 45.25
CA PHE C 172 -14.66 -4.45 44.95
C PHE C 172 -14.74 -4.15 43.46
N LEU C 173 -13.61 -3.81 42.85
CA LEU C 173 -13.63 -3.43 41.44
C LEU C 173 -13.96 -4.61 40.55
N CYS C 174 -13.33 -5.78 40.80
CA CYS C 174 -13.65 -6.97 40.02
C CYS C 174 -15.09 -7.43 40.27
N ASP C 175 -15.58 -7.29 41.49
CA ASP C 175 -16.97 -7.64 41.79
C ASP C 175 -17.96 -6.74 41.06
N ASN C 176 -17.53 -5.56 40.64
CA ASN C 176 -18.41 -4.59 40.00
C ASN C 176 -17.98 -4.33 38.56
N ALA C 177 -17.35 -5.34 37.93
CA ALA C 177 -16.90 -5.19 36.55
C ALA C 177 -18.05 -5.05 35.55
N ASP C 178 -19.27 -5.44 35.93
CA ASP C 178 -20.41 -5.32 35.03
C ASP C 178 -20.72 -3.87 34.68
N VAL C 179 -20.26 -2.89 35.46
CA VAL C 179 -20.50 -1.49 35.13
C VAL C 179 -19.21 -0.70 34.97
N ILE C 180 -18.05 -1.35 35.04
CA ILE C 180 -16.76 -0.69 34.87
C ILE C 180 -16.20 -1.12 33.52
N THR C 181 -16.07 -0.16 32.60
CA THR C 181 -15.57 -0.49 31.27
C THR C 181 -14.05 -0.51 31.24
N LYS C 182 -13.41 0.46 31.91
CA LYS C 182 -11.98 0.65 31.75
C LYS C 182 -11.38 1.20 33.04
N ILE C 183 -10.15 0.80 33.34
CA ILE C 183 -9.35 1.41 34.39
C ILE C 183 -8.01 1.85 33.80
N THR C 184 -7.68 3.13 33.96
CA THR C 184 -6.37 3.64 33.62
C THR C 184 -5.47 3.56 34.85
N LEU C 185 -4.33 2.89 34.72
CA LEU C 185 -3.39 2.77 35.83
C LEU C 185 -1.96 2.91 35.33
N ALA C 186 -1.04 3.15 36.25
CA ALA C 186 0.37 3.28 35.92
C ALA C 186 1.03 1.91 35.93
N ALA C 187 1.90 1.67 34.94
CA ALA C 187 2.53 0.37 34.81
C ALA C 187 3.51 0.09 35.97
N GLU C 188 4.10 1.14 36.54
CA GLU C 188 5.02 0.95 37.66
C GLU C 188 4.32 0.92 39.01
N ASN C 189 3.03 1.28 39.07
CA ASN C 189 2.27 1.16 40.31
C ASN C 189 2.15 -0.31 40.70
N PRO C 190 2.28 -0.66 41.99
CA PRO C 190 2.13 -2.07 42.39
C PRO C 190 0.78 -2.66 41.99
N THR C 191 -0.25 -1.82 41.79
CA THR C 191 -1.56 -2.31 41.33
C THR C 191 -1.45 -3.09 40.02
N ALA C 192 -0.42 -2.81 39.21
CA ALA C 192 -0.28 -3.49 37.95
C ALA C 192 -0.21 -5.01 38.09
N GLN C 193 0.15 -5.52 39.27
CA GLN C 193 0.13 -6.98 39.50
C GLN C 193 -1.24 -7.57 39.25
N TYR C 194 -2.31 -6.78 39.39
CA TYR C 194 -3.65 -7.29 39.24
C TYR C 194 -4.18 -7.17 37.81
N ILE C 195 -3.37 -6.71 36.86
CA ILE C 195 -3.85 -6.56 35.49
C ILE C 195 -4.49 -7.84 34.96
N PRO C 196 -3.91 -9.03 35.13
CA PRO C 196 -4.60 -10.25 34.66
C PRO C 196 -5.95 -10.47 35.32
N ASP C 197 -6.08 -10.14 36.62
CA ASP C 197 -7.37 -10.27 37.30
C ASP C 197 -8.42 -9.35 36.68
N PHE C 198 -8.09 -8.06 36.52
CA PHE C 198 -9.02 -7.10 35.92
C PHE C 198 -9.46 -7.55 34.53
N VAL C 199 -8.49 -7.96 33.70
CA VAL C 199 -8.80 -8.35 32.33
C VAL C 199 -9.70 -9.59 32.33
N GLU C 200 -9.41 -10.56 33.20
CA GLU C 200 -10.24 -11.75 33.29
C GLU C 200 -11.69 -11.40 33.64
N LYS C 201 -11.90 -10.35 34.44
CA LYS C 201 -13.24 -9.94 34.80
C LYS C 201 -13.90 -9.07 33.74
N GLY C 202 -13.23 -8.83 32.62
CA GLY C 202 -13.81 -8.06 31.53
C GLY C 202 -13.62 -6.55 31.61
N ILE C 203 -12.60 -6.08 32.33
CA ILE C 203 -12.29 -4.66 32.43
C ILE C 203 -11.09 -4.36 31.53
N ILE C 204 -11.23 -3.37 30.64
CA ILE C 204 -10.12 -2.90 29.84
C ILE C 204 -9.12 -2.20 30.75
N VAL C 205 -7.85 -2.61 30.69
CA VAL C 205 -6.81 -1.93 31.44
C VAL C 205 -6.07 -1.01 30.49
N SER C 206 -6.02 0.28 30.85
CA SER C 206 -5.30 1.30 30.09
C SER C 206 -4.09 1.81 30.86
N LEU C 207 -3.00 2.06 30.14
CA LEU C 207 -1.78 2.65 30.70
C LEU C 207 -1.90 4.17 30.68
N GLY C 208 -1.65 4.80 31.81
CA GLY C 208 -1.63 6.26 31.80
C GLY C 208 -1.12 6.81 33.11
N HIS C 209 -0.78 8.10 33.08
CA HIS C 209 -0.23 8.80 34.24
C HIS C 209 0.90 7.99 34.87
N SER C 210 1.86 7.62 34.03
CA SER C 210 2.85 6.60 34.38
C SER C 210 4.20 7.08 33.89
N ASN C 211 5.19 6.98 34.77
CA ASN C 211 6.58 7.31 34.46
C ASN C 211 7.42 6.07 34.23
N ALA C 212 6.78 4.95 33.91
CA ALA C 212 7.47 3.68 33.81
C ALA C 212 8.50 3.68 32.66
N THR C 213 9.48 2.80 32.80
CA THR C 213 10.40 2.52 31.71
C THR C 213 9.69 1.75 30.61
N TYR C 214 10.30 1.75 29.43
CA TYR C 214 9.82 0.94 28.31
C TYR C 214 9.55 -0.50 28.75
N ASP C 215 10.52 -1.12 29.44
CA ASP C 215 10.40 -2.53 29.79
C ASP C 215 9.23 -2.77 30.74
N VAL C 216 9.07 -1.90 31.73
CA VAL C 216 7.98 -2.06 32.69
C VAL C 216 6.62 -1.86 32.01
N ALA C 217 6.53 -0.90 31.09
CA ALA C 217 5.30 -0.72 30.33
C ALA C 217 5.00 -1.94 29.45
N GLN C 218 6.04 -2.48 28.77
CA GLN C 218 5.81 -3.66 27.94
C GLN C 218 5.35 -4.85 28.76
N GLN C 219 5.83 -4.96 30.00
CA GLN C 219 5.36 -6.02 30.89
C GLN C 219 3.86 -5.89 31.15
N ALA C 220 3.39 -4.65 31.36
CA ALA C 220 1.96 -4.44 31.62
C ALA C 220 1.11 -4.82 30.43
N ILE C 221 1.58 -4.48 29.22
CA ILE C 221 0.89 -4.88 28.00
C ILE C 221 0.87 -6.40 27.88
N GLU C 222 2.02 -7.04 28.14
CA GLU C 222 2.07 -8.50 28.11
C GLU C 222 1.10 -9.12 29.12
N LYS C 223 0.93 -8.48 30.28
CA LYS C 223 -0.05 -8.96 31.26
C LYS C 223 -1.50 -8.71 30.83
N GLY C 224 -1.74 -7.93 29.78
CA GLY C 224 -3.10 -7.75 29.32
C GLY C 224 -3.60 -6.32 29.13
N ALA C 225 -2.82 -5.31 29.48
CA ALA C 225 -3.25 -3.94 29.21
C ALA C 225 -3.37 -3.72 27.70
N SER C 226 -4.51 -3.14 27.27
CA SER C 226 -4.85 -3.11 25.85
C SER C 226 -5.20 -1.71 25.35
N PHE C 227 -4.96 -0.67 26.14
CA PHE C 227 -5.24 0.69 25.76
C PHE C 227 -4.16 1.57 26.40
N ALA C 228 -4.05 2.81 25.93
CA ALA C 228 -3.19 3.80 26.55
C ALA C 228 -3.93 5.12 26.53
N THR C 229 -3.87 5.84 27.65
CA THR C 229 -4.72 6.99 27.89
C THR C 229 -3.99 8.28 27.51
N HIS C 230 -4.69 9.15 26.77
CA HIS C 230 -4.16 10.32 26.09
C HIS C 230 -2.65 10.30 25.88
N LEU C 231 -2.23 9.61 24.83
CA LEU C 231 -0.84 9.45 24.44
C LEU C 231 -0.08 10.77 24.52
N HIS C 232 1.12 10.70 25.12
CA HIS C 232 2.06 11.81 25.36
C HIS C 232 1.78 12.56 26.65
N ASN C 233 0.51 12.66 27.04
CA ASN C 233 0.13 13.47 28.20
C ASN C 233 0.24 12.59 29.44
N ALA C 234 1.05 13.04 30.40
CA ALA C 234 1.31 12.32 31.65
C ALA C 234 1.89 10.93 31.38
N MET C 235 2.96 10.89 30.60
CA MET C 235 3.65 9.64 30.24
C MET C 235 5.13 9.93 30.14
N SER C 236 5.96 8.97 30.56
CA SER C 236 7.37 9.07 30.22
C SER C 236 7.51 9.08 28.69
N PRO C 237 8.28 9.99 28.13
CA PRO C 237 8.39 10.07 26.67
C PRO C 237 9.49 9.17 26.16
N ILE C 238 9.72 9.21 24.85
CA ILE C 238 10.96 8.71 24.25
C ILE C 238 11.99 9.81 24.48
N SER C 239 12.83 9.67 25.52
CA SER C 239 13.71 10.75 25.93
C SER C 239 15.11 10.63 25.33
N SER C 240 15.43 9.52 24.68
CA SER C 240 16.75 9.31 24.08
C SER C 240 16.63 8.09 23.20
N GLY C 241 17.72 7.81 22.46
CA GLY C 241 17.77 6.58 21.69
C GLY C 241 17.63 5.34 22.53
N ARG C 242 17.98 5.42 23.82
CA ARG C 242 18.02 4.27 24.70
C ARG C 242 16.92 4.26 25.76
N ALA C 243 16.12 5.32 25.88
CA ALA C 243 15.08 5.35 26.90
C ALA C 243 13.75 5.70 26.21
N MET C 244 12.93 4.68 25.95
CA MET C 244 11.74 4.90 25.14
C MET C 244 10.50 5.16 25.98
N GLY C 245 10.53 4.82 27.26
CA GLY C 245 9.45 5.15 28.18
C GLY C 245 8.11 4.51 27.81
N VAL C 246 7.05 5.08 28.42
CA VAL C 246 5.70 4.59 28.14
C VAL C 246 5.27 4.93 26.72
N VAL C 247 5.61 6.13 26.24
CA VAL C 247 5.22 6.52 24.88
C VAL C 247 5.80 5.54 23.87
N GLY C 248 7.07 5.18 24.04
CA GLY C 248 7.70 4.26 23.10
C GLY C 248 7.13 2.86 23.21
N ALA C 249 6.73 2.45 24.40
CA ALA C 249 6.16 1.11 24.57
C ALA C 249 4.79 1.02 23.90
N VAL C 250 4.01 2.10 23.99
CA VAL C 250 2.69 2.14 23.37
C VAL C 250 2.82 2.20 21.85
N LEU C 251 3.75 3.02 21.35
CA LEU C 251 3.94 3.13 19.90
C LEU C 251 4.48 1.84 19.30
N ASP C 252 5.40 1.16 20.00
CA ASP C 252 6.04 -0.08 19.57
C ASP C 252 5.28 -1.29 20.11
N SER C 253 3.97 -1.27 19.93
CA SER C 253 3.05 -2.29 20.38
C SER C 253 1.84 -2.26 19.47
N ASP C 254 0.95 -3.23 19.64
CA ASP C 254 -0.25 -3.34 18.82
C ASP C 254 -1.48 -2.76 19.50
N ILE C 255 -1.33 -2.12 20.66
CA ILE C 255 -2.51 -1.77 21.46
C ILE C 255 -3.19 -0.54 20.87
N TYR C 256 -4.50 -0.45 21.10
CA TYR C 256 -5.25 0.78 20.84
C TYR C 256 -4.74 1.89 21.73
N THR C 257 -4.84 3.13 21.23
CA THR C 257 -4.34 4.30 21.94
C THR C 257 -5.26 5.48 21.71
N GLY C 258 -5.59 6.20 22.78
CA GLY C 258 -6.34 7.44 22.67
C GLY C 258 -5.43 8.65 22.57
N ILE C 259 -5.89 9.68 21.87
CA ILE C 259 -5.12 10.90 21.71
C ILE C 259 -6.07 12.08 21.61
N ILE C 260 -5.63 13.23 22.14
CA ILE C 260 -6.43 14.44 22.17
C ILE C 260 -6.01 15.31 20.99
N VAL C 261 -6.99 15.76 20.21
CA VAL C 261 -6.73 16.51 18.98
C VAL C 261 -7.31 17.91 19.10
N ASP C 262 -6.91 18.64 20.13
CA ASP C 262 -7.27 20.04 20.26
C ASP C 262 -6.16 20.98 19.86
N GLY C 263 -4.99 20.44 19.50
CA GLY C 263 -3.83 21.24 19.17
C GLY C 263 -3.09 21.84 20.36
N LEU C 264 -3.60 21.62 21.57
CA LEU C 264 -3.00 22.15 22.79
C LEU C 264 -2.41 21.06 23.66
N HIS C 265 -3.06 19.90 23.74
CA HIS C 265 -2.48 18.78 24.46
C HIS C 265 -1.33 18.15 23.68
N VAL C 266 -1.46 18.05 22.36
CA VAL C 266 -0.45 17.38 21.54
C VAL C 266 -0.25 18.20 20.27
N ASP C 267 0.99 18.59 19.99
CA ASP C 267 1.32 19.24 18.72
C ASP C 267 0.80 18.41 17.55
N TYR C 268 0.22 19.09 16.56
CA TYR C 268 -0.29 18.39 15.38
C TYR C 268 0.78 17.55 14.70
N GLY C 269 2.03 17.97 14.73
CA GLY C 269 3.08 17.17 14.11
C GLY C 269 3.30 15.84 14.82
N ASN C 270 3.18 15.85 16.16
CA ASN C 270 3.21 14.60 16.92
C ASN C 270 2.06 13.68 16.51
N ILE C 271 0.86 14.24 16.30
CA ILE C 271 -0.26 13.40 15.88
C ILE C 271 0.00 12.80 14.49
N ARG C 272 0.62 13.59 13.59
CA ARG C 272 0.99 13.05 12.27
C ARG C 272 1.90 11.85 12.42
N LEU C 273 2.91 11.95 13.29
CA LEU C 273 3.83 10.83 13.49
C LEU C 273 3.11 9.63 14.09
N ASP C 274 2.30 9.86 15.14
CA ASP C 274 1.67 8.74 15.83
C ASP C 274 0.67 8.03 14.94
N LYS C 275 -0.03 8.76 14.07
CA LYS C 275 -0.95 8.13 13.14
C LYS C 275 -0.20 7.27 12.13
N LYS C 276 0.91 7.76 11.62
CA LYS C 276 1.76 6.98 10.73
C LYS C 276 2.20 5.68 11.39
N VAL C 277 2.59 5.75 12.67
CA VAL C 277 3.00 4.54 13.39
C VAL C 277 1.80 3.65 13.71
N LYS C 278 0.73 4.22 14.28
CA LYS C 278 -0.35 3.41 14.87
C LYS C 278 -1.47 3.05 13.90
N GLY C 279 -1.65 3.79 12.81
CA GLY C 279 -2.66 3.42 11.81
C GLY C 279 -4.04 3.24 12.41
N ASP C 280 -4.61 2.03 12.31
CA ASP C 280 -5.98 1.81 12.73
C ASP C 280 -6.10 1.49 14.22
N LYS C 281 -5.04 1.66 15.00
CA LYS C 281 -5.14 1.56 16.45
C LYS C 281 -5.20 2.92 17.15
N LEU C 282 -5.17 4.04 16.43
CA LEU C 282 -5.23 5.36 17.06
C LEU C 282 -6.68 5.83 17.16
N CYS C 283 -7.16 6.04 18.38
CA CYS C 283 -8.51 6.52 18.62
C CYS C 283 -8.45 7.99 19.03
N ILE C 284 -9.50 8.74 18.69
CA ILE C 284 -9.63 10.12 19.18
C ILE C 284 -10.50 10.11 20.43
N VAL C 285 -10.01 10.78 21.49
CA VAL C 285 -10.83 11.05 22.68
C VAL C 285 -10.85 12.56 22.87
N THR C 286 -11.89 13.06 23.55
CA THR C 286 -11.84 14.48 23.90
C THR C 286 -11.14 14.75 25.22
N ASP C 287 -11.25 13.85 26.21
CA ASP C 287 -10.80 14.15 27.56
C ASP C 287 -11.44 15.44 28.08
N ALA C 288 -12.69 15.69 27.68
CA ALA C 288 -13.30 17.00 27.87
C ALA C 288 -13.77 17.19 29.30
N THR C 289 -14.00 18.46 29.64
CA THR C 289 -14.39 18.92 30.96
C THR C 289 -15.69 19.72 30.85
N ALA C 290 -16.10 20.31 31.97
CA ALA C 290 -17.28 21.17 31.97
C ALA C 290 -17.26 22.25 30.89
N ALA C 291 -16.05 22.66 30.45
CA ALA C 291 -15.96 23.76 29.49
C ALA C 291 -16.51 23.37 28.11
N ALA C 292 -16.44 22.10 27.74
CA ALA C 292 -16.94 21.67 26.44
C ALA C 292 -18.46 21.77 26.38
N GLY C 293 -18.97 22.40 25.32
CA GLY C 293 -20.40 22.63 25.21
C GLY C 293 -20.94 23.67 26.14
N ALA C 294 -20.07 24.54 26.66
CA ALA C 294 -20.47 25.58 27.60
C ALA C 294 -19.58 26.80 27.38
N ASP C 295 -19.97 27.91 28.00
CA ASP C 295 -19.24 29.18 27.91
C ASP C 295 -18.86 29.60 29.32
N ILE C 296 -17.82 28.97 29.88
CA ILE C 296 -17.44 29.19 31.26
C ILE C 296 -15.98 29.64 31.31
N ASP C 297 -15.58 30.14 32.49
CA ASP C 297 -14.24 30.67 32.68
C ASP C 297 -13.41 29.86 33.67
N SER C 298 -14.04 29.02 34.48
CA SER C 298 -13.34 28.13 35.40
C SER C 298 -14.32 27.07 35.88
N PHE C 299 -13.76 26.03 36.49
CA PHE C 299 -14.53 24.95 37.11
C PHE C 299 -13.60 24.23 38.06
N VAL C 300 -14.19 23.44 38.95
CA VAL C 300 -13.44 22.76 40.00
C VAL C 300 -13.35 21.28 39.65
N PHE C 301 -12.19 20.69 39.93
CA PHE C 301 -11.85 19.33 39.52
C PHE C 301 -11.17 18.66 40.70
N VAL C 302 -11.94 17.87 41.47
CA VAL C 302 -11.51 17.31 42.74
C VAL C 302 -10.81 18.38 43.57
N GLY C 303 -11.49 19.52 43.78
CA GLY C 303 -11.03 20.55 44.68
C GLY C 303 -10.07 21.57 44.09
N LYS C 304 -9.41 21.26 42.98
CA LYS C 304 -8.53 22.20 42.33
C LYS C 304 -9.33 23.00 41.30
N THR C 305 -9.22 24.33 41.37
CA THR C 305 -9.81 25.17 40.34
C THR C 305 -9.03 25.02 39.05
N VAL C 306 -9.75 24.95 37.93
CA VAL C 306 -9.13 24.89 36.61
C VAL C 306 -9.68 26.05 35.79
N TYR C 307 -8.77 26.85 35.25
CA TYR C 307 -9.15 28.02 34.48
C TYR C 307 -9.33 27.65 33.01
N VAL C 308 -10.28 28.32 32.37
CA VAL C 308 -10.61 28.07 30.97
C VAL C 308 -10.35 29.35 30.21
N ARG C 309 -9.37 29.33 29.31
CA ARG C 309 -9.05 30.50 28.48
C ARG C 309 -8.67 30.03 27.09
N ASP C 310 -9.37 30.55 26.08
CA ASP C 310 -9.11 30.25 24.67
C ASP C 310 -8.96 28.74 24.45
N GLY C 311 -10.01 28.00 24.81
CA GLY C 311 -10.04 26.57 24.58
C GLY C 311 -9.06 25.75 25.39
N LYS C 312 -8.38 26.35 26.37
CA LYS C 312 -7.39 25.69 27.20
C LYS C 312 -7.91 25.57 28.64
N CYS C 313 -7.80 24.38 29.23
CA CYS C 313 -8.14 24.15 30.64
C CYS C 313 -6.85 23.89 31.40
N TYR C 314 -6.47 24.81 32.27
CA TYR C 314 -5.19 24.73 32.97
C TYR C 314 -5.36 25.13 34.44
N ASP C 315 -4.53 24.56 35.29
CA ASP C 315 -4.53 24.92 36.71
C ASP C 315 -3.52 26.05 36.96
N SER C 316 -3.24 26.31 38.24
CA SER C 316 -2.42 27.48 38.62
C SER C 316 -1.03 27.42 38.01
N ASN C 317 -0.44 26.22 37.93
CA ASN C 317 0.88 26.03 37.35
C ASN C 317 0.87 25.91 35.83
N GLY C 318 -0.27 26.15 35.19
CA GLY C 318 -0.34 25.92 33.76
C GLY C 318 -0.38 24.46 33.35
N THR C 319 -0.52 23.55 34.31
CA THR C 319 -0.79 22.15 33.99
C THR C 319 -2.20 22.02 33.40
N LEU C 320 -2.29 21.38 32.23
CA LEU C 320 -3.62 21.20 31.63
C LEU C 320 -4.45 20.16 32.38
N GLY C 321 -5.71 20.48 32.61
CA GLY C 321 -6.60 19.57 33.29
C GLY C 321 -7.82 19.24 32.45
N GLY C 322 -7.68 18.28 31.54
CA GLY C 322 -8.72 18.01 30.58
C GLY C 322 -8.74 19.05 29.45
N ALA C 323 -9.76 18.92 28.62
CA ALA C 323 -9.86 19.69 27.39
C ALA C 323 -11.25 20.32 27.27
N ALA C 324 -11.34 21.31 26.39
CA ALA C 324 -12.58 22.01 26.10
C ALA C 324 -13.12 21.65 24.72
N ILE C 325 -12.70 20.52 24.19
CA ILE C 325 -12.95 20.14 22.80
C ILE C 325 -14.10 19.13 22.76
N THR C 326 -14.73 19.02 21.59
CA THR C 326 -15.73 18.01 21.31
C THR C 326 -15.26 17.08 20.20
N MET C 327 -15.99 15.96 20.03
CA MET C 327 -15.62 15.01 18.98
C MET C 327 -15.70 15.63 17.59
N ILE C 328 -16.79 16.35 17.27
CA ILE C 328 -16.86 16.90 15.91
C ILE C 328 -15.78 17.96 15.70
N GLU C 329 -15.43 18.74 16.73
CA GLU C 329 -14.31 19.67 16.61
C GLU C 329 -12.98 18.94 16.42
N SER C 330 -12.82 17.80 17.09
CA SER C 330 -11.62 16.96 16.89
C SER C 330 -11.56 16.41 15.48
N VAL C 331 -12.70 16.02 14.91
CA VAL C 331 -12.73 15.55 13.52
C VAL C 331 -12.20 16.63 12.60
N LYS C 332 -12.74 17.85 12.74
CA LYS C 332 -12.25 18.97 11.93
C LYS C 332 -10.74 19.16 12.06
N ASN C 333 -10.23 19.11 13.29
CA ASN C 333 -8.79 19.36 13.46
C ASN C 333 -7.97 18.23 12.84
N ALA C 334 -8.42 16.98 12.99
CA ALA C 334 -7.68 15.87 12.40
C ALA C 334 -7.65 15.99 10.89
N VAL C 335 -8.77 16.39 10.29
CA VAL C 335 -8.82 16.53 8.84
C VAL C 335 -8.00 17.73 8.39
N GLN C 336 -8.18 18.89 9.02
CA GLN C 336 -7.61 20.12 8.48
C GLN C 336 -6.21 20.42 8.98
N GLU C 337 -5.87 20.03 10.21
CA GLU C 337 -4.55 20.31 10.75
C GLU C 337 -3.61 19.12 10.72
N VAL C 338 -4.13 17.89 10.78
CA VAL C 338 -3.26 16.71 10.83
C VAL C 338 -3.17 16.10 9.44
N GLY C 339 -4.20 16.30 8.63
CA GLY C 339 -4.19 15.77 7.27
C GLY C 339 -4.69 14.35 7.14
N ILE C 340 -5.42 13.85 8.12
CA ILE C 340 -6.00 12.51 8.02
C ILE C 340 -7.27 12.59 7.15
N PRO C 341 -7.43 11.71 6.17
CA PRO C 341 -8.65 11.75 5.35
C PRO C 341 -9.91 11.62 6.19
N LEU C 342 -11.01 12.18 5.68
CA LEU C 342 -12.26 12.22 6.43
C LEU C 342 -12.71 10.83 6.85
N ASP C 343 -12.74 9.87 5.91
CA ASP C 343 -13.29 8.56 6.26
C ASP C 343 -12.44 7.88 7.33
N GLU C 344 -11.11 8.08 7.27
CA GLU C 344 -10.25 7.51 8.30
C GLU C 344 -10.43 8.24 9.63
N THR C 345 -10.53 9.57 9.59
CA THR C 345 -10.79 10.32 10.82
C THR C 345 -12.08 9.85 11.50
N LEU C 346 -13.14 9.65 10.72
CA LEU C 346 -14.39 9.21 11.35
C LEU C 346 -14.20 7.85 12.03
N ARG C 347 -13.46 6.93 11.40
CA ARG C 347 -13.18 5.64 12.02
C ARG C 347 -12.49 5.79 13.37
N MET C 348 -11.64 6.81 13.53
CA MET C 348 -10.96 7.06 14.78
C MET C 348 -11.91 7.54 15.88
N CYS C 349 -13.14 7.96 15.51
CA CYS C 349 -14.13 8.47 16.43
C CYS C 349 -15.30 7.53 16.67
N ASN C 350 -15.51 6.52 15.83
CA ASN C 350 -16.58 5.57 16.07
C ASN C 350 -16.09 4.12 16.02
N TYR C 351 -15.58 3.68 14.87
CA TYR C 351 -15.25 2.27 14.67
C TYR C 351 -14.08 1.82 15.55
N TYR C 352 -13.00 2.59 15.59
CA TYR C 352 -11.86 2.13 16.38
C TYR C 352 -12.17 2.14 17.87
N PRO C 353 -12.74 3.20 18.45
CA PRO C 353 -13.07 3.11 19.89
C PRO C 353 -14.06 2.01 20.21
N ALA C 354 -15.02 1.72 19.31
CA ALA C 354 -15.91 0.58 19.49
C ALA C 354 -15.11 -0.72 19.64
N LYS C 355 -14.13 -0.93 18.76
CA LYS C 355 -13.31 -2.14 18.83
C LYS C 355 -12.43 -2.13 20.08
N ALA C 356 -11.92 -0.95 20.47
CA ALA C 356 -11.04 -0.88 21.63
C ALA C 356 -11.72 -1.38 22.90
N ILE C 357 -13.03 -1.19 23.03
CA ILE C 357 -13.74 -1.60 24.24
C ILE C 357 -14.69 -2.77 23.98
N GLY C 358 -14.65 -3.36 22.79
CA GLY C 358 -15.43 -4.56 22.55
C GLY C 358 -16.92 -4.37 22.35
N VAL C 359 -17.39 -3.20 21.92
CA VAL C 359 -18.79 -3.00 21.60
C VAL C 359 -19.03 -2.93 20.09
N ASP C 360 -18.04 -3.31 19.29
CA ASP C 360 -18.16 -3.18 17.83
C ASP C 360 -19.17 -4.16 17.23
N HIS C 361 -19.62 -5.17 17.97
CA HIS C 361 -20.64 -6.03 17.38
CA HIS C 361 -20.66 -6.05 17.44
C HIS C 361 -21.96 -5.29 17.22
N LYS C 362 -22.24 -4.31 18.07
CA LYS C 362 -23.50 -3.56 17.99
C LYS C 362 -23.35 -2.08 17.64
N LEU C 363 -22.20 -1.47 17.88
CA LEU C 363 -22.04 -0.03 17.69
C LEU C 363 -20.81 0.26 16.83
N GLY C 364 -20.69 1.53 16.43
CA GLY C 364 -19.45 2.04 15.87
C GLY C 364 -19.33 1.99 14.35
N SER C 365 -20.28 1.38 13.64
CA SER C 365 -20.24 1.36 12.19
C SER C 365 -21.66 1.20 11.66
N ILE C 366 -21.86 1.57 10.40
CA ILE C 366 -23.17 1.46 9.75
C ILE C 366 -23.19 0.13 9.00
N GLU C 367 -23.82 -0.88 9.60
CA GLU C 367 -24.10 -2.15 8.94
C GLU C 367 -25.45 -2.65 9.39
N VAL C 368 -26.13 -3.38 8.50
CA VAL C 368 -27.44 -3.90 8.81
C VAL C 368 -27.38 -4.74 10.06
N GLY C 369 -28.33 -4.54 10.97
CA GLY C 369 -28.37 -5.29 12.20
C GLY C 369 -27.71 -4.61 13.39
N LYS C 370 -26.85 -3.63 13.15
CA LYS C 370 -26.24 -2.92 14.26
C LYS C 370 -27.20 -1.84 14.77
N ILE C 371 -26.91 -1.30 15.97
CA ILE C 371 -27.77 -0.28 16.57
C ILE C 371 -27.70 1.01 15.74
N ALA C 372 -28.85 1.67 15.54
CA ALA C 372 -28.89 2.93 14.79
C ALA C 372 -28.53 4.09 15.72
N ASN C 373 -27.26 4.12 16.11
CA ASN C 373 -26.63 5.29 16.70
C ASN C 373 -25.89 5.99 15.58
N LEU C 374 -26.39 7.18 15.18
CA LEU C 374 -26.00 7.82 13.94
C LEU C 374 -25.75 9.31 14.18
N THR C 375 -24.83 9.86 13.38
CA THR C 375 -24.52 11.28 13.41
C THR C 375 -24.49 11.84 11.99
N ALA C 376 -25.21 12.94 11.77
CA ALA C 376 -25.18 13.62 10.49
C ALA C 376 -24.46 14.95 10.66
N PHE C 377 -23.58 15.29 9.71
CA PHE C 377 -22.76 16.48 9.88
C PHE C 377 -22.44 17.06 8.52
N THR C 378 -22.09 18.35 8.52
CA THR C 378 -21.79 19.08 7.30
C THR C 378 -20.30 19.10 7.05
N ASN C 379 -19.93 19.61 5.88
CA ASN C 379 -18.52 19.66 5.51
C ASN C 379 -17.75 20.79 6.17
N ASP C 380 -18.43 21.73 6.85
CA ASP C 380 -17.73 22.61 7.76
C ASP C 380 -17.85 22.12 9.21
N PHE C 381 -18.25 20.85 9.39
CA PHE C 381 -18.15 20.12 10.64
C PHE C 381 -19.09 20.68 11.71
N ASN C 382 -20.33 20.94 11.29
CA ASN C 382 -21.45 21.18 12.18
C ASN C 382 -22.34 19.94 12.19
N VAL C 383 -22.78 19.53 13.37
CA VAL C 383 -23.64 18.36 13.49
C VAL C 383 -25.09 18.79 13.21
N LEU C 384 -25.73 18.11 12.26
CA LEU C 384 -27.13 18.37 11.93
C LEU C 384 -28.09 17.66 12.88
N GLY C 385 -27.67 16.55 13.46
CA GLY C 385 -28.57 15.78 14.30
C GLY C 385 -27.98 14.41 14.55
N THR C 386 -28.65 13.69 15.45
CA THR C 386 -28.23 12.33 15.81
C THR C 386 -29.44 11.42 15.86
N ALA C 387 -29.21 10.13 15.64
CA ALA C 387 -30.13 9.09 16.05
C ALA C 387 -29.48 8.31 17.18
N VAL C 388 -30.24 8.07 18.24
CA VAL C 388 -29.80 7.26 19.37
C VAL C 388 -30.84 6.17 19.55
N ASN C 389 -30.42 4.91 19.40
CA ASN C 389 -31.35 3.78 19.37
C ASN C 389 -32.47 4.02 18.35
N GLY C 390 -32.10 4.58 17.19
CA GLY C 390 -33.04 4.82 16.11
C GLY C 390 -33.85 6.10 16.22
N GLU C 391 -33.80 6.79 17.36
CA GLU C 391 -34.61 7.98 17.58
C GLU C 391 -33.85 9.21 17.10
N TRP C 392 -34.35 9.84 16.04
CA TRP C 392 -33.69 10.99 15.43
C TRP C 392 -34.02 12.30 16.15
N LYS C 393 -33.00 13.12 16.38
CA LYS C 393 -33.22 14.43 16.97
C LYS C 393 -32.34 15.43 16.23
N ALA C 394 -32.97 16.41 15.58
CA ALA C 394 -32.21 17.44 14.89
C ALA C 394 -31.57 18.39 15.89
N ASN C 395 -30.37 18.87 15.58
CA ASN C 395 -29.63 19.77 16.44
C ASN C 395 -30.26 21.18 16.46
N PHE D 17 38.71 -4.10 -19.25
CA PHE D 17 38.66 -5.55 -18.99
C PHE D 17 37.24 -5.99 -18.62
N MET D 18 36.79 -7.09 -19.24
CA MET D 18 35.41 -7.52 -19.12
C MET D 18 35.30 -8.88 -18.44
N TYR D 19 34.38 -8.98 -17.49
CA TYR D 19 34.05 -10.25 -16.83
C TYR D 19 32.61 -10.15 -16.32
N ALA D 20 32.09 -11.28 -15.83
CA ALA D 20 30.71 -11.31 -15.33
C ALA D 20 30.64 -12.02 -13.98
N PHE D 21 29.75 -11.54 -13.11
CA PHE D 21 29.34 -12.26 -11.91
C PHE D 21 28.18 -13.17 -12.28
N VAL D 22 28.28 -14.46 -11.94
CA VAL D 22 27.22 -15.40 -12.24
C VAL D 22 26.81 -16.10 -10.95
N ASN D 23 25.62 -16.69 -10.97
CA ASN D 23 25.11 -17.53 -9.88
C ASN D 23 24.93 -16.70 -8.60
N ALA D 24 24.24 -15.56 -8.73
CA ALA D 24 24.03 -14.64 -7.63
C ALA D 24 22.60 -14.12 -7.68
N VAL D 25 22.04 -13.86 -6.50
CA VAL D 25 20.82 -13.08 -6.38
C VAL D 25 21.23 -11.61 -6.35
N ILE D 26 20.74 -10.82 -7.30
CA ILE D 26 21.25 -9.47 -7.53
C ILE D 26 20.23 -8.47 -7.00
N TYR D 27 20.60 -7.74 -5.97
CA TYR D 27 19.76 -6.69 -5.40
C TYR D 27 20.15 -5.39 -6.06
N THR D 28 19.35 -4.95 -7.04
CA THR D 28 19.75 -3.78 -7.81
C THR D 28 19.36 -2.45 -7.17
N ALA D 29 18.43 -2.47 -6.19
CA ALA D 29 17.82 -1.34 -5.48
C ALA D 29 16.41 -1.10 -6.01
N LYS D 30 16.16 -1.50 -7.26
CA LYS D 30 14.83 -1.49 -7.83
C LYS D 30 14.23 -2.88 -7.96
N ASP D 31 15.05 -3.94 -8.05
CA ASP D 31 14.54 -5.29 -8.25
C ASP D 31 15.46 -6.28 -7.54
N VAL D 32 14.95 -7.49 -7.32
CA VAL D 32 15.74 -8.61 -6.83
C VAL D 32 15.77 -9.62 -7.96
N LEU D 33 16.93 -9.83 -8.56
CA LEU D 33 17.01 -10.58 -9.81
C LEU D 33 17.53 -12.00 -9.55
N TYR D 34 16.87 -12.98 -10.16
CA TYR D 34 17.27 -14.37 -10.13
C TYR D 34 17.59 -14.83 -11.54
N GLY D 35 18.62 -15.66 -11.69
CA GLY D 35 18.97 -16.16 -13.00
C GLY D 35 19.68 -15.19 -13.92
N LYS D 36 20.19 -14.07 -13.40
CA LYS D 36 20.88 -13.07 -14.20
C LYS D 36 22.37 -13.05 -13.88
N ALA D 37 23.12 -12.50 -14.83
CA ALA D 37 24.54 -12.21 -14.65
C ALA D 37 24.77 -10.71 -14.77
N LEU D 38 25.83 -10.24 -14.11
CA LEU D 38 26.23 -8.84 -14.12
C LEU D 38 27.58 -8.71 -14.82
N VAL D 39 27.61 -8.03 -15.96
CA VAL D 39 28.85 -7.87 -16.72
C VAL D 39 29.50 -6.56 -16.31
N VAL D 40 30.79 -6.62 -15.95
CA VAL D 40 31.59 -5.44 -15.63
C VAL D 40 32.52 -5.17 -16.80
N ASP D 41 32.62 -3.90 -17.19
CA ASP D 41 33.53 -3.48 -18.26
C ASP D 41 34.33 -2.30 -17.74
N GLY D 42 35.64 -2.49 -17.53
CA GLY D 42 36.41 -1.44 -16.91
C GLY D 42 35.85 -1.12 -15.53
N ASP D 43 35.47 0.13 -15.32
CA ASP D 43 34.94 0.53 -14.02
C ASP D 43 33.42 0.68 -14.02
N LYS D 44 32.74 0.25 -15.09
CA LYS D 44 31.30 0.45 -15.19
C LYS D 44 30.56 -0.87 -15.18
N ILE D 45 29.31 -0.82 -14.72
CA ILE D 45 28.39 -1.93 -14.92
C ILE D 45 27.94 -1.90 -16.37
N SER D 46 28.22 -2.98 -17.10
CA SER D 46 28.09 -3.07 -18.55
C SER D 46 26.76 -3.63 -19.02
N ALA D 47 26.24 -4.65 -18.34
CA ALA D 47 25.04 -5.34 -18.83
C ALA D 47 24.52 -6.23 -17.72
N ILE D 48 23.20 -6.41 -17.70
CA ILE D 48 22.54 -7.40 -16.86
C ILE D 48 21.77 -8.31 -17.79
N LEU D 49 22.07 -9.61 -17.77
CA LEU D 49 21.54 -10.48 -18.81
C LEU D 49 21.29 -11.86 -18.24
N PRO D 50 20.46 -12.68 -18.90
CA PRO D 50 20.29 -14.07 -18.44
C PRO D 50 21.63 -14.78 -18.40
N VAL D 51 21.83 -15.61 -17.38
CA VAL D 51 23.13 -16.24 -17.19
C VAL D 51 23.50 -17.11 -18.38
N GLU D 52 22.50 -17.75 -18.99
CA GLU D 52 22.78 -18.61 -20.15
C GLU D 52 23.15 -17.81 -21.39
N ASP D 53 23.05 -16.49 -21.36
CA ASP D 53 23.47 -15.68 -22.50
C ASP D 53 24.89 -15.17 -22.37
N VAL D 54 25.56 -15.48 -21.26
CA VAL D 54 26.95 -15.04 -21.09
C VAL D 54 27.84 -15.88 -21.98
N PRO D 55 28.72 -15.29 -22.79
CA PRO D 55 29.58 -16.09 -23.65
C PRO D 55 30.44 -17.04 -22.84
N GLU D 56 30.75 -18.18 -23.46
CA GLU D 56 31.58 -19.22 -22.85
C GLU D 56 32.93 -18.67 -22.43
N ASN D 57 33.56 -17.86 -23.27
CA ASN D 57 34.94 -17.43 -23.07
C ASN D 57 35.06 -16.21 -22.17
N LEU D 58 33.95 -15.65 -21.70
CA LEU D 58 34.01 -14.52 -20.79
C LEU D 58 34.32 -15.01 -19.39
N GLN D 59 35.33 -14.40 -18.75
CA GLN D 59 35.68 -14.77 -17.39
C GLN D 59 34.52 -14.50 -16.45
N LYS D 60 34.25 -15.45 -15.57
CA LYS D 60 33.10 -15.40 -14.66
C LYS D 60 33.56 -15.54 -13.22
N ILE D 61 32.94 -14.77 -12.32
CA ILE D 61 33.07 -14.99 -10.88
C ILE D 61 31.78 -15.65 -10.41
N ASP D 62 31.91 -16.86 -9.89
CA ASP D 62 30.76 -17.66 -9.47
C ASP D 62 30.50 -17.37 -7.99
N LEU D 63 29.41 -16.68 -7.69
CA LEU D 63 29.10 -16.31 -6.31
C LEU D 63 28.34 -17.38 -5.55
N GLN D 64 28.19 -18.58 -6.14
CA GLN D 64 27.73 -19.78 -5.46
C GLN D 64 26.36 -19.60 -4.81
N GLY D 65 25.49 -18.82 -5.46
CA GLY D 65 24.14 -18.62 -4.99
C GLY D 65 23.98 -17.54 -3.95
N ASN D 66 25.03 -16.79 -3.63
CA ASN D 66 24.97 -15.75 -2.62
C ASN D 66 24.47 -14.46 -3.26
N ASN D 67 24.58 -13.35 -2.54
CA ASN D 67 23.91 -12.10 -2.87
C ASN D 67 24.90 -11.07 -3.40
N LEU D 68 24.44 -10.25 -4.34
CA LEU D 68 25.25 -9.19 -4.92
C LEU D 68 24.46 -7.89 -4.91
N THR D 69 25.09 -6.80 -4.50
CA THR D 69 24.42 -5.51 -4.37
C THR D 69 25.46 -4.41 -4.60
N ALA D 70 24.97 -3.18 -4.79
CA ALA D 70 25.89 -2.04 -4.88
C ALA D 70 26.68 -1.90 -3.58
N GLY D 71 27.94 -1.50 -3.70
CA GLY D 71 28.77 -1.34 -2.51
C GLY D 71 28.16 -0.36 -1.53
N PHE D 72 28.39 -0.60 -0.24
CA PHE D 72 27.79 0.24 0.78
C PHE D 72 28.53 1.58 0.87
N ILE D 73 27.79 2.62 1.24
CA ILE D 73 28.32 3.98 1.38
C ILE D 73 28.09 4.42 2.82
N ASP D 74 29.19 4.66 3.55
CA ASP D 74 29.13 4.98 4.99
C ASP D 74 29.30 6.48 5.14
N LEU D 75 28.23 7.18 5.52
CA LEU D 75 28.29 8.63 5.55
C LEU D 75 28.87 9.19 6.85
N GLN D 76 29.11 8.37 7.87
CA GLN D 76 29.72 8.83 9.11
C GLN D 76 30.72 7.79 9.63
N LEU D 77 32.00 8.12 9.55
CA LEU D 77 33.04 7.13 9.85
C LEU D 77 34.26 7.89 10.34
N ASN D 78 34.52 7.82 11.65
CA ASN D 78 35.63 8.55 12.27
C ASN D 78 36.96 7.80 12.12
N GLY D 79 36.91 6.48 12.02
CA GLY D 79 38.11 5.67 11.90
C GLY D 79 37.68 4.22 11.87
N CYS D 80 38.66 3.37 11.58
CA CYS D 80 38.48 1.93 11.68
C CYS D 80 39.84 1.29 11.42
N GLY D 81 39.92 -0.02 11.58
CA GLY D 81 41.17 -0.74 11.41
C GLY D 81 42.32 -0.25 12.27
N GLY D 82 42.03 0.30 13.45
CA GLY D 82 43.08 0.76 14.35
C GLY D 82 43.51 2.20 14.19
N VAL D 83 42.89 2.97 13.29
CA VAL D 83 43.30 4.36 13.07
C VAL D 83 42.08 5.27 13.16
N MET D 84 42.34 6.52 13.54
CA MET D 84 41.32 7.56 13.64
C MET D 84 41.76 8.74 12.81
N PHE D 85 40.87 9.22 11.94
CA PHE D 85 41.23 10.33 11.06
C PHE D 85 41.62 11.58 11.85
N ASN D 86 40.88 11.91 12.92
CA ASN D 86 41.25 13.07 13.73
C ASN D 86 42.68 12.94 14.27
N GLU D 87 43.07 11.72 14.66
CA GLU D 87 44.31 11.51 15.40
C GLU D 87 45.51 11.34 14.51
N ASP D 88 45.29 11.13 13.22
CA ASP D 88 46.34 10.78 12.27
C ASP D 88 45.85 11.30 10.92
N ILE D 89 46.06 12.60 10.70
CA ILE D 89 45.56 13.28 9.52
C ILE D 89 46.51 13.04 8.36
N SER D 90 46.28 11.96 7.61
CA SER D 90 47.19 11.58 6.54
C SER D 90 46.45 10.82 5.46
N VAL D 91 47.01 10.85 4.24
CA VAL D 91 46.47 10.05 3.15
C VAL D 91 46.55 8.56 3.51
N LYS D 92 47.56 8.17 4.27
CA LYS D 92 47.70 6.78 4.67
C LYS D 92 46.52 6.33 5.52
N THR D 93 46.07 7.18 6.43
CA THR D 93 44.91 6.84 7.25
C THR D 93 43.70 6.58 6.37
N LEU D 94 43.48 7.41 5.36
CA LEU D 94 42.32 7.23 4.48
C LEU D 94 42.45 5.97 3.65
N GLU D 95 43.68 5.60 3.26
CA GLU D 95 43.88 4.34 2.56
C GLU D 95 43.58 3.15 3.48
N ILE D 96 44.02 3.23 4.74
CA ILE D 96 43.79 2.14 5.68
C ILE D 96 42.30 1.98 5.95
N MET D 97 41.61 3.10 6.16
CA MET D 97 40.16 3.04 6.41
C MET D 97 39.43 2.46 5.21
N GLN D 98 39.81 2.87 3.99
CA GLN D 98 39.21 2.30 2.79
C GLN D 98 39.45 0.79 2.69
N GLU D 99 40.69 0.34 2.86
CA GLU D 99 40.90 -1.10 2.70
C GLU D 99 40.23 -1.90 3.81
N THR D 100 40.17 -1.33 5.01
CA THR D 100 39.43 -1.99 6.10
C THR D 100 37.95 -2.07 5.76
N ASN D 101 37.39 -0.98 5.23
CA ASN D 101 35.98 -0.95 4.87
C ASN D 101 35.62 -2.09 3.93
N LEU D 102 36.50 -2.42 2.99
CA LEU D 102 36.17 -3.45 2.00
C LEU D 102 35.82 -4.77 2.65
N LYS D 103 36.44 -5.07 3.80
CA LYS D 103 36.19 -6.34 4.46
C LYS D 103 34.76 -6.46 4.94
N SER D 104 34.06 -5.34 5.16
CA SER D 104 32.67 -5.39 5.56
C SER D 104 31.74 -4.84 4.48
N GLY D 105 32.19 -4.81 3.21
CA GLY D 105 31.33 -4.49 2.09
C GLY D 105 31.12 -3.02 1.79
N THR D 106 31.90 -2.12 2.41
CA THR D 106 31.74 -0.67 2.25
C THR D 106 32.78 -0.15 1.27
N THR D 107 32.33 0.31 0.10
CA THR D 107 33.26 0.75 -0.94
C THR D 107 33.46 2.26 -0.98
N SER D 108 32.59 3.06 -0.37
CA SER D 108 32.79 4.51 -0.27
C SER D 108 32.44 4.95 1.14
N TYR D 109 33.06 6.06 1.58
CA TYR D 109 32.73 6.60 2.90
C TYR D 109 33.12 8.07 2.92
N LEU D 110 32.61 8.79 3.93
CA LEU D 110 33.07 10.16 4.22
C LEU D 110 33.98 10.14 5.43
N PRO D 111 35.27 10.40 5.30
CA PRO D 111 36.12 10.59 6.48
C PRO D 111 35.52 11.65 7.37
N THR D 112 35.27 11.31 8.64
CA THR D 112 34.55 12.18 9.56
C THR D 112 35.55 12.76 10.55
N PHE D 113 35.66 14.08 10.54
CA PHE D 113 36.63 14.82 11.31
C PHE D 113 35.85 15.67 12.31
N ILE D 114 36.03 15.41 13.59
CA ILE D 114 35.14 15.97 14.60
C ILE D 114 35.75 17.21 15.24
N THR D 115 34.92 17.94 15.99
CA THR D 115 35.20 19.13 16.81
C THR D 115 36.64 19.21 17.31
N SER D 116 37.43 20.10 16.71
CA SER D 116 38.82 20.29 17.08
C SER D 116 39.30 21.66 16.57
N PRO D 117 40.55 22.08 16.80
CA PRO D 117 40.98 23.42 16.37
C PRO D 117 40.96 23.60 14.85
N ASP D 118 40.94 24.87 14.44
CA ASP D 118 40.91 25.22 13.01
C ASP D 118 42.07 24.61 12.24
N GLU D 119 43.28 24.60 12.83
CA GLU D 119 44.46 24.17 12.08
C GLU D 119 44.34 22.71 11.64
N GLY D 120 43.77 21.87 12.48
CA GLY D 120 43.54 20.48 12.09
C GLY D 120 42.51 20.35 10.99
N MET D 121 41.48 21.20 11.00
CA MET D 121 40.50 21.20 9.92
C MET D 121 41.17 21.53 8.60
N LYS D 122 42.04 22.55 8.60
CA LYS D 122 42.77 22.90 7.39
C LYS D 122 43.70 21.78 6.95
N ASP D 123 44.30 21.07 7.92
CA ASP D 123 45.11 19.92 7.57
C ASP D 123 44.26 18.86 6.88
N ALA D 124 43.05 18.63 7.39
CA ALA D 124 42.19 17.59 6.83
C ALA D 124 41.83 17.91 5.38
N VAL D 125 41.57 19.18 5.09
CA VAL D 125 41.22 19.59 3.74
C VAL D 125 42.38 19.31 2.78
N LYS D 126 43.60 19.68 3.17
CA LYS D 126 44.77 19.37 2.34
C LYS D 126 44.85 17.87 2.07
N VAL D 127 44.72 17.05 3.12
CA VAL D 127 44.87 15.60 2.96
C VAL D 127 43.78 15.05 2.07
N MET D 128 42.55 15.50 2.27
N MET D 128 42.55 15.50 2.27
CA MET D 128 41.43 15.03 1.44
CA MET D 128 41.43 15.03 1.44
C MET D 128 41.64 15.39 -0.02
C MET D 128 41.65 15.38 -0.02
N ARG D 129 42.10 16.61 -0.29
CA ARG D 129 42.34 17.01 -1.68
C ARG D 129 43.47 16.20 -2.29
N GLU D 130 44.52 15.93 -1.52
CA GLU D 130 45.60 15.11 -2.04
C GLU D 130 45.14 13.68 -2.32
N TYR D 131 44.35 13.10 -1.41
CA TYR D 131 43.81 11.76 -1.63
C TYR D 131 42.99 11.68 -2.91
N LEU D 132 42.13 12.68 -3.15
CA LEU D 132 41.28 12.65 -4.33
C LEU D 132 42.04 12.79 -5.63
N THR D 133 43.28 13.28 -5.61
CA THR D 133 44.07 13.24 -6.84
C THR D 133 44.51 11.83 -7.19
N GLN D 134 44.40 10.89 -6.25
CA GLN D 134 44.84 9.53 -6.48
C GLN D 134 43.74 8.50 -6.48
N TYR D 135 42.61 8.74 -5.79
CA TYR D 135 41.56 7.73 -5.65
C TYR D 135 40.20 8.33 -5.98
N LYS D 136 39.42 7.64 -6.80
CA LYS D 136 38.06 8.06 -7.10
C LYS D 136 37.07 7.02 -6.60
N ASN D 137 35.90 7.51 -6.16
CA ASN D 137 34.75 6.70 -5.74
C ASN D 137 35.00 5.88 -4.49
N GLN D 138 35.97 6.29 -3.68
CA GLN D 138 36.31 5.59 -2.43
C GLN D 138 36.06 6.52 -1.25
N ALA D 139 37.09 7.10 -0.63
CA ALA D 139 36.80 8.19 0.30
C ALA D 139 36.35 9.40 -0.52
N LEU D 140 35.09 9.81 -0.36
CA LEU D 140 34.47 10.74 -1.30
C LEU D 140 34.77 12.19 -0.97
N GLY D 141 34.81 12.53 0.30
CA GLY D 141 34.92 13.91 0.73
C GLY D 141 34.71 13.99 2.22
N LEU D 142 35.08 15.13 2.79
CA LEU D 142 35.09 15.28 4.23
C LEU D 142 33.68 15.39 4.81
N HIS D 143 33.51 14.84 6.00
CA HIS D 143 32.38 15.12 6.88
C HIS D 143 32.95 15.82 8.10
N PHE D 144 32.72 17.12 8.21
CA PHE D 144 33.08 17.88 9.41
C PHE D 144 31.91 17.78 10.37
N GLU D 145 32.06 17.01 11.45
CA GLU D 145 31.04 16.89 12.48
C GLU D 145 31.48 17.78 13.65
N GLY D 146 30.83 18.95 13.77
CA GLY D 146 31.34 20.00 14.62
C GLY D 146 32.31 20.87 13.84
N PRO D 147 32.86 21.92 14.48
CA PRO D 147 32.73 22.28 15.89
C PRO D 147 31.54 23.16 16.20
N TYR D 148 30.72 23.48 15.20
CA TYR D 148 29.65 24.47 15.39
C TYR D 148 28.39 23.80 15.97
N LEU D 149 28.56 23.26 17.17
CA LEU D 149 27.57 22.42 17.82
C LEU D 149 26.94 23.18 18.99
N SER D 150 26.43 22.45 19.97
CA SER D 150 25.97 23.04 21.21
C SER D 150 26.55 22.25 22.38
N VAL D 151 26.88 22.96 23.47
CA VAL D 151 27.52 22.28 24.59
C VAL D 151 26.54 21.37 25.31
N GLU D 152 25.24 21.67 25.24
CA GLU D 152 24.27 20.82 25.92
C GLU D 152 24.15 19.45 25.27
N LYS D 153 24.56 19.31 24.02
CA LYS D 153 24.51 18.02 23.31
C LYS D 153 25.88 17.68 22.74
N LYS D 154 26.93 17.88 23.53
CA LYS D 154 28.29 17.70 23.05
C LYS D 154 28.72 16.24 22.95
N GLY D 155 28.10 15.34 23.70
CA GLY D 155 28.60 13.96 23.71
C GLY D 155 30.03 13.89 24.18
N VAL D 156 30.88 13.21 23.40
CA VAL D 156 32.31 13.18 23.70
C VAL D 156 33.08 14.34 23.08
N HIS D 157 32.39 15.25 22.37
CA HIS D 157 33.06 16.41 21.78
C HIS D 157 33.50 17.38 22.86
N ARG D 158 34.71 17.92 22.71
CA ARG D 158 35.32 18.77 23.73
C ARG D 158 34.58 20.11 23.80
N GLU D 159 34.05 20.43 24.99
CA GLU D 159 33.35 21.69 25.20
C GLU D 159 34.22 22.89 24.84
N GLU D 160 35.53 22.80 25.11
CA GLU D 160 36.43 23.93 24.85
C GLU D 160 36.54 24.26 23.37
N TYR D 161 36.24 23.30 22.48
CA TYR D 161 36.34 23.52 21.04
C TYR D 161 35.01 23.83 20.37
N ILE D 162 33.87 23.60 21.03
CA ILE D 162 32.59 23.96 20.43
C ILE D 162 32.46 25.47 20.38
N ARG D 163 32.16 26.00 19.19
CA ARG D 163 32.25 27.43 18.96
C ARG D 163 31.31 27.84 17.84
N ALA D 164 31.29 29.13 17.55
CA ALA D 164 30.57 29.68 16.41
C ALA D 164 31.56 30.15 15.37
N ILE D 165 31.19 29.99 14.10
CA ILE D 165 32.16 30.18 13.02
C ILE D 165 32.47 31.67 12.85
N SER D 166 33.73 31.96 12.58
CA SER D 166 34.21 33.28 12.22
C SER D 166 34.04 33.52 10.73
N PRO D 167 33.92 34.78 10.31
CA PRO D 167 33.83 35.06 8.86
C PRO D 167 35.01 34.52 8.08
N GLU D 168 36.19 34.47 8.70
CA GLU D 168 37.37 33.92 8.03
C GLU D 168 37.26 32.41 7.85
N MET D 169 36.72 31.69 8.84
CA MET D 169 36.56 30.25 8.66
C MET D 169 35.37 29.92 7.76
N LYS D 170 34.35 30.78 7.74
CA LYS D 170 33.27 30.57 6.78
C LYS D 170 33.78 30.65 5.36
N THR D 171 34.66 31.61 5.09
CA THR D 171 35.25 31.73 3.76
C THR D 171 36.11 30.53 3.41
N PHE D 172 36.92 30.06 4.37
CA PHE D 172 37.79 28.93 4.07
C PHE D 172 36.97 27.70 3.67
N LEU D 173 35.92 27.39 4.43
CA LEU D 173 35.12 26.19 4.12
C LEU D 173 34.44 26.32 2.76
N CYS D 174 33.78 27.44 2.48
CA CYS D 174 33.15 27.64 1.18
C CYS D 174 34.17 27.62 0.05
N ASP D 175 35.36 28.15 0.29
CA ASP D 175 36.43 28.08 -0.73
C ASP D 175 36.85 26.64 -1.02
N ASN D 176 36.74 25.74 -0.03
CA ASN D 176 37.20 24.36 -0.19
C ASN D 176 36.03 23.38 -0.24
N ALA D 177 34.86 23.85 -0.66
CA ALA D 177 33.70 22.99 -0.79
C ALA D 177 33.93 21.83 -1.75
N ASP D 178 34.90 21.95 -2.66
CA ASP D 178 35.13 20.89 -3.64
C ASP D 178 35.57 19.57 -2.98
N VAL D 179 36.03 19.60 -1.72
CA VAL D 179 36.43 18.39 -1.03
C VAL D 179 35.68 18.21 0.29
N ILE D 180 34.68 19.05 0.56
CA ILE D 180 33.88 18.96 1.77
C ILE D 180 32.50 18.47 1.35
N THR D 181 32.15 17.25 1.76
CA THR D 181 30.85 16.70 1.39
C THR D 181 29.75 17.17 2.34
N LYS D 182 30.03 17.16 3.63
CA LYS D 182 28.98 17.40 4.62
C LYS D 182 29.54 18.15 5.81
N ILE D 183 28.73 19.03 6.39
CA ILE D 183 29.01 19.64 7.69
C ILE D 183 27.83 19.36 8.60
N THR D 184 28.11 18.82 9.78
CA THR D 184 27.10 18.65 10.83
C THR D 184 27.18 19.85 11.79
N LEU D 185 26.07 20.53 12.01
CA LEU D 185 26.05 21.68 12.91
C LEU D 185 24.75 21.68 13.69
N ALA D 186 24.72 22.49 14.74
CA ALA D 186 23.54 22.58 15.60
C ALA D 186 22.66 23.72 15.12
N ALA D 187 21.34 23.49 15.13
CA ALA D 187 20.39 24.46 14.59
C ALA D 187 20.35 25.76 15.38
N GLU D 188 20.69 25.73 16.67
CA GLU D 188 20.68 26.90 17.52
C GLU D 188 22.05 27.58 17.61
N ASN D 189 23.07 27.02 16.96
CA ASN D 189 24.36 27.68 16.88
C ASN D 189 24.29 28.84 15.88
N PRO D 190 24.85 30.00 16.22
CA PRO D 190 24.79 31.15 15.29
C PRO D 190 25.35 30.84 13.91
N THR D 191 26.20 29.82 13.79
CA THR D 191 26.68 29.36 12.49
C THR D 191 25.55 28.99 11.54
N ALA D 192 24.38 28.65 12.06
CA ALA D 192 23.25 28.26 11.20
C ALA D 192 22.83 29.36 10.25
N GLN D 193 23.16 30.62 10.54
CA GLN D 193 22.85 31.72 9.61
C GLN D 193 23.46 31.46 8.24
N TYR D 194 24.56 30.69 8.18
CA TYR D 194 25.28 30.47 6.94
C TYR D 194 24.85 29.22 6.20
N ILE D 195 23.77 28.56 6.64
CA ILE D 195 23.31 27.35 5.95
C ILE D 195 23.08 27.59 4.46
N PRO D 196 22.38 28.66 4.03
CA PRO D 196 22.24 28.88 2.58
C PRO D 196 23.57 29.07 1.88
N ASP D 197 24.54 29.69 2.53
CA ASP D 197 25.85 29.88 1.91
C ASP D 197 26.55 28.54 1.70
N PHE D 198 26.59 27.70 2.73
CA PHE D 198 27.18 26.37 2.59
C PHE D 198 26.49 25.58 1.50
N VAL D 199 25.15 25.64 1.46
CA VAL D 199 24.41 24.83 0.50
C VAL D 199 24.66 25.31 -0.93
N GLU D 200 24.68 26.63 -1.14
CA GLU D 200 24.97 27.17 -2.47
C GLU D 200 26.31 26.69 -2.99
N LYS D 201 27.28 26.46 -2.09
CA LYS D 201 28.62 26.02 -2.46
C LYS D 201 28.73 24.51 -2.64
N GLY D 202 27.65 23.75 -2.49
CA GLY D 202 27.69 22.32 -2.73
C GLY D 202 27.99 21.46 -1.51
N ILE D 203 27.87 22.02 -0.30
CA ILE D 203 28.09 21.28 0.94
C ILE D 203 26.74 20.86 1.50
N ILE D 204 26.58 19.56 1.78
CA ILE D 204 25.40 19.08 2.50
C ILE D 204 25.46 19.57 3.94
N VAL D 205 24.40 20.20 4.42
CA VAL D 205 24.31 20.63 5.81
C VAL D 205 23.42 19.65 6.57
N SER D 206 23.94 19.14 7.68
CA SER D 206 23.26 18.16 8.51
C SER D 206 23.07 18.72 9.92
N LEU D 207 21.92 18.45 10.52
CA LEU D 207 21.65 18.80 11.90
C LEU D 207 22.16 17.72 12.85
N GLY D 208 22.90 18.13 13.88
CA GLY D 208 23.38 17.17 14.87
C GLY D 208 23.95 17.88 16.08
N HIS D 209 24.03 17.13 17.17
CA HIS D 209 24.57 17.67 18.43
C HIS D 209 23.92 18.99 18.79
N SER D 210 22.58 18.98 18.79
CA SER D 210 21.77 20.18 18.81
C SER D 210 20.68 20.02 19.86
N ASN D 211 20.55 21.01 20.74
CA ASN D 211 19.47 21.02 21.72
C ASN D 211 18.33 21.93 21.28
N ALA D 212 18.23 22.21 19.98
CA ALA D 212 17.28 23.18 19.47
C ALA D 212 15.83 22.75 19.74
N THR D 213 14.95 23.75 19.80
CA THR D 213 13.52 23.46 19.74
C THR D 213 13.12 22.99 18.34
N TYR D 214 11.94 22.36 18.26
CA TYR D 214 11.35 21.98 16.98
C TYR D 214 11.36 23.14 15.98
N ASP D 215 10.89 24.30 16.40
CA ASP D 215 10.77 25.44 15.48
C ASP D 215 12.13 25.86 14.95
N VAL D 216 13.13 25.96 15.82
CA VAL D 216 14.46 26.37 15.38
C VAL D 216 15.08 25.31 14.48
N ALA D 217 14.82 24.03 14.73
CA ALA D 217 15.33 23.00 13.83
C ALA D 217 14.64 23.06 12.47
N GLN D 218 13.32 23.22 12.44
CA GLN D 218 12.61 23.39 11.17
C GLN D 218 13.09 24.63 10.41
N GLN D 219 13.43 25.71 11.14
CA GLN D 219 14.00 26.89 10.49
C GLN D 219 15.27 26.52 9.73
N ALA D 220 16.14 25.74 10.38
CA ALA D 220 17.38 25.29 9.72
C ALA D 220 17.07 24.41 8.50
N ILE D 221 16.07 23.53 8.59
CA ILE D 221 15.70 22.74 7.43
C ILE D 221 15.19 23.64 6.31
N GLU D 222 14.28 24.57 6.63
CA GLU D 222 13.77 25.48 5.61
C GLU D 222 14.91 26.22 4.90
N LYS D 223 15.97 26.58 5.64
CA LYS D 223 17.11 27.30 5.09
C LYS D 223 18.03 26.43 4.24
N GLY D 224 17.92 25.11 4.32
CA GLY D 224 18.71 24.26 3.45
C GLY D 224 19.29 22.98 4.02
N ALA D 225 19.22 22.79 5.34
CA ALA D 225 19.74 21.55 5.93
C ALA D 225 18.93 20.36 5.41
N SER D 226 19.63 19.32 4.96
CA SER D 226 18.95 18.23 4.26
C SER D 226 19.33 16.86 4.80
N PHE D 227 19.90 16.80 6.00
CA PHE D 227 20.33 15.55 6.61
C PHE D 227 20.32 15.78 8.11
N ALA D 228 20.27 14.69 8.86
CA ALA D 228 20.43 14.73 10.30
C ALA D 228 21.40 13.63 10.72
N THR D 229 22.26 13.96 11.67
CA THR D 229 23.38 13.10 12.04
C THR D 229 23.00 12.22 13.24
N HIS D 230 23.25 10.91 13.10
CA HIS D 230 22.86 9.83 14.01
C HIS D 230 21.66 10.18 14.88
N LEU D 231 20.47 10.00 14.29
CA LEU D 231 19.20 10.32 14.91
C LEU D 231 19.09 9.76 16.32
N HIS D 232 18.58 10.61 17.24
CA HIS D 232 18.39 10.35 18.68
C HIS D 232 19.63 10.65 19.51
N ASN D 233 20.82 10.50 18.93
CA ASN D 233 22.05 10.64 19.69
C ASN D 233 22.48 12.10 19.67
N ALA D 234 22.62 12.69 20.86
CA ALA D 234 23.01 14.10 20.98
C ALA D 234 22.02 15.01 20.28
N MET D 235 20.73 14.80 20.56
CA MET D 235 19.65 15.60 20.01
C MET D 235 18.60 15.82 21.08
N SER D 236 18.01 17.02 21.09
CA SER D 236 16.82 17.21 21.89
C SER D 236 15.73 16.25 21.41
N PRO D 237 15.11 15.49 22.31
CA PRO D 237 14.13 14.49 21.88
C PRO D 237 12.73 15.06 21.80
N ILE D 238 11.76 14.21 21.44
CA ILE D 238 10.35 14.53 21.65
C ILE D 238 10.07 14.29 23.12
N SER D 239 10.20 15.34 23.93
CA SER D 239 10.12 15.20 25.39
C SER D 239 8.70 15.27 25.93
N SER D 240 7.72 15.67 25.12
CA SER D 240 6.34 15.73 25.57
C SER D 240 5.44 15.85 24.35
N GLY D 241 4.13 15.93 24.61
CA GLY D 241 3.19 16.18 23.53
C GLY D 241 3.45 17.50 22.81
N ARG D 242 4.04 18.48 23.51
CA ARG D 242 4.20 19.84 23.00
C ARG D 242 5.64 20.26 22.72
N ALA D 243 6.64 19.44 23.04
CA ALA D 243 8.04 19.78 22.87
C ALA D 243 8.68 18.68 22.03
N MET D 244 8.75 18.90 20.72
CA MET D 244 9.18 17.85 19.80
C MET D 244 10.66 17.87 19.52
N GLY D 245 11.37 18.96 19.83
CA GLY D 245 12.83 19.01 19.71
C GLY D 245 13.33 18.74 18.30
N VAL D 246 14.62 18.45 18.22
CA VAL D 246 15.26 18.17 16.94
C VAL D 246 14.80 16.83 16.39
N VAL D 247 14.65 15.83 17.26
CA VAL D 247 14.16 14.52 16.81
C VAL D 247 12.82 14.68 16.12
N GLY D 248 11.91 15.45 16.73
CA GLY D 248 10.59 15.62 16.16
C GLY D 248 10.62 16.37 14.84
N ALA D 249 11.52 17.36 14.74
CA ALA D 249 11.61 18.12 13.50
C ALA D 249 12.15 17.27 12.36
N VAL D 250 13.11 16.40 12.66
CA VAL D 250 13.66 15.51 11.64
C VAL D 250 12.61 14.50 11.20
N LEU D 251 11.89 13.90 12.15
CA LEU D 251 10.91 12.89 11.80
C LEU D 251 9.75 13.49 11.03
N ASP D 252 9.28 14.66 11.46
CA ASP D 252 8.17 15.38 10.83
C ASP D 252 8.64 16.25 9.68
N SER D 253 9.54 15.71 8.87
CA SER D 253 10.17 16.41 7.77
C SER D 253 10.42 15.39 6.67
N ASP D 254 10.86 15.87 5.52
N ASP D 254 10.88 15.89 5.52
CA ASP D 254 11.19 14.97 4.42
CA ASP D 254 11.20 15.04 4.38
C ASP D 254 12.69 14.79 4.22
C ASP D 254 12.69 14.76 4.24
N ILE D 255 13.51 15.20 5.18
CA ILE D 255 14.96 15.12 5.01
C ILE D 255 15.45 13.70 5.26
N TYR D 256 16.58 13.37 4.64
CA TYR D 256 17.31 12.14 4.96
C TYR D 256 17.89 12.21 6.36
N THR D 257 18.05 11.05 6.99
CA THR D 257 18.65 11.02 8.32
C THR D 257 19.44 9.73 8.50
N GLY D 258 20.57 9.83 9.21
CA GLY D 258 21.38 8.68 9.51
C GLY D 258 21.00 8.09 10.86
N ILE D 259 21.14 6.77 10.98
CA ILE D 259 20.88 6.10 12.24
C ILE D 259 21.91 4.99 12.43
N ILE D 260 22.33 4.78 13.67
CA ILE D 260 23.28 3.73 14.01
C ILE D 260 22.51 2.50 14.44
N VAL D 261 22.85 1.34 13.87
CA VAL D 261 22.12 0.10 14.12
C VAL D 261 23.00 -0.91 14.82
N ASP D 262 23.67 -0.50 15.91
CA ASP D 262 24.51 -1.41 16.69
C ASP D 262 23.78 -1.96 17.90
N GLY D 263 22.55 -1.52 18.15
CA GLY D 263 21.80 -1.97 19.30
C GLY D 263 22.21 -1.34 20.61
N LEU D 264 23.22 -0.48 20.60
CA LEU D 264 23.73 0.22 21.78
C LEU D 264 23.39 1.70 21.75
N HIS D 265 23.56 2.33 20.58
CA HIS D 265 23.24 3.74 20.40
C HIS D 265 21.73 3.98 20.40
N VAL D 266 20.96 3.11 19.73
CA VAL D 266 19.51 3.28 19.60
C VAL D 266 18.84 1.94 19.81
N ASP D 267 17.85 1.90 20.70
CA ASP D 267 17.04 0.69 20.88
C ASP D 267 16.44 0.25 19.55
N TYR D 268 16.39 -1.06 19.33
CA TYR D 268 15.85 -1.56 18.06
C TYR D 268 14.40 -1.11 17.85
N GLY D 269 13.64 -1.01 18.95
CA GLY D 269 12.27 -0.53 18.84
C GLY D 269 12.17 0.89 18.34
N ASN D 270 13.12 1.75 18.73
CA ASN D 270 13.15 3.11 18.18
C ASN D 270 13.41 3.08 16.68
N ILE D 271 14.34 2.23 16.23
CA ILE D 271 14.60 2.14 14.79
C ILE D 271 13.36 1.66 14.05
N ARG D 272 12.60 0.74 14.65
CA ARG D 272 11.35 0.29 14.05
C ARG D 272 10.41 1.47 13.82
N LEU D 273 10.22 2.29 14.86
CA LEU D 273 9.36 3.45 14.75
C LEU D 273 9.90 4.42 13.71
N ASP D 274 11.20 4.69 13.78
CA ASP D 274 11.81 5.64 12.85
C ASP D 274 11.68 5.17 11.41
N LYS D 275 11.82 3.86 11.18
CA LYS D 275 11.65 3.35 9.81
C LYS D 275 10.22 3.52 9.34
N LYS D 276 9.26 3.21 10.22
CA LYS D 276 7.86 3.39 9.90
C LYS D 276 7.56 4.83 9.47
N VAL D 277 8.20 5.81 10.12
CA VAL D 277 7.93 7.20 9.81
C VAL D 277 8.73 7.67 8.60
N LYS D 278 10.02 7.31 8.49
CA LYS D 278 10.89 7.93 7.50
C LYS D 278 11.00 7.17 6.20
N GLY D 279 10.59 5.91 6.18
CA GLY D 279 10.61 5.12 4.96
C GLY D 279 11.92 5.19 4.19
N ASP D 280 11.87 5.71 2.97
CA ASP D 280 13.05 5.69 2.11
C ASP D 280 14.01 6.85 2.38
N LYS D 281 13.83 7.56 3.49
CA LYS D 281 14.75 8.62 3.89
C LYS D 281 15.65 8.23 5.07
N LEU D 282 15.56 6.99 5.54
CA LEU D 282 16.34 6.56 6.70
C LEU D 282 17.56 5.82 6.19
N CYS D 283 18.75 6.35 6.50
CA CYS D 283 20.03 5.80 6.05
C CYS D 283 20.76 5.19 7.24
N ILE D 284 21.48 4.11 7.00
CA ILE D 284 22.31 3.47 8.02
C ILE D 284 23.72 4.06 7.91
N VAL D 285 24.28 4.47 9.05
CA VAL D 285 25.69 4.83 9.15
C VAL D 285 26.30 4.00 10.27
N THR D 286 27.62 3.81 10.21
CA THR D 286 28.28 3.11 11.33
C THR D 286 28.67 4.04 12.46
N ASP D 287 29.10 5.27 12.15
CA ASP D 287 29.72 6.16 13.14
C ASP D 287 30.90 5.47 13.81
N ALA D 288 31.62 4.64 13.05
CA ALA D 288 32.57 3.71 13.64
C ALA D 288 33.88 4.42 13.98
N THR D 289 34.67 3.74 14.82
CA THR D 289 35.96 4.21 15.29
C THR D 289 37.04 3.17 15.03
N ALA D 290 38.25 3.44 15.53
CA ALA D 290 39.38 2.53 15.33
C ALA D 290 39.07 1.10 15.76
N ALA D 291 38.12 0.91 16.68
CA ALA D 291 37.81 -0.43 17.16
C ALA D 291 37.14 -1.30 16.12
N ALA D 292 36.48 -0.71 15.11
CA ALA D 292 35.84 -1.53 14.07
C ALA D 292 36.90 -2.16 13.18
N GLY D 293 36.85 -3.48 13.02
CA GLY D 293 37.83 -4.17 12.20
C GLY D 293 39.22 -4.20 12.79
N ALA D 294 39.33 -4.09 14.11
CA ALA D 294 40.60 -4.20 14.81
C ALA D 294 40.34 -4.86 16.16
N ASP D 295 41.40 -5.11 16.90
CA ASP D 295 41.28 -5.65 18.26
C ASP D 295 42.15 -4.75 19.15
N ILE D 296 41.54 -3.68 19.66
CA ILE D 296 42.21 -2.75 20.55
C ILE D 296 41.39 -2.60 21.82
N ASP D 297 42.03 -2.06 22.86
CA ASP D 297 41.40 -1.92 24.16
C ASP D 297 40.94 -0.50 24.46
N SER D 298 41.61 0.49 23.89
CA SER D 298 41.23 1.87 24.09
C SER D 298 41.92 2.70 23.03
N PHE D 299 41.42 3.91 22.85
CA PHE D 299 42.04 4.89 21.98
C PHE D 299 41.70 6.26 22.53
N VAL D 300 42.49 7.26 22.15
CA VAL D 300 42.22 8.63 22.54
C VAL D 300 41.59 9.35 21.36
N PHE D 301 40.50 10.08 21.63
CA PHE D 301 39.67 10.74 20.61
C PHE D 301 39.58 12.21 21.02
N VAL D 302 40.37 13.05 20.33
CA VAL D 302 40.51 14.48 20.64
C VAL D 302 40.67 14.66 22.15
N GLY D 303 41.61 13.94 22.75
CA GLY D 303 41.89 14.10 24.16
C GLY D 303 41.04 13.26 25.09
N LYS D 304 39.96 12.66 24.60
CA LYS D 304 39.07 11.85 25.42
C LYS D 304 39.46 10.38 25.28
N THR D 305 39.74 9.74 26.42
CA THR D 305 40.06 8.32 26.42
C THR D 305 38.78 7.52 26.23
N VAL D 306 38.75 6.67 25.21
CA VAL D 306 37.59 5.87 24.90
C VAL D 306 37.98 4.41 25.09
N TYR D 307 37.28 3.73 25.97
CA TYR D 307 37.55 2.33 26.24
C TYR D 307 36.69 1.44 25.35
N VAL D 308 37.24 0.30 24.98
CA VAL D 308 36.60 -0.63 24.07
C VAL D 308 36.42 -1.94 24.82
N ARG D 309 35.19 -2.24 25.21
CA ARG D 309 34.86 -3.48 25.92
C ARG D 309 33.71 -4.14 25.18
N ASP D 310 34.01 -5.24 24.50
CA ASP D 310 33.02 -6.06 23.78
C ASP D 310 32.09 -5.20 22.92
N GLY D 311 32.68 -4.49 21.96
CA GLY D 311 31.91 -3.78 20.96
C GLY D 311 31.24 -2.49 21.40
N LYS D 312 31.50 -2.03 22.62
CA LYS D 312 30.98 -0.77 23.11
C LYS D 312 32.15 0.18 23.34
N CYS D 313 32.00 1.43 22.87
CA CYS D 313 33.04 2.46 22.95
C CYS D 313 32.52 3.60 23.81
N TYR D 314 33.09 3.77 25.00
CA TYR D 314 32.57 4.74 25.96
C TYR D 314 33.72 5.33 26.78
N ASP D 315 33.54 6.60 27.20
CA ASP D 315 34.55 7.28 27.99
C ASP D 315 34.32 6.99 29.48
N SER D 316 35.09 7.63 30.37
CA SER D 316 35.04 7.28 31.79
C SER D 316 33.64 7.51 32.37
N ASN D 317 32.92 8.51 31.86
CA ASN D 317 31.58 8.78 32.36
C ASN D 317 30.51 7.90 31.70
N GLY D 318 30.90 6.99 30.81
CA GLY D 318 29.95 6.11 30.14
C GLY D 318 29.26 6.70 28.93
N THR D 319 29.70 7.87 28.45
CA THR D 319 29.17 8.43 27.22
C THR D 319 29.74 7.66 26.03
N LEU D 320 28.88 7.28 25.09
CA LEU D 320 29.36 6.58 23.91
C LEU D 320 30.23 7.52 23.06
N GLY D 321 31.38 7.01 22.63
CA GLY D 321 32.26 7.78 21.78
C GLY D 321 32.48 7.10 20.45
N GLY D 322 31.45 7.04 19.62
CA GLY D 322 31.47 6.31 18.39
C GLY D 322 31.09 4.85 18.58
N ALA D 323 31.20 4.10 17.49
CA ALA D 323 30.74 2.73 17.45
C ALA D 323 31.89 1.82 17.03
N ALA D 324 31.71 0.51 17.25
CA ALA D 324 32.65 -0.48 16.72
C ALA D 324 32.01 -1.36 15.65
N ILE D 325 30.95 -0.89 15.02
CA ILE D 325 30.17 -1.71 14.11
C ILE D 325 30.60 -1.44 12.67
N THR D 326 30.31 -2.40 11.80
CA THR D 326 30.51 -2.29 10.36
C THR D 326 29.16 -2.27 9.65
N MET D 327 29.21 -1.94 8.34
CA MET D 327 27.96 -1.83 7.59
C MET D 327 27.27 -3.20 7.44
N ILE D 328 28.04 -4.26 7.12
CA ILE D 328 27.41 -5.56 6.99
C ILE D 328 26.85 -6.05 8.33
N GLU D 329 27.50 -5.71 9.45
CA GLU D 329 26.95 -6.06 10.76
C GLU D 329 25.64 -5.30 11.02
N SER D 330 25.59 -4.05 10.58
CA SER D 330 24.37 -3.25 10.70
C SER D 330 23.25 -3.80 9.84
N VAL D 331 23.58 -4.27 8.65
CA VAL D 331 22.60 -4.94 7.79
C VAL D 331 21.98 -6.12 8.54
N LYS D 332 22.82 -6.98 9.11
CA LYS D 332 22.34 -8.12 9.88
C LYS D 332 21.39 -7.68 10.98
N ASN D 333 21.79 -6.65 11.76
CA ASN D 333 20.96 -6.19 12.86
C ASN D 333 19.66 -5.59 12.35
N ALA D 334 19.74 -4.83 11.26
CA ALA D 334 18.53 -4.24 10.70
C ALA D 334 17.56 -5.33 10.25
N VAL D 335 18.07 -6.40 9.63
CA VAL D 335 17.20 -7.45 9.16
C VAL D 335 16.67 -8.28 10.34
N GLN D 336 17.56 -8.70 11.24
CA GLN D 336 17.19 -9.69 12.24
C GLN D 336 16.59 -9.10 13.51
N GLU D 337 17.07 -7.94 13.95
CA GLU D 337 16.59 -7.31 15.17
C GLU D 337 15.53 -6.23 14.93
N VAL D 338 15.66 -5.45 13.87
CA VAL D 338 14.64 -4.43 13.62
C VAL D 338 13.48 -4.99 12.79
N GLY D 339 13.73 -5.97 11.93
CA GLY D 339 12.67 -6.55 11.12
C GLY D 339 12.47 -5.92 9.76
N ILE D 340 13.45 -5.19 9.25
CA ILE D 340 13.35 -4.55 7.94
C ILE D 340 13.74 -5.57 6.86
N PRO D 341 12.97 -5.69 5.76
CA PRO D 341 13.31 -6.69 4.73
C PRO D 341 14.69 -6.47 4.15
N LEU D 342 15.28 -7.55 3.62
CA LEU D 342 16.67 -7.48 3.17
C LEU D 342 16.86 -6.45 2.07
N ASP D 343 15.99 -6.46 1.05
CA ASP D 343 16.20 -5.53 -0.06
C ASP D 343 16.07 -4.08 0.41
N GLU D 344 15.15 -3.81 1.35
CA GLU D 344 15.02 -2.45 1.88
C GLU D 344 16.21 -2.07 2.77
N THR D 345 16.67 -3.00 3.62
CA THR D 345 17.85 -2.73 4.42
C THR D 345 19.06 -2.37 3.55
N LEU D 346 19.23 -3.08 2.43
CA LEU D 346 20.40 -2.80 1.59
C LEU D 346 20.31 -1.41 1.00
N ARG D 347 19.11 -0.99 0.59
CA ARG D 347 18.92 0.37 0.09
C ARG D 347 19.34 1.40 1.13
N MET D 348 19.09 1.12 2.41
CA MET D 348 19.51 2.04 3.45
C MET D 348 21.01 2.14 3.58
N CYS D 349 21.76 1.21 2.97
CA CYS D 349 23.22 1.20 3.03
C CYS D 349 23.91 1.57 1.73
N ASN D 350 23.19 1.64 0.61
CA ASN D 350 23.83 2.07 -0.63
C ASN D 350 23.03 3.15 -1.36
N TYR D 351 21.80 2.82 -1.75
CA TYR D 351 21.01 3.72 -2.58
C TYR D 351 20.61 4.99 -1.83
N TYR D 352 20.03 4.86 -0.64
CA TYR D 352 19.58 6.05 0.07
C TYR D 352 20.75 6.96 0.47
N PRO D 353 21.86 6.47 1.02
CA PRO D 353 22.97 7.41 1.28
C PRO D 353 23.55 8.02 0.02
N ALA D 354 23.60 7.28 -1.10
CA ALA D 354 24.02 7.90 -2.37
C ALA D 354 23.13 9.08 -2.74
N LYS D 355 21.82 8.93 -2.56
CA LYS D 355 20.91 10.04 -2.88
C LYS D 355 21.05 11.18 -1.89
N ALA D 356 21.31 10.86 -0.62
CA ALA D 356 21.38 11.90 0.41
C ALA D 356 22.53 12.87 0.15
N ILE D 357 23.61 12.42 -0.47
CA ILE D 357 24.74 13.31 -0.76
C ILE D 357 24.88 13.60 -2.24
N GLY D 358 23.96 13.12 -3.07
CA GLY D 358 23.96 13.50 -4.48
C GLY D 358 25.00 12.82 -5.34
N VAL D 359 25.42 11.60 -5.01
CA VAL D 359 26.28 10.84 -5.91
C VAL D 359 25.51 9.67 -6.52
N ASP D 360 24.19 9.68 -6.44
CA ASP D 360 23.41 8.56 -6.93
C ASP D 360 23.46 8.42 -8.45
N HIS D 361 23.98 9.40 -9.19
CA HIS D 361 24.06 9.24 -10.64
C HIS D 361 25.14 8.23 -11.04
N LYS D 362 26.17 8.08 -10.22
CA LYS D 362 27.25 7.14 -10.50
C LYS D 362 27.33 5.96 -9.54
N LEU D 363 26.86 6.10 -8.30
CA LEU D 363 27.07 5.09 -7.25
C LEU D 363 25.72 4.73 -6.61
N GLY D 364 25.73 3.66 -5.81
CA GLY D 364 24.63 3.37 -4.92
C GLY D 364 23.61 2.37 -5.43
N SER D 365 23.65 1.98 -6.71
CA SER D 365 22.72 0.97 -7.20
C SER D 365 23.33 0.28 -8.42
N ILE D 366 22.76 -0.86 -8.76
CA ILE D 366 23.23 -1.66 -9.88
C ILE D 366 22.35 -1.28 -11.07
N GLU D 367 22.88 -0.44 -11.94
CA GLU D 367 22.23 -0.03 -13.18
C GLU D 367 23.31 0.12 -14.23
N VAL D 368 23.00 -0.23 -15.48
CA VAL D 368 24.01 -0.15 -16.52
C VAL D 368 24.50 1.29 -16.67
N GLY D 369 25.83 1.45 -16.74
CA GLY D 369 26.43 2.76 -16.85
C GLY D 369 26.93 3.36 -15.54
N LYS D 370 26.52 2.80 -14.40
CA LYS D 370 27.02 3.29 -13.13
C LYS D 370 28.34 2.63 -12.80
N ILE D 371 29.04 3.19 -11.80
CA ILE D 371 30.33 2.64 -11.40
C ILE D 371 30.12 1.26 -10.78
N ALA D 372 31.01 0.33 -11.13
CA ALA D 372 30.97 -1.03 -10.59
C ALA D 372 31.66 -1.04 -9.22
N ASN D 373 31.00 -0.39 -8.26
CA ASN D 373 31.31 -0.56 -6.83
C ASN D 373 30.28 -1.53 -6.28
N LEU D 374 30.71 -2.74 -5.96
CA LEU D 374 29.83 -3.87 -5.71
C LEU D 374 30.27 -4.63 -4.47
N THR D 375 29.30 -5.28 -3.81
CA THR D 375 29.54 -6.07 -2.62
C THR D 375 28.80 -7.40 -2.74
N ALA D 376 29.50 -8.51 -2.49
CA ALA D 376 28.92 -9.84 -2.49
C ALA D 376 28.91 -10.36 -1.06
N PHE D 377 27.78 -10.94 -0.63
CA PHE D 377 27.64 -11.34 0.76
C PHE D 377 26.71 -12.54 0.87
N THR D 378 26.88 -13.30 1.95
CA THR D 378 26.09 -14.48 2.26
C THR D 378 24.84 -14.13 3.08
N ASN D 379 23.97 -15.13 3.25
CA ASN D 379 22.73 -14.95 4.01
C ASN D 379 22.95 -15.00 5.53
N ASP D 380 24.14 -15.35 6.01
CA ASP D 380 24.47 -15.04 7.39
C ASP D 380 25.38 -13.82 7.47
N PHE D 381 25.41 -13.01 6.41
CA PHE D 381 25.93 -11.65 6.45
C PHE D 381 27.44 -11.61 6.64
N ASN D 382 28.13 -12.45 5.88
CA ASN D 382 29.57 -12.37 5.70
C ASN D 382 29.86 -11.86 4.29
N VAL D 383 30.83 -10.97 4.18
CA VAL D 383 31.18 -10.38 2.89
C VAL D 383 32.17 -11.30 2.18
N LEU D 384 31.86 -11.64 0.93
CA LEU D 384 32.69 -12.54 0.13
C LEU D 384 33.73 -11.77 -0.67
N GLY D 385 33.42 -10.53 -1.03
CA GLY D 385 34.40 -9.67 -1.68
C GLY D 385 33.70 -8.43 -2.18
N THR D 386 34.50 -7.56 -2.80
CA THR D 386 34.01 -6.31 -3.36
C THR D 386 34.63 -6.08 -4.72
N ALA D 387 33.93 -5.28 -5.54
CA ALA D 387 34.53 -4.61 -6.67
C ALA D 387 34.56 -3.12 -6.35
N VAL D 388 35.71 -2.49 -6.60
CA VAL D 388 35.83 -1.04 -6.51
C VAL D 388 36.33 -0.58 -7.85
N ASN D 389 35.60 0.33 -8.49
CA ASN D 389 35.86 0.74 -9.88
C ASN D 389 36.09 -0.49 -10.76
N GLY D 390 35.24 -1.51 -10.56
CA GLY D 390 35.27 -2.70 -11.38
C GLY D 390 36.31 -3.73 -10.98
N GLU D 391 37.20 -3.41 -10.05
CA GLU D 391 38.31 -4.30 -9.71
C GLU D 391 37.86 -5.19 -8.55
N TRP D 392 37.70 -6.48 -8.83
CA TRP D 392 37.17 -7.43 -7.87
C TRP D 392 38.29 -7.95 -6.95
N LYS D 393 38.01 -8.01 -5.66
CA LYS D 393 38.94 -8.58 -4.68
C LYS D 393 38.13 -9.39 -3.68
N ALA D 394 38.44 -10.68 -3.57
CA ALA D 394 37.74 -11.52 -2.60
C ALA D 394 38.24 -11.22 -1.19
N ASN D 395 37.36 -11.41 -0.22
CA ASN D 395 37.70 -11.20 1.19
C ASN D 395 38.72 -12.24 1.65
#